data_1QC7
# 
_entry.id   1QC7 
# 
_audit_conform.dict_name       mmcif_pdbx.dic 
_audit_conform.dict_version    5.386 
_audit_conform.dict_location   http://mmcif.pdb.org/dictionaries/ascii/mmcif_pdbx.dic 
# 
loop_
_database_2.database_id 
_database_2.database_code 
_database_2.pdbx_database_accession 
_database_2.pdbx_DOI 
PDB   1QC7         pdb_00001qc7 10.2210/pdb1qc7/pdb 
RCSB  RCSB009098   ?            ?                   
WWPDB D_1000009098 ?            ?                   
# 
loop_
_pdbx_audit_revision_history.ordinal 
_pdbx_audit_revision_history.data_content_type 
_pdbx_audit_revision_history.major_revision 
_pdbx_audit_revision_history.minor_revision 
_pdbx_audit_revision_history.revision_date 
1 'Structure model' 1 0 1999-08-13 
2 'Structure model' 1 1 2008-04-27 
3 'Structure model' 1 2 2011-07-13 
4 'Structure model' 1 3 2024-02-14 
# 
_pdbx_audit_revision_details.ordinal             1 
_pdbx_audit_revision_details.revision_ordinal    1 
_pdbx_audit_revision_details.data_content_type   'Structure model' 
_pdbx_audit_revision_details.provider            repository 
_pdbx_audit_revision_details.type                'Initial release' 
_pdbx_audit_revision_details.description         ? 
_pdbx_audit_revision_details.details             ? 
# 
loop_
_pdbx_audit_revision_group.ordinal 
_pdbx_audit_revision_group.revision_ordinal 
_pdbx_audit_revision_group.data_content_type 
_pdbx_audit_revision_group.group 
1 2 'Structure model' 'Version format compliance' 
2 3 'Structure model' 'Version format compliance' 
3 4 'Structure model' 'Data collection'           
4 4 'Structure model' 'Database references'       
# 
loop_
_pdbx_audit_revision_category.ordinal 
_pdbx_audit_revision_category.revision_ordinal 
_pdbx_audit_revision_category.data_content_type 
_pdbx_audit_revision_category.category 
1 4 'Structure model' chem_comp_atom 
2 4 'Structure model' chem_comp_bond 
3 4 'Structure model' database_2     
# 
loop_
_pdbx_audit_revision_item.ordinal 
_pdbx_audit_revision_item.revision_ordinal 
_pdbx_audit_revision_item.data_content_type 
_pdbx_audit_revision_item.item 
1 4 'Structure model' '_database_2.pdbx_DOI'                
2 4 'Structure model' '_database_2.pdbx_database_accession' 
# 
_pdbx_database_status.status_code                     REL 
_pdbx_database_status.entry_id                        1QC7 
_pdbx_database_status.recvd_initial_deposition_date   1999-05-18 
_pdbx_database_status.deposit_site                    RCSB 
_pdbx_database_status.process_site                    RCSB 
_pdbx_database_status.status_code_sf                  REL 
_pdbx_database_status.SG_entry                        . 
_pdbx_database_status.pdb_format_compatible           Y 
_pdbx_database_status.status_code_mr                  ? 
_pdbx_database_status.status_code_cs                  ? 
_pdbx_database_status.status_code_nmr_data            ? 
_pdbx_database_status.methods_development_category    ? 
# 
loop_
_audit_author.name 
_audit_author.pdbx_ordinal 
'Lloyd, S.A.'  1 
'Whitby, F.G.' 2 
'Blair, D.'    3 
'Hill, C.P.'   4 
# 
_citation.id                        primary 
_citation.title                     
'Structure of the C-terminal domain of FliG, a component of the rotor in the bacterial flagellar motor' 
_citation.journal_abbrev            Nature 
_citation.journal_volume            400 
_citation.page_first                472 
_citation.page_last                 475 
_citation.year                      1999 
_citation.journal_id_ASTM           NATUAS 
_citation.country                   UK 
_citation.journal_id_ISSN           0028-0836 
_citation.journal_id_CSD            0006 
_citation.book_publisher            ? 
_citation.pdbx_database_id_PubMed   10440379 
_citation.pdbx_database_id_DOI      10.1038/23376 
# 
loop_
_citation_author.citation_id 
_citation_author.name 
_citation_author.ordinal 
_citation_author.identifier_ORCID 
primary 'Lloyd, S.A.'  1 ? 
primary 'Whitby, F.G.' 2 ? 
primary 'Blair, D.F.'  3 ? 
primary 'Hill, C.P.'   4 ? 
# 
loop_
_entity.id 
_entity.type 
_entity.src_method 
_entity.pdbx_description 
_entity.formula_weight 
_entity.pdbx_number_of_molecules 
_entity.pdbx_ec 
_entity.pdbx_mutation 
_entity.pdbx_fragment 
_entity.details 
1 polymer man 'PROTEIN (FLIG)' 11531.468 2  ? ? FLIG-C ? 
2 water   nat water            18.015    82 ? ? ?      ? 
# 
_entity_poly.entity_id                      1 
_entity_poly.type                           'polypeptide(L)' 
_entity_poly.nstd_linkage                   no 
_entity_poly.nstd_monomer                   no 
_entity_poly.pdbx_seq_one_letter_code       
;MFVFEDILKLDDRSIQLVLREVDTRDLALALKGASDELKEKIFKNMSKRAAALLKDELEYMGPVRLKDVEEAQQKIINII
RRLEEAGEIVIARGGGEELIM
;
_entity_poly.pdbx_seq_one_letter_code_can   
;MFVFEDILKLDDRSIQLVLREVDTRDLALALKGASDELKEKIFKNMSKRAAALLKDELEYMGPVRLKDVEEAQQKIINII
RRLEEAGEIVIARGGGEELIM
;
_entity_poly.pdbx_strand_id                 A,B 
_entity_poly.pdbx_target_identifier         ? 
# 
_pdbx_entity_nonpoly.entity_id   2 
_pdbx_entity_nonpoly.name        water 
_pdbx_entity_nonpoly.comp_id     HOH 
# 
loop_
_entity_poly_seq.entity_id 
_entity_poly_seq.num 
_entity_poly_seq.mon_id 
_entity_poly_seq.hetero 
1 1   MET n 
1 2   PHE n 
1 3   VAL n 
1 4   PHE n 
1 5   GLU n 
1 6   ASP n 
1 7   ILE n 
1 8   LEU n 
1 9   LYS n 
1 10  LEU n 
1 11  ASP n 
1 12  ASP n 
1 13  ARG n 
1 14  SER n 
1 15  ILE n 
1 16  GLN n 
1 17  LEU n 
1 18  VAL n 
1 19  LEU n 
1 20  ARG n 
1 21  GLU n 
1 22  VAL n 
1 23  ASP n 
1 24  THR n 
1 25  ARG n 
1 26  ASP n 
1 27  LEU n 
1 28  ALA n 
1 29  LEU n 
1 30  ALA n 
1 31  LEU n 
1 32  LYS n 
1 33  GLY n 
1 34  ALA n 
1 35  SER n 
1 36  ASP n 
1 37  GLU n 
1 38  LEU n 
1 39  LYS n 
1 40  GLU n 
1 41  LYS n 
1 42  ILE n 
1 43  PHE n 
1 44  LYS n 
1 45  ASN n 
1 46  MET n 
1 47  SER n 
1 48  LYS n 
1 49  ARG n 
1 50  ALA n 
1 51  ALA n 
1 52  ALA n 
1 53  LEU n 
1 54  LEU n 
1 55  LYS n 
1 56  ASP n 
1 57  GLU n 
1 58  LEU n 
1 59  GLU n 
1 60  TYR n 
1 61  MET n 
1 62  GLY n 
1 63  PRO n 
1 64  VAL n 
1 65  ARG n 
1 66  LEU n 
1 67  LYS n 
1 68  ASP n 
1 69  VAL n 
1 70  GLU n 
1 71  GLU n 
1 72  ALA n 
1 73  GLN n 
1 74  GLN n 
1 75  LYS n 
1 76  ILE n 
1 77  ILE n 
1 78  ASN n 
1 79  ILE n 
1 80  ILE n 
1 81  ARG n 
1 82  ARG n 
1 83  LEU n 
1 84  GLU n 
1 85  GLU n 
1 86  ALA n 
1 87  GLY n 
1 88  GLU n 
1 89  ILE n 
1 90  VAL n 
1 91  ILE n 
1 92  ALA n 
1 93  ARG n 
1 94  GLY n 
1 95  GLY n 
1 96  GLY n 
1 97  GLU n 
1 98  GLU n 
1 99  LEU n 
1 100 ILE n 
1 101 MET n 
# 
_entity_src_gen.entity_id                          1 
_entity_src_gen.pdbx_src_id                        1 
_entity_src_gen.pdbx_alt_source_flag               sample 
_entity_src_gen.pdbx_seq_type                      ? 
_entity_src_gen.pdbx_beg_seq_num                   ? 
_entity_src_gen.pdbx_end_seq_num                   ? 
_entity_src_gen.gene_src_common_name               ? 
_entity_src_gen.gene_src_genus                     Thermotoga 
_entity_src_gen.pdbx_gene_src_gene                 FLIG 
_entity_src_gen.gene_src_species                   ? 
_entity_src_gen.gene_src_strain                    ? 
_entity_src_gen.gene_src_tissue                    ? 
_entity_src_gen.gene_src_tissue_fraction           ? 
_entity_src_gen.gene_src_details                   ? 
_entity_src_gen.pdbx_gene_src_fragment             ? 
_entity_src_gen.pdbx_gene_src_scientific_name      'Thermotoga maritima' 
_entity_src_gen.pdbx_gene_src_ncbi_taxonomy_id     2336 
_entity_src_gen.pdbx_gene_src_variant              ? 
_entity_src_gen.pdbx_gene_src_cell_line            ? 
_entity_src_gen.pdbx_gene_src_atcc                 ? 
_entity_src_gen.pdbx_gene_src_organ                ? 
_entity_src_gen.pdbx_gene_src_organelle            FLAGELLUM 
_entity_src_gen.pdbx_gene_src_cell                 ? 
_entity_src_gen.pdbx_gene_src_cellular_location    MEMBRANE-ASSOCIATED 
_entity_src_gen.host_org_common_name               ? 
_entity_src_gen.pdbx_host_org_scientific_name      'Escherichia coli' 
_entity_src_gen.pdbx_host_org_ncbi_taxonomy_id     562 
_entity_src_gen.host_org_genus                     Escherichia 
_entity_src_gen.pdbx_host_org_gene                 ? 
_entity_src_gen.pdbx_host_org_organ                ? 
_entity_src_gen.host_org_species                   ? 
_entity_src_gen.pdbx_host_org_tissue               ? 
_entity_src_gen.pdbx_host_org_tissue_fraction      ? 
_entity_src_gen.pdbx_host_org_strain               ? 
_entity_src_gen.pdbx_host_org_variant              ? 
_entity_src_gen.pdbx_host_org_cell_line            ? 
_entity_src_gen.pdbx_host_org_atcc                 ? 
_entity_src_gen.pdbx_host_org_culture_collection   ? 
_entity_src_gen.pdbx_host_org_cell                 BL21 
_entity_src_gen.pdbx_host_org_organelle            ? 
_entity_src_gen.pdbx_host_org_cellular_location    ? 
_entity_src_gen.pdbx_host_org_vector_type          ? 
_entity_src_gen.pdbx_host_org_vector               ? 
_entity_src_gen.host_org_details                   ? 
_entity_src_gen.expression_system_id               ? 
_entity_src_gen.plasmid_name                       ? 
_entity_src_gen.plasmid_details                    ? 
_entity_src_gen.pdbx_description                   ? 
# 
loop_
_chem_comp.id 
_chem_comp.type 
_chem_comp.mon_nstd_flag 
_chem_comp.name 
_chem_comp.pdbx_synonyms 
_chem_comp.formula 
_chem_comp.formula_weight 
ALA 'L-peptide linking' y ALANINE         ? 'C3 H7 N O2'     89.093  
ARG 'L-peptide linking' y ARGININE        ? 'C6 H15 N4 O2 1' 175.209 
ASN 'L-peptide linking' y ASPARAGINE      ? 'C4 H8 N2 O3'    132.118 
ASP 'L-peptide linking' y 'ASPARTIC ACID' ? 'C4 H7 N O4'     133.103 
GLN 'L-peptide linking' y GLUTAMINE       ? 'C5 H10 N2 O3'   146.144 
GLU 'L-peptide linking' y 'GLUTAMIC ACID' ? 'C5 H9 N O4'     147.129 
GLY 'peptide linking'   y GLYCINE         ? 'C2 H5 N O2'     75.067  
HOH non-polymer         . WATER           ? 'H2 O'           18.015  
ILE 'L-peptide linking' y ISOLEUCINE      ? 'C6 H13 N O2'    131.173 
LEU 'L-peptide linking' y LEUCINE         ? 'C6 H13 N O2'    131.173 
LYS 'L-peptide linking' y LYSINE          ? 'C6 H15 N2 O2 1' 147.195 
MET 'L-peptide linking' y METHIONINE      ? 'C5 H11 N O2 S'  149.211 
PHE 'L-peptide linking' y PHENYLALANINE   ? 'C9 H11 N O2'    165.189 
PRO 'L-peptide linking' y PROLINE         ? 'C5 H9 N O2'     115.130 
SER 'L-peptide linking' y SERINE          ? 'C3 H7 N O3'     105.093 
THR 'L-peptide linking' y THREONINE       ? 'C4 H9 N O3'     119.119 
TYR 'L-peptide linking' y TYROSINE        ? 'C9 H11 N O3'    181.189 
VAL 'L-peptide linking' y VALINE          ? 'C5 H11 N O2'    117.146 
# 
loop_
_pdbx_poly_seq_scheme.asym_id 
_pdbx_poly_seq_scheme.entity_id 
_pdbx_poly_seq_scheme.seq_id 
_pdbx_poly_seq_scheme.mon_id 
_pdbx_poly_seq_scheme.ndb_seq_num 
_pdbx_poly_seq_scheme.pdb_seq_num 
_pdbx_poly_seq_scheme.auth_seq_num 
_pdbx_poly_seq_scheme.pdb_mon_id 
_pdbx_poly_seq_scheme.auth_mon_id 
_pdbx_poly_seq_scheme.pdb_strand_id 
_pdbx_poly_seq_scheme.pdb_ins_code 
_pdbx_poly_seq_scheme.hetero 
A 1 1   MET 1   235 235  MET MET A . n 
A 1 2   PHE 2   236 236  PHE PHE A . n 
A 1 3   VAL 3   237 237  VAL VAL A . n 
A 1 4   PHE 4   238 238  PHE PHE A . n 
A 1 5   GLU 5   239 239  GLU GLU A . n 
A 1 6   ASP 6   240 240  ASP ASP A . n 
A 1 7   ILE 7   241 241  ILE ILE A . n 
A 1 8   LEU 8   242 242  LEU LEU A . n 
A 1 9   LYS 9   243 243  LYS LYS A . n 
A 1 10  LEU 10  244 244  LEU LEU A . n 
A 1 11  ASP 11  245 245  ASP ASP A . n 
A 1 12  ASP 12  246 246  ASP ASP A . n 
A 1 13  ARG 13  247 247  ARG ARG A . n 
A 1 14  SER 14  248 248  SER SER A . n 
A 1 15  ILE 15  249 249  ILE ILE A . n 
A 1 16  GLN 16  250 250  GLN GLN A . n 
A 1 17  LEU 17  251 251  LEU LEU A . n 
A 1 18  VAL 18  252 252  VAL VAL A . n 
A 1 19  LEU 19  253 253  LEU LEU A . n 
A 1 20  ARG 20  254 254  ARG ARG A . n 
A 1 21  GLU 21  255 255  GLU GLU A . n 
A 1 22  VAL 22  256 256  VAL VAL A . n 
A 1 23  ASP 23  257 257  ASP ASP A . n 
A 1 24  THR 24  258 258  THR THR A . n 
A 1 25  ARG 25  259 259  ARG ARG A . n 
A 1 26  ASP 26  260 260  ASP ASP A . n 
A 1 27  LEU 27  261 261  LEU LEU A . n 
A 1 28  ALA 28  262 262  ALA ALA A . n 
A 1 29  LEU 29  263 263  LEU LEU A . n 
A 1 30  ALA 30  264 264  ALA ALA A . n 
A 1 31  LEU 31  265 265  LEU LEU A . n 
A 1 32  LYS 32  266 266  LYS LYS A . n 
A 1 33  GLY 33  267 267  GLY GLY A . n 
A 1 34  ALA 34  268 268  ALA ALA A . n 
A 1 35  SER 35  269 269  SER SER A . n 
A 1 36  ASP 36  270 270  ASP ASP A . n 
A 1 37  GLU 37  271 271  GLU GLU A . n 
A 1 38  LEU 38  272 272  LEU LEU A . n 
A 1 39  LYS 39  273 273  LYS LYS A . n 
A 1 40  GLU 40  274 274  GLU GLU A . n 
A 1 41  LYS 41  275 275  LYS LYS A . n 
A 1 42  ILE 42  276 276  ILE ILE A . n 
A 1 43  PHE 43  277 277  PHE PHE A . n 
A 1 44  LYS 44  278 278  LYS LYS A . n 
A 1 45  ASN 45  279 279  ASN ASN A . n 
A 1 46  MET 46  280 280  MET MET A . n 
A 1 47  SER 47  281 281  SER SER A . n 
A 1 48  LYS 48  282 282  LYS LYS A . n 
A 1 49  ARG 49  283 283  ARG ARG A . n 
A 1 50  ALA 50  284 284  ALA ALA A . n 
A 1 51  ALA 51  285 285  ALA ALA A . n 
A 1 52  ALA 52  286 286  ALA ALA A . n 
A 1 53  LEU 53  287 287  LEU LEU A . n 
A 1 54  LEU 54  288 288  LEU LEU A . n 
A 1 55  LYS 55  289 289  LYS LYS A . n 
A 1 56  ASP 56  290 290  ASP ASP A . n 
A 1 57  GLU 57  291 291  GLU GLU A . n 
A 1 58  LEU 58  292 292  LEU LEU A . n 
A 1 59  GLU 59  293 293  GLU GLU A . n 
A 1 60  TYR 60  294 294  TYR TYR A . n 
A 1 61  MET 61  295 295  MET MET A . n 
A 1 62  GLY 62  296 296  GLY GLY A . n 
A 1 63  PRO 63  297 297  PRO PRO A . n 
A 1 64  VAL 64  298 298  VAL VAL A . n 
A 1 65  ARG 65  299 299  ARG ARG A . n 
A 1 66  LEU 66  300 300  LEU LEU A . n 
A 1 67  LYS 67  301 301  LYS LYS A . n 
A 1 68  ASP 68  302 302  ASP ASP A . n 
A 1 69  VAL 69  303 303  VAL VAL A . n 
A 1 70  GLU 70  304 304  GLU GLU A . n 
A 1 71  GLU 71  305 305  GLU GLU A . n 
A 1 72  ALA 72  306 306  ALA ALA A . n 
A 1 73  GLN 73  307 307  GLN GLN A . n 
A 1 74  GLN 74  308 308  GLN GLN A . n 
A 1 75  LYS 75  309 309  LYS LYS A . n 
A 1 76  ILE 76  310 310  ILE ILE A . n 
A 1 77  ILE 77  311 311  ILE ILE A . n 
A 1 78  ASN 78  312 312  ASN ASN A . n 
A 1 79  ILE 79  313 313  ILE ILE A . n 
A 1 80  ILE 80  314 314  ILE ILE A . n 
A 1 81  ARG 81  315 315  ARG ARG A . n 
A 1 82  ARG 82  316 316  ARG ARG A . n 
A 1 83  LEU 83  317 317  LEU LEU A . n 
A 1 84  GLU 84  318 318  GLU GLU A . n 
A 1 85  GLU 85  319 319  GLU GLU A . n 
A 1 86  ALA 86  320 320  ALA ALA A . n 
A 1 87  GLY 87  321 321  GLY GLY A . n 
A 1 88  GLU 88  322 322  GLU GLU A . n 
A 1 89  ILE 89  323 323  ILE ILE A . n 
A 1 90  VAL 90  324 324  VAL VAL A . n 
A 1 91  ILE 91  325 325  ILE ILE A . n 
A 1 92  ALA 92  326 326  ALA ALA A . n 
A 1 93  ARG 93  327 327  ARG ARG A . n 
A 1 94  GLY 94  328 328  GLY GLY A . n 
A 1 95  GLY 95  329 329  GLY GLY A . n 
A 1 96  GLY 96  330 330  GLY GLY A . n 
A 1 97  GLU 97  331 331  GLU GLU A . n 
A 1 98  GLU 98  332 332  GLU GLU A . n 
A 1 99  LEU 99  333 333  LEU LEU A . n 
A 1 100 ILE 100 334 334  ILE ILE A . n 
A 1 101 MET 101 335 335  MET MET A . n 
B 1 1   MET 1   235 1235 MET MET B . n 
B 1 2   PHE 2   236 1236 PHE PHE B . n 
B 1 3   VAL 3   237 1237 VAL VAL B . n 
B 1 4   PHE 4   238 1238 PHE PHE B . n 
B 1 5   GLU 5   239 1239 GLU GLU B . n 
B 1 6   ASP 6   240 1240 ASP ASP B . n 
B 1 7   ILE 7   241 1241 ILE ILE B . n 
B 1 8   LEU 8   242 1242 LEU LEU B . n 
B 1 9   LYS 9   243 1243 LYS LYS B . n 
B 1 10  LEU 10  244 1244 LEU LEU B . n 
B 1 11  ASP 11  245 1245 ASP ASP B . n 
B 1 12  ASP 12  246 1246 ASP ASP B . n 
B 1 13  ARG 13  247 1247 ARG ARG B . n 
B 1 14  SER 14  248 1248 SER SER B . n 
B 1 15  ILE 15  249 1249 ILE ILE B . n 
B 1 16  GLN 16  250 1250 GLN GLN B . n 
B 1 17  LEU 17  251 1251 LEU LEU B . n 
B 1 18  VAL 18  252 1252 VAL VAL B . n 
B 1 19  LEU 19  253 1253 LEU LEU B . n 
B 1 20  ARG 20  254 1254 ARG ARG B . n 
B 1 21  GLU 21  255 1255 GLU GLU B . n 
B 1 22  VAL 22  256 1256 VAL VAL B . n 
B 1 23  ASP 23  257 1257 ASP ASP B . n 
B 1 24  THR 24  258 1258 THR THR B . n 
B 1 25  ARG 25  259 1259 ARG ARG B . n 
B 1 26  ASP 26  260 1260 ASP ASP B . n 
B 1 27  LEU 27  261 1261 LEU LEU B . n 
B 1 28  ALA 28  262 1262 ALA ALA B . n 
B 1 29  LEU 29  263 1263 LEU LEU B . n 
B 1 30  ALA 30  264 1264 ALA ALA B . n 
B 1 31  LEU 31  265 1265 LEU LEU B . n 
B 1 32  LYS 32  266 1266 LYS LYS B . n 
B 1 33  GLY 33  267 1267 GLY GLY B . n 
B 1 34  ALA 34  268 1268 ALA ALA B . n 
B 1 35  SER 35  269 1269 SER SER B . n 
B 1 36  ASP 36  270 1270 ASP ASP B . n 
B 1 37  GLU 37  271 1271 GLU GLU B . n 
B 1 38  LEU 38  272 1272 LEU LEU B . n 
B 1 39  LYS 39  273 1273 LYS LYS B . n 
B 1 40  GLU 40  274 1274 GLU GLU B . n 
B 1 41  LYS 41  275 1275 LYS LYS B . n 
B 1 42  ILE 42  276 1276 ILE ILE B . n 
B 1 43  PHE 43  277 1277 PHE PHE B . n 
B 1 44  LYS 44  278 1278 LYS LYS B . n 
B 1 45  ASN 45  279 1279 ASN ASN B . n 
B 1 46  MET 46  280 1280 MET MET B . n 
B 1 47  SER 47  281 1281 SER SER B . n 
B 1 48  LYS 48  282 1282 LYS LYS B . n 
B 1 49  ARG 49  283 1283 ARG ARG B . n 
B 1 50  ALA 50  284 1284 ALA ALA B . n 
B 1 51  ALA 51  285 1285 ALA ALA B . n 
B 1 52  ALA 52  286 1286 ALA ALA B . n 
B 1 53  LEU 53  287 1287 LEU LEU B . n 
B 1 54  LEU 54  288 1288 LEU LEU B . n 
B 1 55  LYS 55  289 1289 LYS LYS B . n 
B 1 56  ASP 56  290 1290 ASP ASP B . n 
B 1 57  GLU 57  291 1291 GLU GLU B . n 
B 1 58  LEU 58  292 1292 LEU LEU B . n 
B 1 59  GLU 59  293 1293 GLU GLU B . n 
B 1 60  TYR 60  294 1294 TYR TYR B . n 
B 1 61  MET 61  295 1295 MET MET B . n 
B 1 62  GLY 62  296 1296 GLY GLY B . n 
B 1 63  PRO 63  297 1297 PRO PRO B . n 
B 1 64  VAL 64  298 1298 VAL VAL B . n 
B 1 65  ARG 65  299 1299 ARG ARG B . n 
B 1 66  LEU 66  300 1300 LEU LEU B . n 
B 1 67  LYS 67  301 1301 LYS LYS B . n 
B 1 68  ASP 68  302 1302 ASP ASP B . n 
B 1 69  VAL 69  303 1303 VAL VAL B . n 
B 1 70  GLU 70  304 1304 GLU GLU B . n 
B 1 71  GLU 71  305 1305 GLU GLU B . n 
B 1 72  ALA 72  306 1306 ALA ALA B . n 
B 1 73  GLN 73  307 1307 GLN GLN B . n 
B 1 74  GLN 74  308 1308 GLN GLN B . n 
B 1 75  LYS 75  309 1309 LYS LYS B . n 
B 1 76  ILE 76  310 1310 ILE ILE B . n 
B 1 77  ILE 77  311 1311 ILE ILE B . n 
B 1 78  ASN 78  312 1312 ASN ASN B . n 
B 1 79  ILE 79  313 1313 ILE ILE B . n 
B 1 80  ILE 80  314 1314 ILE ILE B . n 
B 1 81  ARG 81  315 1315 ARG ARG B . n 
B 1 82  ARG 82  316 1316 ARG ARG B . n 
B 1 83  LEU 83  317 1317 LEU LEU B . n 
B 1 84  GLU 84  318 1318 GLU GLU B . n 
B 1 85  GLU 85  319 1319 GLU GLU B . n 
B 1 86  ALA 86  320 1320 ALA ALA B . n 
B 1 87  GLY 87  321 1321 GLY GLY B . n 
B 1 88  GLU 88  322 1322 GLU GLU B . n 
B 1 89  ILE 89  323 1323 ILE ILE B . n 
B 1 90  VAL 90  324 1323 VAL ILE B . n 
B 1 91  ILE 91  325 ?    ?   ?   B . n 
B 1 92  ALA 92  326 ?    ?   ?   B . n 
B 1 93  ARG 93  327 ?    ?   ?   B . n 
B 1 94  GLY 94  328 ?    ?   ?   B . n 
B 1 95  GLY 95  329 ?    ?   ?   B . n 
B 1 96  GLY 96  330 ?    ?   ?   B . n 
B 1 97  GLU 97  331 ?    ?   ?   B . n 
B 1 98  GLU 98  332 ?    ?   ?   B . n 
B 1 99  LEU 99  333 ?    ?   ?   B . n 
B 1 100 ILE 100 334 ?    ?   ?   B . n 
B 1 101 MET 101 335 ?    ?   ?   B . n 
# 
loop_
_pdbx_nonpoly_scheme.asym_id 
_pdbx_nonpoly_scheme.entity_id 
_pdbx_nonpoly_scheme.mon_id 
_pdbx_nonpoly_scheme.ndb_seq_num 
_pdbx_nonpoly_scheme.pdb_seq_num 
_pdbx_nonpoly_scheme.auth_seq_num 
_pdbx_nonpoly_scheme.pdb_mon_id 
_pdbx_nonpoly_scheme.auth_mon_id 
_pdbx_nonpoly_scheme.pdb_strand_id 
_pdbx_nonpoly_scheme.pdb_ins_code 
C 2 HOH 1  1  4001 HOH WAT A . 
C 2 HOH 2  7  4007 HOH WAT A . 
C 2 HOH 3  11 4011 HOH WAT A . 
C 2 HOH 4  12 4012 HOH WAT A . 
C 2 HOH 5  13 4013 HOH WAT A . 
C 2 HOH 6  14 4014 HOH WAT A . 
C 2 HOH 7  15 4015 HOH WAT A . 
C 2 HOH 8  16 4016 HOH WAT A . 
C 2 HOH 9  17 4017 HOH WAT A . 
C 2 HOH 10 18 4018 HOH WAT A . 
C 2 HOH 11 19 4019 HOH WAT A . 
C 2 HOH 12 21 4021 HOH WAT A . 
C 2 HOH 13 22 4022 HOH WAT A . 
C 2 HOH 14 23 4023 HOH WAT A . 
C 2 HOH 15 24 4024 HOH WAT A . 
C 2 HOH 16 25 4025 HOH WAT A . 
C 2 HOH 17 26 4026 HOH WAT A . 
C 2 HOH 18 30 4030 HOH WAT A . 
C 2 HOH 19 31 4031 HOH WAT A . 
C 2 HOH 20 32 4032 HOH WAT A . 
C 2 HOH 21 36 4036 HOH WAT A . 
C 2 HOH 22 39 4039 HOH WAT A . 
C 2 HOH 23 40 4040 HOH WAT A . 
C 2 HOH 24 42 4042 HOH WAT A . 
C 2 HOH 25 47 4047 HOH WAT A . 
C 2 HOH 26 48 4048 HOH WAT A . 
C 2 HOH 27 49 4049 HOH WAT A . 
C 2 HOH 28 50 4050 HOH WAT A . 
C 2 HOH 29 51 4051 HOH WAT A . 
C 2 HOH 30 52 4052 HOH WAT A . 
C 2 HOH 31 53 4053 HOH WAT A . 
C 2 HOH 32 55 4055 HOH WAT A . 
C 2 HOH 33 57 4057 HOH WAT A . 
C 2 HOH 34 58 4058 HOH WAT A . 
C 2 HOH 35 59 4059 HOH WAT A . 
C 2 HOH 36 60 4060 HOH WAT A . 
C 2 HOH 37 61 4061 HOH WAT A . 
C 2 HOH 38 62 4062 HOH WAT A . 
C 2 HOH 39 63 4063 HOH WAT A . 
C 2 HOH 40 64 4064 HOH WAT A . 
C 2 HOH 41 65 4065 HOH WAT A . 
C 2 HOH 42 66 4066 HOH WAT A . 
C 2 HOH 43 67 4067 HOH WAT A . 
C 2 HOH 44 68 4068 HOH WAT A . 
C 2 HOH 45 69 4069 HOH WAT A . 
C 2 HOH 46 70 4070 HOH WAT A . 
C 2 HOH 47 73 4073 HOH WAT A . 
C 2 HOH 48 74 4074 HOH WAT A . 
C 2 HOH 49 78 4078 HOH WAT A . 
C 2 HOH 50 79 4079 HOH WAT A . 
C 2 HOH 51 80 4080 HOH WAT A . 
C 2 HOH 52 81 4081 HOH WAT A . 
C 2 HOH 53 82 4082 HOH WAT A . 
D 2 HOH 1  2  4002 HOH WAT B . 
D 2 HOH 2  3  4003 HOH WAT B . 
D 2 HOH 3  4  4004 HOH WAT B . 
D 2 HOH 4  5  4005 HOH WAT B . 
D 2 HOH 5  6  4006 HOH WAT B . 
D 2 HOH 6  8  4008 HOH WAT B . 
D 2 HOH 7  9  4009 HOH WAT B . 
D 2 HOH 8  10 4010 HOH WAT B . 
D 2 HOH 9  20 4020 HOH WAT B . 
D 2 HOH 10 27 4027 HOH WAT B . 
D 2 HOH 11 28 4028 HOH WAT B . 
D 2 HOH 12 29 4029 HOH WAT B . 
D 2 HOH 13 33 4033 HOH WAT B . 
D 2 HOH 14 34 4034 HOH WAT B . 
D 2 HOH 15 35 4035 HOH WAT B . 
D 2 HOH 16 37 4037 HOH WAT B . 
D 2 HOH 17 38 4038 HOH WAT B . 
D 2 HOH 18 41 4041 HOH WAT B . 
D 2 HOH 19 43 4043 HOH WAT B . 
D 2 HOH 20 44 4044 HOH WAT B . 
D 2 HOH 21 45 4045 HOH WAT B . 
D 2 HOH 22 46 4046 HOH WAT B . 
D 2 HOH 23 54 4054 HOH WAT B . 
D 2 HOH 24 56 4056 HOH WAT B . 
D 2 HOH 25 71 4071 HOH WAT B . 
D 2 HOH 26 72 4072 HOH WAT B . 
D 2 HOH 27 75 4075 HOH WAT B . 
D 2 HOH 28 76 4076 HOH WAT B . 
D 2 HOH 29 77 4077 HOH WAT B . 
# 
loop_
_pdbx_unobs_or_zero_occ_atoms.id 
_pdbx_unobs_or_zero_occ_atoms.PDB_model_num 
_pdbx_unobs_or_zero_occ_atoms.polymer_flag 
_pdbx_unobs_or_zero_occ_atoms.occupancy_flag 
_pdbx_unobs_or_zero_occ_atoms.auth_asym_id 
_pdbx_unobs_or_zero_occ_atoms.auth_comp_id 
_pdbx_unobs_or_zero_occ_atoms.auth_seq_id 
_pdbx_unobs_or_zero_occ_atoms.PDB_ins_code 
_pdbx_unobs_or_zero_occ_atoms.auth_atom_id 
_pdbx_unobs_or_zero_occ_atoms.label_alt_id 
_pdbx_unobs_or_zero_occ_atoms.label_asym_id 
_pdbx_unobs_or_zero_occ_atoms.label_comp_id 
_pdbx_unobs_or_zero_occ_atoms.label_seq_id 
_pdbx_unobs_or_zero_occ_atoms.label_atom_id 
1  1 Y 1 B GLU 322 ? CG  ? B GLU 88 CG  
2  1 Y 1 B GLU 322 ? CD  ? B GLU 88 CD  
3  1 Y 1 B GLU 322 ? OE1 ? B GLU 88 OE1 
4  1 Y 1 B GLU 322 ? OE2 ? B GLU 88 OE2 
5  1 Y 1 B VAL 324 ? CA  ? B VAL 90 CA  
6  1 Y 1 B VAL 324 ? C   ? B VAL 90 C   
7  1 Y 1 B VAL 324 ? O   ? B VAL 90 O   
8  1 Y 1 B VAL 324 ? CB  ? B VAL 90 CB  
9  1 Y 1 B VAL 324 ? CG1 ? B VAL 90 CG1 
10 1 Y 1 B VAL 324 ? CG2 ? B VAL 90 CG2 
# 
loop_
_software.name 
_software.classification 
_software.version 
_software.citation_id 
_software.pdbx_ordinal 
SDMS     'data collection' .     ? 1 
SDMS     'data reduction'  .     ? 2 
XTALVIEW refinement        .     ? 3 
X-PLOR   refinement        3.851 ? 4 
SDMS     'data scaling'    .     ? 5 
# 
_cell.entry_id           1QC7 
_cell.length_a           50.68 
_cell.length_b           62.44 
_cell.length_c           88.55 
_cell.angle_alpha        90 
_cell.angle_beta         90 
_cell.angle_gamma        90 
_cell.Z_PDB              8 
_cell.pdbx_unique_axis   ? 
# 
_symmetry.entry_id                         1QC7 
_symmetry.space_group_name_H-M             'P 21 21 21' 
_symmetry.pdbx_full_space_group_name_H-M   ? 
_symmetry.cell_setting                     ? 
_symmetry.Int_Tables_number                19 
# 
_exptl.entry_id          1QC7 
_exptl.method            'X-RAY DIFFRACTION' 
_exptl.crystals_number   1 
# 
_exptl_crystal.id                    1 
_exptl_crystal.density_meas          ? 
_exptl_crystal.density_Matthews      3.04 
_exptl_crystal.density_percent_sol   59.50 
_exptl_crystal.description           ? 
# 
_exptl_crystal_grow.crystal_id      1 
_exptl_crystal_grow.method          ? 
_exptl_crystal_grow.temp            286 
_exptl_crystal_grow.temp_details    ? 
_exptl_crystal_grow.pH              5.2 
_exptl_crystal_grow.pdbx_details    'ISOPROPANOL, pH 5.2, temperature 286K' 
_exptl_crystal_grow.pdbx_pH_range   . 
# 
_diffrn.id                     1 
_diffrn.ambient_temp           100 
_diffrn.ambient_temp_details   ? 
_diffrn.crystal_id             1 
# 
_diffrn_detector.diffrn_id              1 
_diffrn_detector.detector               'AREA DETECTOR' 
_diffrn_detector.type                   SDMS 
_diffrn_detector.pdbx_collection_date   1998-04-01 
_diffrn_detector.details                ? 
# 
_diffrn_radiation.diffrn_id                        1 
_diffrn_radiation.wavelength_id                    1 
_diffrn_radiation.pdbx_monochromatic_or_laue_m_l   M 
_diffrn_radiation.monochromator                    ? 
_diffrn_radiation.pdbx_diffrn_protocol             'SINGLE WAVELENGTH' 
_diffrn_radiation.pdbx_scattering_type             x-ray 
# 
_diffrn_radiation_wavelength.id           1 
_diffrn_radiation_wavelength.wavelength   1.0688 
_diffrn_radiation_wavelength.wt           1.0 
# 
_diffrn_source.diffrn_id                   1 
_diffrn_source.source                      SYNCHROTRON 
_diffrn_source.type                        'SSRL BEAMLINE BL1-5' 
_diffrn_source.pdbx_synchrotron_site       SSRL 
_diffrn_source.pdbx_synchrotron_beamline   BL1-5 
_diffrn_source.pdbx_wavelength             1.0688 
_diffrn_source.pdbx_wavelength_list        ? 
# 
_reflns.entry_id                     1QC7 
_reflns.observed_criterion_sigma_I   1 
_reflns.observed_criterion_sigma_F   1 
_reflns.d_resolution_low             100.0 
_reflns.d_resolution_high            2.20 
_reflns.number_obs                   14359 
_reflns.number_all                   14383 
_reflns.percent_possible_obs         99 
_reflns.pdbx_Rmerge_I_obs            0.101 
_reflns.pdbx_Rsym_value              ? 
_reflns.pdbx_netI_over_sigmaI        6 
_reflns.B_iso_Wilson_estimate        35.2 
_reflns.pdbx_redundancy              4 
_reflns.R_free_details               ? 
_reflns.limit_h_max                  ? 
_reflns.limit_h_min                  ? 
_reflns.limit_k_max                  ? 
_reflns.limit_k_min                  ? 
_reflns.limit_l_max                  ? 
_reflns.limit_l_min                  ? 
_reflns.observed_criterion_F_max     ? 
_reflns.observed_criterion_F_min     ? 
_reflns.pdbx_diffrn_id               1 
_reflns.pdbx_ordinal                 1 
# 
_reflns_shell.d_res_high             2.20 
_reflns_shell.d_res_low              2.3 
_reflns_shell.percent_possible_all   95.4 
_reflns_shell.Rmerge_I_obs           0.413 
_reflns_shell.pdbx_Rsym_value        ? 
_reflns_shell.meanI_over_sigI_obs    ? 
_reflns_shell.pdbx_redundancy        4 
_reflns_shell.percent_possible_obs   ? 
_reflns_shell.number_unique_all      ? 
_reflns_shell.pdbx_diffrn_id         ? 
_reflns_shell.pdbx_ordinal           1 
# 
_refine.entry_id                                 1QC7 
_refine.ls_number_reflns_obs                     14359 
_refine.ls_number_reflns_all                     14359 
_refine.pdbx_ls_sigma_I                          0.0 
_refine.pdbx_ls_sigma_F                          0.0 
_refine.pdbx_data_cutoff_high_absF               ? 
_refine.pdbx_data_cutoff_low_absF                ? 
_refine.pdbx_data_cutoff_high_rms_absF           ? 
_refine.ls_d_res_low                             100. 
_refine.ls_d_res_high                            2.2 
_refine.ls_percent_reflns_obs                    ? 
_refine.ls_R_factor_obs                          ? 
_refine.ls_R_factor_all                          0.235 
_refine.ls_R_factor_R_work                       0.235 
_refine.ls_R_factor_R_free                       0.304 
_refine.ls_R_factor_R_free_error                 ? 
_refine.ls_R_factor_R_free_error_details         ? 
_refine.ls_percent_reflns_R_free                 ? 
_refine.ls_number_reflns_R_free                  1148 
_refine.ls_number_parameters                     ? 
_refine.ls_number_restraints                     ? 
_refine.occupancy_min                            ? 
_refine.occupancy_max                            ? 
_refine.B_iso_mean                               ? 
_refine.aniso_B[1][1]                            ? 
_refine.aniso_B[2][2]                            ? 
_refine.aniso_B[3][3]                            ? 
_refine.aniso_B[1][2]                            ? 
_refine.aniso_B[1][3]                            ? 
_refine.aniso_B[2][3]                            ? 
_refine.solvent_model_details                    ? 
_refine.solvent_model_param_ksol                 ? 
_refine.solvent_model_param_bsol                 ? 
_refine.pdbx_ls_cross_valid_method               ? 
_refine.details                                  ? 
_refine.pdbx_starting_model                      ? 
_refine.pdbx_method_to_determine_struct          ? 
_refine.pdbx_isotropic_thermal_model             ? 
_refine.pdbx_stereochemistry_target_values       ? 
_refine.pdbx_stereochem_target_val_spec_case     ? 
_refine.pdbx_R_Free_selection_details            ? 
_refine.pdbx_overall_ESU_R                       ? 
_refine.pdbx_overall_ESU_R_Free                  ? 
_refine.overall_SU_ML                            ? 
_refine.overall_SU_B                             ? 
_refine.ls_redundancy_reflns_obs                 ? 
_refine.B_iso_min                                ? 
_refine.B_iso_max                                ? 
_refine.correlation_coeff_Fo_to_Fc               ? 
_refine.correlation_coeff_Fo_to_Fc_free          ? 
_refine.pdbx_solvent_vdw_probe_radii             ? 
_refine.pdbx_solvent_ion_probe_radii             ? 
_refine.pdbx_solvent_shrinkage_radii             ? 
_refine.overall_SU_R_Cruickshank_DPI             ? 
_refine.overall_SU_R_free                        ? 
_refine.pdbx_refine_id                           'X-RAY DIFFRACTION' 
_refine.pdbx_diffrn_id                           1 
_refine.pdbx_TLS_residual_ADP_flag               ? 
_refine.pdbx_overall_phase_error                 ? 
_refine.pdbx_overall_SU_R_free_Cruickshank_DPI   ? 
_refine.pdbx_overall_SU_R_Blow_DPI               ? 
_refine.pdbx_overall_SU_R_free_Blow_DPI          ? 
# 
_refine_hist.pdbx_refine_id                   'X-RAY DIFFRACTION' 
_refine_hist.cycle_id                         LAST 
_refine_hist.pdbx_number_atoms_protein        1523 
_refine_hist.pdbx_number_atoms_nucleic_acid   0 
_refine_hist.pdbx_number_atoms_ligand         0 
_refine_hist.number_atoms_solvent             82 
_refine_hist.number_atoms_total               1605 
_refine_hist.d_res_high                       2.2 
_refine_hist.d_res_low                        100. 
# 
loop_
_refine_ls_restr.type 
_refine_ls_restr.dev_ideal 
_refine_ls_restr.dev_ideal_target 
_refine_ls_restr.weight 
_refine_ls_restr.number 
_refine_ls_restr.pdbx_refine_id 
_refine_ls_restr.pdbx_restraint_function 
x_bond_d                0.016 ? ? ? 'X-RAY DIFFRACTION' ? 
x_bond_d_na             ?     ? ? ? 'X-RAY DIFFRACTION' ? 
x_bond_d_prot           ?     ? ? ? 'X-RAY DIFFRACTION' ? 
x_angle_d               1.653 ? ? ? 'X-RAY DIFFRACTION' ? 
x_angle_d_na            ?     ? ? ? 'X-RAY DIFFRACTION' ? 
x_angle_d_prot          ?     ? ? ? 'X-RAY DIFFRACTION' ? 
x_angle_deg             ?     ? ? ? 'X-RAY DIFFRACTION' ? 
x_angle_deg_na          ?     ? ? ? 'X-RAY DIFFRACTION' ? 
x_angle_deg_prot        ?     ? ? ? 'X-RAY DIFFRACTION' ? 
x_dihedral_angle_d      ?     ? ? ? 'X-RAY DIFFRACTION' ? 
x_dihedral_angle_d_na   ?     ? ? ? 'X-RAY DIFFRACTION' ? 
x_dihedral_angle_d_prot ?     ? ? ? 'X-RAY DIFFRACTION' ? 
x_improper_angle_d      ?     ? ? ? 'X-RAY DIFFRACTION' ? 
x_improper_angle_d_na   ?     ? ? ? 'X-RAY DIFFRACTION' ? 
x_improper_angle_d_prot ?     ? ? ? 'X-RAY DIFFRACTION' ? 
x_mcbond_it             ?     ? ? ? 'X-RAY DIFFRACTION' ? 
x_mcangle_it            ?     ? ? ? 'X-RAY DIFFRACTION' ? 
x_scbond_it             ?     ? ? ? 'X-RAY DIFFRACTION' ? 
x_scangle_it            ?     ? ? ? 'X-RAY DIFFRACTION' ? 
# 
_struct.entry_id                  1QC7 
_struct.title                     'T. MARITIMA FLIG C-TERMINAL DOMAIN' 
_struct.pdbx_model_details        ? 
_struct.pdbx_CASP_flag            ? 
_struct.pdbx_model_type_details   ? 
# 
_struct_keywords.entry_id        1QC7 
_struct_keywords.pdbx_keywords   'STRUCTURAL PROTEIN' 
_struct_keywords.text            'FLAGELLAR MOTOR SWITCH PROTEIN, STRUCTURAL PROTEIN' 
# 
loop_
_struct_asym.id 
_struct_asym.pdbx_blank_PDB_chainid_flag 
_struct_asym.pdbx_modified 
_struct_asym.entity_id 
_struct_asym.details 
A N N 1 ? 
B N N 1 ? 
C N N 2 ? 
D N N 2 ? 
# 
_struct_ref.id                         1 
_struct_ref.db_name                    UNP 
_struct_ref.db_code                    FLIG_THEMA 
_struct_ref.pdbx_db_accession          Q9WY63 
_struct_ref.entity_id                  1 
_struct_ref.pdbx_align_begin           235 
_struct_ref.pdbx_db_isoform            ? 
_struct_ref.pdbx_seq_one_letter_code   ? 
# 
loop_
_struct_ref_seq.align_id 
_struct_ref_seq.ref_id 
_struct_ref_seq.pdbx_PDB_id_code 
_struct_ref_seq.pdbx_strand_id 
_struct_ref_seq.seq_align_beg 
_struct_ref_seq.pdbx_seq_align_beg_ins_code 
_struct_ref_seq.seq_align_end 
_struct_ref_seq.pdbx_seq_align_end_ins_code 
_struct_ref_seq.pdbx_db_accession 
_struct_ref_seq.db_align_beg 
_struct_ref_seq.pdbx_db_align_beg_ins_code 
_struct_ref_seq.db_align_end 
_struct_ref_seq.pdbx_db_align_end_ins_code 
_struct_ref_seq.pdbx_auth_seq_align_beg 
_struct_ref_seq.pdbx_auth_seq_align_end 
1 1 1QC7 A 1 ? 101 ? Q9WY63 235 ? 335 ? 235 335 
2 1 1QC7 B 1 ? 101 ? Q9WY63 235 ? 335 ? 235 335 
# 
_pdbx_struct_assembly.id                   1 
_pdbx_struct_assembly.details              author_defined_assembly 
_pdbx_struct_assembly.method_details       ? 
_pdbx_struct_assembly.oligomeric_details   dimeric 
_pdbx_struct_assembly.oligomeric_count     2 
# 
_pdbx_struct_assembly_gen.assembly_id       1 
_pdbx_struct_assembly_gen.oper_expression   1 
_pdbx_struct_assembly_gen.asym_id_list      A,B,C,D 
# 
_pdbx_struct_oper_list.id                   1 
_pdbx_struct_oper_list.type                 'identity operation' 
_pdbx_struct_oper_list.name                 1_555 
_pdbx_struct_oper_list.symmetry_operation   x,y,z 
_pdbx_struct_oper_list.matrix[1][1]         1.0000000000 
_pdbx_struct_oper_list.matrix[1][2]         0.0000000000 
_pdbx_struct_oper_list.matrix[1][3]         0.0000000000 
_pdbx_struct_oper_list.vector[1]            0.0000000000 
_pdbx_struct_oper_list.matrix[2][1]         0.0000000000 
_pdbx_struct_oper_list.matrix[2][2]         1.0000000000 
_pdbx_struct_oper_list.matrix[2][3]         0.0000000000 
_pdbx_struct_oper_list.vector[2]            0.0000000000 
_pdbx_struct_oper_list.matrix[3][1]         0.0000000000 
_pdbx_struct_oper_list.matrix[3][2]         0.0000000000 
_pdbx_struct_oper_list.matrix[3][3]         1.0000000000 
_pdbx_struct_oper_list.vector[3]            0.0000000000 
# 
_struct_biol.id                    1 
_struct_biol.pdbx_parent_biol_id   ? 
_struct_biol.details               ? 
# 
loop_
_struct_conf.conf_type_id 
_struct_conf.id 
_struct_conf.pdbx_PDB_helix_id 
_struct_conf.beg_label_comp_id 
_struct_conf.beg_label_asym_id 
_struct_conf.beg_label_seq_id 
_struct_conf.pdbx_beg_PDB_ins_code 
_struct_conf.end_label_comp_id 
_struct_conf.end_label_asym_id 
_struct_conf.end_label_seq_id 
_struct_conf.pdbx_end_PDB_ins_code 
_struct_conf.beg_auth_comp_id 
_struct_conf.beg_auth_asym_id 
_struct_conf.beg_auth_seq_id 
_struct_conf.end_auth_comp_id 
_struct_conf.end_auth_asym_id 
_struct_conf.end_auth_seq_id 
_struct_conf.pdbx_PDB_helix_class 
_struct_conf.details 
_struct_conf.pdbx_PDB_helix_length 
HELX_P HELX_P1  1  VAL A 3  ? LYS A 9  ? VAL A 237 LYS A 243 5 ? 7  
HELX_P HELX_P2  2  ASP A 11 ? ARG A 20 ? ASP A 245 ARG A 254 1 ? 10 
HELX_P HELX_P3  3  ASP A 23 ? LYS A 32 ? ASP A 257 LYS A 266 1 ? 10 
HELX_P HELX_P4  4  SER A 35 ? LYS A 44 ? SER A 269 LYS A 278 1 ? 10 
HELX_P HELX_P5  5  SER A 47 ? GLY A 62 ? SER A 281 GLY A 296 1 ? 16 
HELX_P HELX_P6  6  ARG A 65 ? ALA A 86 ? ARG A 299 ALA A 320 1 ? 22 
HELX_P HELX_P7  7  VAL B 3  ? LEU B 10 ? VAL B 237 LEU B 244 5 ? 8  
HELX_P HELX_P8  8  ASP B 11 ? VAL B 22 ? ASP B 245 VAL B 256 1 ? 12 
HELX_P HELX_P9  9  ASP B 23 ? LYS B 32 ? ASP B 257 LYS B 266 1 ? 10 
HELX_P HELX_P10 10 SER B 35 ? LYS B 44 ? SER B 269 LYS B 278 1 ? 10 
HELX_P HELX_P11 11 ARG B 49 ? GLY B 62 ? ARG B 283 GLY B 296 1 ? 14 
HELX_P HELX_P12 12 ARG B 65 ? GLY B 87 ? ARG B 299 GLY B 321 1 ? 23 
# 
_struct_conf_type.id          HELX_P 
_struct_conf_type.criteria    ? 
_struct_conf_type.reference   ? 
# 
loop_
_pdbx_validate_torsion.id 
_pdbx_validate_torsion.PDB_model_num 
_pdbx_validate_torsion.auth_comp_id 
_pdbx_validate_torsion.auth_asym_id 
_pdbx_validate_torsion.auth_seq_id 
_pdbx_validate_torsion.PDB_ins_code 
_pdbx_validate_torsion.label_alt_id 
_pdbx_validate_torsion.phi 
_pdbx_validate_torsion.psi 
1 1 SER B 281 ? ? -49.14  161.33 
2 1 ILE B 323 ? ? -151.11 -37.13 
# 
loop_
_pdbx_unobs_or_zero_occ_residues.id 
_pdbx_unobs_or_zero_occ_residues.PDB_model_num 
_pdbx_unobs_or_zero_occ_residues.polymer_flag 
_pdbx_unobs_or_zero_occ_residues.occupancy_flag 
_pdbx_unobs_or_zero_occ_residues.auth_asym_id 
_pdbx_unobs_or_zero_occ_residues.auth_comp_id 
_pdbx_unobs_or_zero_occ_residues.auth_seq_id 
_pdbx_unobs_or_zero_occ_residues.PDB_ins_code 
_pdbx_unobs_or_zero_occ_residues.label_asym_id 
_pdbx_unobs_or_zero_occ_residues.label_comp_id 
_pdbx_unobs_or_zero_occ_residues.label_seq_id 
1  1 Y 1 B ILE 325 ? B ILE 91  
2  1 Y 1 B ALA 326 ? B ALA 92  
3  1 Y 1 B ARG 327 ? B ARG 93  
4  1 Y 1 B GLY 328 ? B GLY 94  
5  1 Y 1 B GLY 329 ? B GLY 95  
6  1 Y 1 B GLY 330 ? B GLY 96  
7  1 Y 1 B GLU 331 ? B GLU 97  
8  1 Y 1 B GLU 332 ? B GLU 98  
9  1 Y 1 B LEU 333 ? B LEU 99  
10 1 Y 1 B ILE 334 ? B ILE 100 
11 1 Y 1 B MET 335 ? B MET 101 
# 
loop_
_chem_comp_atom.comp_id 
_chem_comp_atom.atom_id 
_chem_comp_atom.type_symbol 
_chem_comp_atom.pdbx_aromatic_flag 
_chem_comp_atom.pdbx_stereo_config 
_chem_comp_atom.pdbx_ordinal 
ALA N    N N N 1   
ALA CA   C N S 2   
ALA C    C N N 3   
ALA O    O N N 4   
ALA CB   C N N 5   
ALA OXT  O N N 6   
ALA H    H N N 7   
ALA H2   H N N 8   
ALA HA   H N N 9   
ALA HB1  H N N 10  
ALA HB2  H N N 11  
ALA HB3  H N N 12  
ALA HXT  H N N 13  
ARG N    N N N 14  
ARG CA   C N S 15  
ARG C    C N N 16  
ARG O    O N N 17  
ARG CB   C N N 18  
ARG CG   C N N 19  
ARG CD   C N N 20  
ARG NE   N N N 21  
ARG CZ   C N N 22  
ARG NH1  N N N 23  
ARG NH2  N N N 24  
ARG OXT  O N N 25  
ARG H    H N N 26  
ARG H2   H N N 27  
ARG HA   H N N 28  
ARG HB2  H N N 29  
ARG HB3  H N N 30  
ARG HG2  H N N 31  
ARG HG3  H N N 32  
ARG HD2  H N N 33  
ARG HD3  H N N 34  
ARG HE   H N N 35  
ARG HH11 H N N 36  
ARG HH12 H N N 37  
ARG HH21 H N N 38  
ARG HH22 H N N 39  
ARG HXT  H N N 40  
ASN N    N N N 41  
ASN CA   C N S 42  
ASN C    C N N 43  
ASN O    O N N 44  
ASN CB   C N N 45  
ASN CG   C N N 46  
ASN OD1  O N N 47  
ASN ND2  N N N 48  
ASN OXT  O N N 49  
ASN H    H N N 50  
ASN H2   H N N 51  
ASN HA   H N N 52  
ASN HB2  H N N 53  
ASN HB3  H N N 54  
ASN HD21 H N N 55  
ASN HD22 H N N 56  
ASN HXT  H N N 57  
ASP N    N N N 58  
ASP CA   C N S 59  
ASP C    C N N 60  
ASP O    O N N 61  
ASP CB   C N N 62  
ASP CG   C N N 63  
ASP OD1  O N N 64  
ASP OD2  O N N 65  
ASP OXT  O N N 66  
ASP H    H N N 67  
ASP H2   H N N 68  
ASP HA   H N N 69  
ASP HB2  H N N 70  
ASP HB3  H N N 71  
ASP HD2  H N N 72  
ASP HXT  H N N 73  
GLN N    N N N 74  
GLN CA   C N S 75  
GLN C    C N N 76  
GLN O    O N N 77  
GLN CB   C N N 78  
GLN CG   C N N 79  
GLN CD   C N N 80  
GLN OE1  O N N 81  
GLN NE2  N N N 82  
GLN OXT  O N N 83  
GLN H    H N N 84  
GLN H2   H N N 85  
GLN HA   H N N 86  
GLN HB2  H N N 87  
GLN HB3  H N N 88  
GLN HG2  H N N 89  
GLN HG3  H N N 90  
GLN HE21 H N N 91  
GLN HE22 H N N 92  
GLN HXT  H N N 93  
GLU N    N N N 94  
GLU CA   C N S 95  
GLU C    C N N 96  
GLU O    O N N 97  
GLU CB   C N N 98  
GLU CG   C N N 99  
GLU CD   C N N 100 
GLU OE1  O N N 101 
GLU OE2  O N N 102 
GLU OXT  O N N 103 
GLU H    H N N 104 
GLU H2   H N N 105 
GLU HA   H N N 106 
GLU HB2  H N N 107 
GLU HB3  H N N 108 
GLU HG2  H N N 109 
GLU HG3  H N N 110 
GLU HE2  H N N 111 
GLU HXT  H N N 112 
GLY N    N N N 113 
GLY CA   C N N 114 
GLY C    C N N 115 
GLY O    O N N 116 
GLY OXT  O N N 117 
GLY H    H N N 118 
GLY H2   H N N 119 
GLY HA2  H N N 120 
GLY HA3  H N N 121 
GLY HXT  H N N 122 
HOH O    O N N 123 
HOH H1   H N N 124 
HOH H2   H N N 125 
ILE N    N N N 126 
ILE CA   C N S 127 
ILE C    C N N 128 
ILE O    O N N 129 
ILE CB   C N S 130 
ILE CG1  C N N 131 
ILE CG2  C N N 132 
ILE CD1  C N N 133 
ILE OXT  O N N 134 
ILE H    H N N 135 
ILE H2   H N N 136 
ILE HA   H N N 137 
ILE HB   H N N 138 
ILE HG12 H N N 139 
ILE HG13 H N N 140 
ILE HG21 H N N 141 
ILE HG22 H N N 142 
ILE HG23 H N N 143 
ILE HD11 H N N 144 
ILE HD12 H N N 145 
ILE HD13 H N N 146 
ILE HXT  H N N 147 
LEU N    N N N 148 
LEU CA   C N S 149 
LEU C    C N N 150 
LEU O    O N N 151 
LEU CB   C N N 152 
LEU CG   C N N 153 
LEU CD1  C N N 154 
LEU CD2  C N N 155 
LEU OXT  O N N 156 
LEU H    H N N 157 
LEU H2   H N N 158 
LEU HA   H N N 159 
LEU HB2  H N N 160 
LEU HB3  H N N 161 
LEU HG   H N N 162 
LEU HD11 H N N 163 
LEU HD12 H N N 164 
LEU HD13 H N N 165 
LEU HD21 H N N 166 
LEU HD22 H N N 167 
LEU HD23 H N N 168 
LEU HXT  H N N 169 
LYS N    N N N 170 
LYS CA   C N S 171 
LYS C    C N N 172 
LYS O    O N N 173 
LYS CB   C N N 174 
LYS CG   C N N 175 
LYS CD   C N N 176 
LYS CE   C N N 177 
LYS NZ   N N N 178 
LYS OXT  O N N 179 
LYS H    H N N 180 
LYS H2   H N N 181 
LYS HA   H N N 182 
LYS HB2  H N N 183 
LYS HB3  H N N 184 
LYS HG2  H N N 185 
LYS HG3  H N N 186 
LYS HD2  H N N 187 
LYS HD3  H N N 188 
LYS HE2  H N N 189 
LYS HE3  H N N 190 
LYS HZ1  H N N 191 
LYS HZ2  H N N 192 
LYS HZ3  H N N 193 
LYS HXT  H N N 194 
MET N    N N N 195 
MET CA   C N S 196 
MET C    C N N 197 
MET O    O N N 198 
MET CB   C N N 199 
MET CG   C N N 200 
MET SD   S N N 201 
MET CE   C N N 202 
MET OXT  O N N 203 
MET H    H N N 204 
MET H2   H N N 205 
MET HA   H N N 206 
MET HB2  H N N 207 
MET HB3  H N N 208 
MET HG2  H N N 209 
MET HG3  H N N 210 
MET HE1  H N N 211 
MET HE2  H N N 212 
MET HE3  H N N 213 
MET HXT  H N N 214 
PHE N    N N N 215 
PHE CA   C N S 216 
PHE C    C N N 217 
PHE O    O N N 218 
PHE CB   C N N 219 
PHE CG   C Y N 220 
PHE CD1  C Y N 221 
PHE CD2  C Y N 222 
PHE CE1  C Y N 223 
PHE CE2  C Y N 224 
PHE CZ   C Y N 225 
PHE OXT  O N N 226 
PHE H    H N N 227 
PHE H2   H N N 228 
PHE HA   H N N 229 
PHE HB2  H N N 230 
PHE HB3  H N N 231 
PHE HD1  H N N 232 
PHE HD2  H N N 233 
PHE HE1  H N N 234 
PHE HE2  H N N 235 
PHE HZ   H N N 236 
PHE HXT  H N N 237 
PRO N    N N N 238 
PRO CA   C N S 239 
PRO C    C N N 240 
PRO O    O N N 241 
PRO CB   C N N 242 
PRO CG   C N N 243 
PRO CD   C N N 244 
PRO OXT  O N N 245 
PRO H    H N N 246 
PRO HA   H N N 247 
PRO HB2  H N N 248 
PRO HB3  H N N 249 
PRO HG2  H N N 250 
PRO HG3  H N N 251 
PRO HD2  H N N 252 
PRO HD3  H N N 253 
PRO HXT  H N N 254 
SER N    N N N 255 
SER CA   C N S 256 
SER C    C N N 257 
SER O    O N N 258 
SER CB   C N N 259 
SER OG   O N N 260 
SER OXT  O N N 261 
SER H    H N N 262 
SER H2   H N N 263 
SER HA   H N N 264 
SER HB2  H N N 265 
SER HB3  H N N 266 
SER HG   H N N 267 
SER HXT  H N N 268 
THR N    N N N 269 
THR CA   C N S 270 
THR C    C N N 271 
THR O    O N N 272 
THR CB   C N R 273 
THR OG1  O N N 274 
THR CG2  C N N 275 
THR OXT  O N N 276 
THR H    H N N 277 
THR H2   H N N 278 
THR HA   H N N 279 
THR HB   H N N 280 
THR HG1  H N N 281 
THR HG21 H N N 282 
THR HG22 H N N 283 
THR HG23 H N N 284 
THR HXT  H N N 285 
TYR N    N N N 286 
TYR CA   C N S 287 
TYR C    C N N 288 
TYR O    O N N 289 
TYR CB   C N N 290 
TYR CG   C Y N 291 
TYR CD1  C Y N 292 
TYR CD2  C Y N 293 
TYR CE1  C Y N 294 
TYR CE2  C Y N 295 
TYR CZ   C Y N 296 
TYR OH   O N N 297 
TYR OXT  O N N 298 
TYR H    H N N 299 
TYR H2   H N N 300 
TYR HA   H N N 301 
TYR HB2  H N N 302 
TYR HB3  H N N 303 
TYR HD1  H N N 304 
TYR HD2  H N N 305 
TYR HE1  H N N 306 
TYR HE2  H N N 307 
TYR HH   H N N 308 
TYR HXT  H N N 309 
VAL N    N N N 310 
VAL CA   C N S 311 
VAL C    C N N 312 
VAL O    O N N 313 
VAL CB   C N N 314 
VAL CG1  C N N 315 
VAL CG2  C N N 316 
VAL OXT  O N N 317 
VAL H    H N N 318 
VAL H2   H N N 319 
VAL HA   H N N 320 
VAL HB   H N N 321 
VAL HG11 H N N 322 
VAL HG12 H N N 323 
VAL HG13 H N N 324 
VAL HG21 H N N 325 
VAL HG22 H N N 326 
VAL HG23 H N N 327 
VAL HXT  H N N 328 
# 
loop_
_chem_comp_bond.comp_id 
_chem_comp_bond.atom_id_1 
_chem_comp_bond.atom_id_2 
_chem_comp_bond.value_order 
_chem_comp_bond.pdbx_aromatic_flag 
_chem_comp_bond.pdbx_stereo_config 
_chem_comp_bond.pdbx_ordinal 
ALA N   CA   sing N N 1   
ALA N   H    sing N N 2   
ALA N   H2   sing N N 3   
ALA CA  C    sing N N 4   
ALA CA  CB   sing N N 5   
ALA CA  HA   sing N N 6   
ALA C   O    doub N N 7   
ALA C   OXT  sing N N 8   
ALA CB  HB1  sing N N 9   
ALA CB  HB2  sing N N 10  
ALA CB  HB3  sing N N 11  
ALA OXT HXT  sing N N 12  
ARG N   CA   sing N N 13  
ARG N   H    sing N N 14  
ARG N   H2   sing N N 15  
ARG CA  C    sing N N 16  
ARG CA  CB   sing N N 17  
ARG CA  HA   sing N N 18  
ARG C   O    doub N N 19  
ARG C   OXT  sing N N 20  
ARG CB  CG   sing N N 21  
ARG CB  HB2  sing N N 22  
ARG CB  HB3  sing N N 23  
ARG CG  CD   sing N N 24  
ARG CG  HG2  sing N N 25  
ARG CG  HG3  sing N N 26  
ARG CD  NE   sing N N 27  
ARG CD  HD2  sing N N 28  
ARG CD  HD3  sing N N 29  
ARG NE  CZ   sing N N 30  
ARG NE  HE   sing N N 31  
ARG CZ  NH1  sing N N 32  
ARG CZ  NH2  doub N N 33  
ARG NH1 HH11 sing N N 34  
ARG NH1 HH12 sing N N 35  
ARG NH2 HH21 sing N N 36  
ARG NH2 HH22 sing N N 37  
ARG OXT HXT  sing N N 38  
ASN N   CA   sing N N 39  
ASN N   H    sing N N 40  
ASN N   H2   sing N N 41  
ASN CA  C    sing N N 42  
ASN CA  CB   sing N N 43  
ASN CA  HA   sing N N 44  
ASN C   O    doub N N 45  
ASN C   OXT  sing N N 46  
ASN CB  CG   sing N N 47  
ASN CB  HB2  sing N N 48  
ASN CB  HB3  sing N N 49  
ASN CG  OD1  doub N N 50  
ASN CG  ND2  sing N N 51  
ASN ND2 HD21 sing N N 52  
ASN ND2 HD22 sing N N 53  
ASN OXT HXT  sing N N 54  
ASP N   CA   sing N N 55  
ASP N   H    sing N N 56  
ASP N   H2   sing N N 57  
ASP CA  C    sing N N 58  
ASP CA  CB   sing N N 59  
ASP CA  HA   sing N N 60  
ASP C   O    doub N N 61  
ASP C   OXT  sing N N 62  
ASP CB  CG   sing N N 63  
ASP CB  HB2  sing N N 64  
ASP CB  HB3  sing N N 65  
ASP CG  OD1  doub N N 66  
ASP CG  OD2  sing N N 67  
ASP OD2 HD2  sing N N 68  
ASP OXT HXT  sing N N 69  
GLN N   CA   sing N N 70  
GLN N   H    sing N N 71  
GLN N   H2   sing N N 72  
GLN CA  C    sing N N 73  
GLN CA  CB   sing N N 74  
GLN CA  HA   sing N N 75  
GLN C   O    doub N N 76  
GLN C   OXT  sing N N 77  
GLN CB  CG   sing N N 78  
GLN CB  HB2  sing N N 79  
GLN CB  HB3  sing N N 80  
GLN CG  CD   sing N N 81  
GLN CG  HG2  sing N N 82  
GLN CG  HG3  sing N N 83  
GLN CD  OE1  doub N N 84  
GLN CD  NE2  sing N N 85  
GLN NE2 HE21 sing N N 86  
GLN NE2 HE22 sing N N 87  
GLN OXT HXT  sing N N 88  
GLU N   CA   sing N N 89  
GLU N   H    sing N N 90  
GLU N   H2   sing N N 91  
GLU CA  C    sing N N 92  
GLU CA  CB   sing N N 93  
GLU CA  HA   sing N N 94  
GLU C   O    doub N N 95  
GLU C   OXT  sing N N 96  
GLU CB  CG   sing N N 97  
GLU CB  HB2  sing N N 98  
GLU CB  HB3  sing N N 99  
GLU CG  CD   sing N N 100 
GLU CG  HG2  sing N N 101 
GLU CG  HG3  sing N N 102 
GLU CD  OE1  doub N N 103 
GLU CD  OE2  sing N N 104 
GLU OE2 HE2  sing N N 105 
GLU OXT HXT  sing N N 106 
GLY N   CA   sing N N 107 
GLY N   H    sing N N 108 
GLY N   H2   sing N N 109 
GLY CA  C    sing N N 110 
GLY CA  HA2  sing N N 111 
GLY CA  HA3  sing N N 112 
GLY C   O    doub N N 113 
GLY C   OXT  sing N N 114 
GLY OXT HXT  sing N N 115 
HOH O   H1   sing N N 116 
HOH O   H2   sing N N 117 
ILE N   CA   sing N N 118 
ILE N   H    sing N N 119 
ILE N   H2   sing N N 120 
ILE CA  C    sing N N 121 
ILE CA  CB   sing N N 122 
ILE CA  HA   sing N N 123 
ILE C   O    doub N N 124 
ILE C   OXT  sing N N 125 
ILE CB  CG1  sing N N 126 
ILE CB  CG2  sing N N 127 
ILE CB  HB   sing N N 128 
ILE CG1 CD1  sing N N 129 
ILE CG1 HG12 sing N N 130 
ILE CG1 HG13 sing N N 131 
ILE CG2 HG21 sing N N 132 
ILE CG2 HG22 sing N N 133 
ILE CG2 HG23 sing N N 134 
ILE CD1 HD11 sing N N 135 
ILE CD1 HD12 sing N N 136 
ILE CD1 HD13 sing N N 137 
ILE OXT HXT  sing N N 138 
LEU N   CA   sing N N 139 
LEU N   H    sing N N 140 
LEU N   H2   sing N N 141 
LEU CA  C    sing N N 142 
LEU CA  CB   sing N N 143 
LEU CA  HA   sing N N 144 
LEU C   O    doub N N 145 
LEU C   OXT  sing N N 146 
LEU CB  CG   sing N N 147 
LEU CB  HB2  sing N N 148 
LEU CB  HB3  sing N N 149 
LEU CG  CD1  sing N N 150 
LEU CG  CD2  sing N N 151 
LEU CG  HG   sing N N 152 
LEU CD1 HD11 sing N N 153 
LEU CD1 HD12 sing N N 154 
LEU CD1 HD13 sing N N 155 
LEU CD2 HD21 sing N N 156 
LEU CD2 HD22 sing N N 157 
LEU CD2 HD23 sing N N 158 
LEU OXT HXT  sing N N 159 
LYS N   CA   sing N N 160 
LYS N   H    sing N N 161 
LYS N   H2   sing N N 162 
LYS CA  C    sing N N 163 
LYS CA  CB   sing N N 164 
LYS CA  HA   sing N N 165 
LYS C   O    doub N N 166 
LYS C   OXT  sing N N 167 
LYS CB  CG   sing N N 168 
LYS CB  HB2  sing N N 169 
LYS CB  HB3  sing N N 170 
LYS CG  CD   sing N N 171 
LYS CG  HG2  sing N N 172 
LYS CG  HG3  sing N N 173 
LYS CD  CE   sing N N 174 
LYS CD  HD2  sing N N 175 
LYS CD  HD3  sing N N 176 
LYS CE  NZ   sing N N 177 
LYS CE  HE2  sing N N 178 
LYS CE  HE3  sing N N 179 
LYS NZ  HZ1  sing N N 180 
LYS NZ  HZ2  sing N N 181 
LYS NZ  HZ3  sing N N 182 
LYS OXT HXT  sing N N 183 
MET N   CA   sing N N 184 
MET N   H    sing N N 185 
MET N   H2   sing N N 186 
MET CA  C    sing N N 187 
MET CA  CB   sing N N 188 
MET CA  HA   sing N N 189 
MET C   O    doub N N 190 
MET C   OXT  sing N N 191 
MET CB  CG   sing N N 192 
MET CB  HB2  sing N N 193 
MET CB  HB3  sing N N 194 
MET CG  SD   sing N N 195 
MET CG  HG2  sing N N 196 
MET CG  HG3  sing N N 197 
MET SD  CE   sing N N 198 
MET CE  HE1  sing N N 199 
MET CE  HE2  sing N N 200 
MET CE  HE3  sing N N 201 
MET OXT HXT  sing N N 202 
PHE N   CA   sing N N 203 
PHE N   H    sing N N 204 
PHE N   H2   sing N N 205 
PHE CA  C    sing N N 206 
PHE CA  CB   sing N N 207 
PHE CA  HA   sing N N 208 
PHE C   O    doub N N 209 
PHE C   OXT  sing N N 210 
PHE CB  CG   sing N N 211 
PHE CB  HB2  sing N N 212 
PHE CB  HB3  sing N N 213 
PHE CG  CD1  doub Y N 214 
PHE CG  CD2  sing Y N 215 
PHE CD1 CE1  sing Y N 216 
PHE CD1 HD1  sing N N 217 
PHE CD2 CE2  doub Y N 218 
PHE CD2 HD2  sing N N 219 
PHE CE1 CZ   doub Y N 220 
PHE CE1 HE1  sing N N 221 
PHE CE2 CZ   sing Y N 222 
PHE CE2 HE2  sing N N 223 
PHE CZ  HZ   sing N N 224 
PHE OXT HXT  sing N N 225 
PRO N   CA   sing N N 226 
PRO N   CD   sing N N 227 
PRO N   H    sing N N 228 
PRO CA  C    sing N N 229 
PRO CA  CB   sing N N 230 
PRO CA  HA   sing N N 231 
PRO C   O    doub N N 232 
PRO C   OXT  sing N N 233 
PRO CB  CG   sing N N 234 
PRO CB  HB2  sing N N 235 
PRO CB  HB3  sing N N 236 
PRO CG  CD   sing N N 237 
PRO CG  HG2  sing N N 238 
PRO CG  HG3  sing N N 239 
PRO CD  HD2  sing N N 240 
PRO CD  HD3  sing N N 241 
PRO OXT HXT  sing N N 242 
SER N   CA   sing N N 243 
SER N   H    sing N N 244 
SER N   H2   sing N N 245 
SER CA  C    sing N N 246 
SER CA  CB   sing N N 247 
SER CA  HA   sing N N 248 
SER C   O    doub N N 249 
SER C   OXT  sing N N 250 
SER CB  OG   sing N N 251 
SER CB  HB2  sing N N 252 
SER CB  HB3  sing N N 253 
SER OG  HG   sing N N 254 
SER OXT HXT  sing N N 255 
THR N   CA   sing N N 256 
THR N   H    sing N N 257 
THR N   H2   sing N N 258 
THR CA  C    sing N N 259 
THR CA  CB   sing N N 260 
THR CA  HA   sing N N 261 
THR C   O    doub N N 262 
THR C   OXT  sing N N 263 
THR CB  OG1  sing N N 264 
THR CB  CG2  sing N N 265 
THR CB  HB   sing N N 266 
THR OG1 HG1  sing N N 267 
THR CG2 HG21 sing N N 268 
THR CG2 HG22 sing N N 269 
THR CG2 HG23 sing N N 270 
THR OXT HXT  sing N N 271 
TYR N   CA   sing N N 272 
TYR N   H    sing N N 273 
TYR N   H2   sing N N 274 
TYR CA  C    sing N N 275 
TYR CA  CB   sing N N 276 
TYR CA  HA   sing N N 277 
TYR C   O    doub N N 278 
TYR C   OXT  sing N N 279 
TYR CB  CG   sing N N 280 
TYR CB  HB2  sing N N 281 
TYR CB  HB3  sing N N 282 
TYR CG  CD1  doub Y N 283 
TYR CG  CD2  sing Y N 284 
TYR CD1 CE1  sing Y N 285 
TYR CD1 HD1  sing N N 286 
TYR CD2 CE2  doub Y N 287 
TYR CD2 HD2  sing N N 288 
TYR CE1 CZ   doub Y N 289 
TYR CE1 HE1  sing N N 290 
TYR CE2 CZ   sing Y N 291 
TYR CE2 HE2  sing N N 292 
TYR CZ  OH   sing N N 293 
TYR OH  HH   sing N N 294 
TYR OXT HXT  sing N N 295 
VAL N   CA   sing N N 296 
VAL N   H    sing N N 297 
VAL N   H2   sing N N 298 
VAL CA  C    sing N N 299 
VAL CA  CB   sing N N 300 
VAL CA  HA   sing N N 301 
VAL C   O    doub N N 302 
VAL C   OXT  sing N N 303 
VAL CB  CG1  sing N N 304 
VAL CB  CG2  sing N N 305 
VAL CB  HB   sing N N 306 
VAL CG1 HG11 sing N N 307 
VAL CG1 HG12 sing N N 308 
VAL CG1 HG13 sing N N 309 
VAL CG2 HG21 sing N N 310 
VAL CG2 HG22 sing N N 311 
VAL CG2 HG23 sing N N 312 
VAL OXT HXT  sing N N 313 
# 
_atom_sites.entry_id                    1QC7 
_atom_sites.fract_transf_matrix[1][1]   -0.01512344 
_atom_sites.fract_transf_matrix[1][2]   -0.01251569 
_atom_sites.fract_transf_matrix[1][3]   0.00199768 
_atom_sites.fract_transf_matrix[2][1]   -0.00720873 
_atom_sites.fract_transf_matrix[2][2]   0.00669358 
_atom_sites.fract_transf_matrix[2][3]   -0.01263766 
_atom_sites.fract_transf_matrix[3][1]   0.00517454 
_atom_sites.fract_transf_matrix[3][2]   -0.00734476 
_atom_sites.fract_transf_matrix[3][3]   -0.00684182 
_atom_sites.fract_transf_vector[1]      0.478660 
_atom_sites.fract_transf_vector[2]      0.186188 
_atom_sites.fract_transf_vector[3]      0.110051 
# 
loop_
_atom_type.symbol 
C 
N 
O 
S 
# 
loop_
_atom_site.group_PDB 
_atom_site.id 
_atom_site.type_symbol 
_atom_site.label_atom_id 
_atom_site.label_alt_id 
_atom_site.label_comp_id 
_atom_site.label_asym_id 
_atom_site.label_entity_id 
_atom_site.label_seq_id 
_atom_site.pdbx_PDB_ins_code 
_atom_site.Cartn_x 
_atom_site.Cartn_y 
_atom_site.Cartn_z 
_atom_site.occupancy 
_atom_site.B_iso_or_equiv 
_atom_site.pdbx_formal_charge 
_atom_site.auth_seq_id 
_atom_site.auth_comp_id 
_atom_site.auth_asym_id 
_atom_site.auth_atom_id 
_atom_site.pdbx_PDB_model_num 
ATOM   1    N N   . MET A 1 1   ? -14.881 -5.972  -20.753 1.00 56.12  ? 235 MET A N   1 
ATOM   2    C CA  . MET A 1 1   ? -13.595 -5.649  -21.430 1.00 58.55  ? 235 MET A CA  1 
ATOM   3    C C   . MET A 1 1   ? -12.956 -4.361  -20.905 1.00 54.84  ? 235 MET A C   1 
ATOM   4    O O   . MET A 1 1   ? -12.233 -3.663  -21.625 1.00 55.16  ? 235 MET A O   1 
ATOM   5    C CB  . MET A 1 1   ? -13.783 -5.622  -22.952 1.00 68.68  ? 235 MET A CB  1 
ATOM   6    C CG  . MET A 1 1   ? -15.175 -5.206  -23.422 1.00 82.22  ? 235 MET A CG  1 
ATOM   7    S SD  . MET A 1 1   ? -15.843 -6.313  -24.712 1.00 100.00 ? 235 MET A SD  1 
ATOM   8    C CE  . MET A 1 1   ? -14.497 -6.247  -25.971 1.00 95.00  ? 235 MET A CE  1 
ATOM   9    N N   . PHE A 1 2   ? -13.191 -4.101  -19.621 1.00 46.05  ? 236 PHE A N   1 
ATOM   10   C CA  . PHE A 1 2   ? -12.679 -2.926  -18.922 1.00 38.15  ? 236 PHE A CA  1 
ATOM   11   C C   . PHE A 1 2   ? -11.190 -3.089  -18.616 1.00 33.14  ? 236 PHE A C   1 
ATOM   12   O O   . PHE A 1 2   ? -10.761 -4.121  -18.092 1.00 29.04  ? 236 PHE A O   1 
ATOM   13   C CB  . PHE A 1 2   ? -13.467 -2.729  -17.607 1.00 35.53  ? 236 PHE A CB  1 
ATOM   14   C CG  . PHE A 1 2   ? -13.205 -1.401  -16.905 1.00 37.32  ? 236 PHE A CG  1 
ATOM   15   C CD1 . PHE A 1 2   ? -14.140 -0.363  -16.971 1.00 28.71  ? 236 PHE A CD1 1 
ATOM   16   C CD2 . PHE A 1 2   ? -12.046 -1.208  -16.134 1.00 35.17  ? 236 PHE A CD2 1 
ATOM   17   C CE1 . PHE A 1 2   ? -13.928 0.837   -16.280 1.00 33.13  ? 236 PHE A CE1 1 
ATOM   18   C CE2 . PHE A 1 2   ? -11.824 -0.008  -15.439 1.00 25.78  ? 236 PHE A CE2 1 
ATOM   19   C CZ  . PHE A 1 2   ? -12.764 1.015   -15.510 1.00 30.30  ? 236 PHE A CZ  1 
ATOM   20   N N   . VAL A 1 3   ? -10.417 -2.056  -18.945 1.00 28.59  ? 237 VAL A N   1 
ATOM   21   C CA  . VAL A 1 3   ? -8.984  -2.034  -18.689 1.00 21.16  ? 237 VAL A CA  1 
ATOM   22   C C   . VAL A 1 3   ? -8.719  -0.843  -17.764 1.00 23.75  ? 237 VAL A C   1 
ATOM   23   O O   . VAL A 1 3   ? -9.581  0.005   -17.596 1.00 23.15  ? 237 VAL A O   1 
ATOM   24   C CB  . VAL A 1 3   ? -8.159  -1.951  -20.012 1.00 21.85  ? 237 VAL A CB  1 
ATOM   25   C CG1 . VAL A 1 3   ? -8.499  -3.128  -20.901 1.00 11.55  ? 237 VAL A CG1 1 
ATOM   26   C CG2 . VAL A 1 3   ? -8.414  -0.656  -20.757 1.00 16.32  ? 237 VAL A CG2 1 
ATOM   27   N N   . PHE A 1 4   ? -7.542  -0.775  -17.154 1.00 23.03  ? 238 PHE A N   1 
ATOM   28   C CA  . PHE A 1 4   ? -7.247  0.313   -16.230 1.00 20.69  ? 238 PHE A CA  1 
ATOM   29   C C   . PHE A 1 4   ? -7.403  1.734   -16.772 1.00 23.33  ? 238 PHE A C   1 
ATOM   30   O O   . PHE A 1 4   ? -7.778  2.634   -16.019 1.00 29.44  ? 238 PHE A O   1 
ATOM   31   C CB  . PHE A 1 4   ? -5.865  0.129   -15.598 1.00 20.20  ? 238 PHE A CB  1 
ATOM   32   C CG  . PHE A 1 4   ? -5.751  0.701   -14.207 1.00 20.07  ? 238 PHE A CG  1 
ATOM   33   C CD1 . PHE A 1 4   ? -4.979  1.836   -13.961 1.00 15.79  ? 238 PHE A CD1 1 
ATOM   34   C CD2 . PHE A 1 4   ? -6.428  0.099   -13.138 1.00 23.23  ? 238 PHE A CD2 1 
ATOM   35   C CE1 . PHE A 1 4   ? -4.882  2.365   -12.672 1.00 16.51  ? 238 PHE A CE1 1 
ATOM   36   C CE2 . PHE A 1 4   ? -6.337  0.620   -11.844 1.00 21.28  ? 238 PHE A CE2 1 
ATOM   37   C CZ  . PHE A 1 4   ? -5.562  1.757   -11.617 1.00 20.02  ? 238 PHE A CZ  1 
ATOM   38   N N   . GLU A 1 5   ? -7.123  1.964   -18.053 1.00 25.76  ? 239 GLU A N   1 
ATOM   39   C CA  . GLU A 1 5   ? -7.272  3.321   -18.603 1.00 27.24  ? 239 GLU A CA  1 
ATOM   40   C C   . GLU A 1 5   ? -8.729  3.795   -18.709 1.00 28.26  ? 239 GLU A C   1 
ATOM   41   O O   . GLU A 1 5   ? -8.963  4.996   -18.846 1.00 27.70  ? 239 GLU A O   1 
ATOM   42   C CB  . GLU A 1 5   ? -6.581  3.476   -19.963 1.00 28.17  ? 239 GLU A CB  1 
ATOM   43   C CG  . GLU A 1 5   ? -5.057  3.572   -19.934 1.00 20.65  ? 239 GLU A CG  1 
ATOM   44   C CD  . GLU A 1 5   ? -4.532  4.696   -19.069 1.00 26.75  ? 239 GLU A CD  1 
ATOM   45   O OE1 . GLU A 1 5   ? -4.915  5.869   -19.272 1.00 28.77  ? 239 GLU A OE1 1 
ATOM   46   O OE2 . GLU A 1 5   ? -3.705  4.411   -18.184 1.00 25.15  ? 239 GLU A OE2 1 
ATOM   47   N N   . ASP A 1 6   ? -9.687  2.861   -18.650 1.00 25.94  ? 240 ASP A N   1 
ATOM   48   C CA  . ASP A 1 6   ? -11.121 3.169   -18.715 1.00 26.37  ? 240 ASP A CA  1 
ATOM   49   C C   . ASP A 1 6   ? -11.610 3.936   -17.499 1.00 29.03  ? 240 ASP A C   1 
ATOM   50   O O   . ASP A 1 6   ? -12.743 4.423   -17.486 1.00 31.74  ? 240 ASP A O   1 
ATOM   51   C CB  . ASP A 1 6   ? -11.954 1.892   -18.858 1.00 26.72  ? 240 ASP A CB  1 
ATOM   52   C CG  . ASP A 1 6   ? -11.857 1.279   -20.245 1.00 33.33  ? 240 ASP A CG  1 
ATOM   53   O OD1 . ASP A 1 6   ? -11.659 2.044   -21.219 1.00 38.05  ? 240 ASP A OD1 1 
ATOM   54   O OD2 . ASP A 1 6   ? -11.994 0.039   -20.370 1.00 30.16  ? 240 ASP A OD2 1 
ATOM   55   N N   . ILE A 1 7   ? -10.776 3.992   -16.461 1.00 29.85  ? 241 ILE A N   1 
ATOM   56   C CA  . ILE A 1 7   ? -11.097 4.713   -15.235 1.00 29.87  ? 241 ILE A CA  1 
ATOM   57   C C   . ILE A 1 7   ? -11.252 6.182   -15.588 1.00 31.23  ? 241 ILE A C   1 
ATOM   58   O O   . ILE A 1 7   ? -11.943 6.927   -14.900 1.00 33.52  ? 241 ILE A O   1 
ATOM   59   C CB  . ILE A 1 7   ? -9.990  4.520   -14.164 1.00 30.43  ? 241 ILE A CB  1 
ATOM   60   C CG1 . ILE A 1 7   ? -10.128 3.149   -13.518 1.00 26.33  ? 241 ILE A CG1 1 
ATOM   61   C CG2 . ILE A 1 7   ? -10.040 5.603   -13.095 1.00 29.84  ? 241 ILE A CG2 1 
ATOM   62   C CD1 . ILE A 1 7   ? -8.985  2.833   -12.621 1.00 31.80  ? 241 ILE A CD1 1 
ATOM   63   N N   . LEU A 1 8   ? -10.633 6.587   -16.689 1.00 32.25  ? 242 LEU A N   1 
ATOM   64   C CA  . LEU A 1 8   ? -10.720 7.967   -17.144 1.00 31.65  ? 242 LEU A CA  1 
ATOM   65   C C   . LEU A 1 8   ? -12.126 8.359   -17.608 1.00 30.81  ? 242 LEU A C   1 
ATOM   66   O O   . LEU A 1 8   ? -12.404 9.543   -17.753 1.00 33.99  ? 242 LEU A O   1 
ATOM   67   C CB  . LEU A 1 8   ? -9.726  8.217   -18.278 1.00 25.69  ? 242 LEU A CB  1 
ATOM   68   C CG  . LEU A 1 8   ? -8.287  8.561   -17.921 1.00 21.58  ? 242 LEU A CG  1 
ATOM   69   C CD1 . LEU A 1 8   ? -7.482  8.660   -19.202 1.00 21.88  ? 242 LEU A CD1 1 
ATOM   70   C CD2 . LEU A 1 8   ? -8.239  9.869   -17.162 1.00 18.11  ? 242 LEU A CD2 1 
ATOM   71   N N   . LYS A 1 9   ? -13.011 7.386   -17.812 1.00 28.26  ? 243 LYS A N   1 
ATOM   72   C CA  . LYS A 1 9   ? -14.368 7.673   -18.273 1.00 30.40  ? 243 LYS A CA  1 
ATOM   73   C C   . LYS A 1 9   ? -15.443 7.529   -17.185 1.00 35.43  ? 243 LYS A C   1 
ATOM   74   O O   . LYS A 1 9   ? -16.635 7.343   -17.477 1.00 32.56  ? 243 LYS A O   1 
ATOM   75   C CB  . LYS A 1 9   ? -14.705 6.790   -19.479 1.00 35.28  ? 243 LYS A CB  1 
ATOM   76   C CG  . LYS A 1 9   ? -13.762 6.987   -20.675 1.00 40.34  ? 243 LYS A CG  1 
ATOM   77   C CD  . LYS A 1 9   ? -14.114 6.076   -21.852 1.00 44.96  ? 243 LYS A CD  1 
ATOM   78   C CE  . LYS A 1 9   ? -14.067 4.592   -21.464 1.00 49.67  ? 243 LYS A CE  1 
ATOM   79   N NZ  . LYS A 1 9   ? -14.182 3.676   -22.652 1.00 51.23  ? 243 LYS A NZ  1 
ATOM   80   N N   . LEU A 1 10  ? -15.009 7.554   -15.930 1.00 34.02  ? 244 LEU A N   1 
ATOM   81   C CA  . LEU A 1 10  ? -15.924 7.456   -14.792 1.00 34.53  ? 244 LEU A CA  1 
ATOM   82   C C   . LEU A 1 10  ? -16.004 8.858   -14.150 1.00 37.76  ? 244 LEU A C   1 
ATOM   83   O O   . LEU A 1 10  ? -15.059 9.657   -14.276 1.00 35.41  ? 244 LEU A O   1 
ATOM   84   C CB  . LEU A 1 10  ? -15.401 6.442   -13.765 1.00 30.85  ? 244 LEU A CB  1 
ATOM   85   C CG  . LEU A 1 10  ? -15.071 5.001   -14.163 1.00 30.23  ? 244 LEU A CG  1 
ATOM   86   C CD1 . LEU A 1 10  ? -14.675 4.247   -12.918 1.00 30.25  ? 244 LEU A CD1 1 
ATOM   87   C CD2 . LEU A 1 10  ? -16.250 4.300   -14.825 1.00 25.17  ? 244 LEU A CD2 1 
ATOM   88   N N   . ASP A 1 11  ? -17.116 9.180   -13.484 1.00 38.24  ? 245 ASP A N   1 
ATOM   89   C CA  . ASP A 1 11  ? -17.223 10.508  -12.860 1.00 40.06  ? 245 ASP A CA  1 
ATOM   90   C C   . ASP A 1 11  ? -16.417 10.628  -11.570 1.00 37.38  ? 245 ASP A C   1 
ATOM   91   O O   . ASP A 1 11  ? -16.107 9.617   -10.942 1.00 36.74  ? 245 ASP A O   1 
ATOM   92   C CB  . ASP A 1 11  ? -18.698 10.964  -12.675 1.00 41.87  ? 245 ASP A CB  1 
ATOM   93   C CG  . ASP A 1 11  ? -19.476 10.180  -11.602 1.00 43.39  ? 245 ASP A CG  1 
ATOM   94   O OD1 . ASP A 1 11  ? -20.692 10.440  -11.485 1.00 46.51  ? 245 ASP A OD1 1 
ATOM   95   O OD2 . ASP A 1 11  ? -18.916 9.341   -10.867 1.00 46.63  ? 245 ASP A OD2 1 
ATOM   96   N N   . ASP A 1 12  ? -16.066 11.854  -11.186 1.00 35.44  ? 246 ASP A N   1 
ATOM   97   C CA  . ASP A 1 12  ? -15.297 12.081  -9.967  1.00 36.22  ? 246 ASP A CA  1 
ATOM   98   C C   . ASP A 1 12  ? -15.859 11.313  -8.752  1.00 36.18  ? 246 ASP A C   1 
ATOM   99   O O   . ASP A 1 12  ? -15.105 10.673  -8.018  1.00 37.69  ? 246 ASP A O   1 
ATOM   100  C CB  . ASP A 1 12  ? -15.200 13.583  -9.656  1.00 40.82  ? 246 ASP A CB  1 
ATOM   101  C CG  . ASP A 1 12  ? -14.380 14.373  -10.709 1.00 46.66  ? 246 ASP A CG  1 
ATOM   102  O OD1 . ASP A 1 12  ? -14.634 15.591  -10.858 1.00 44.11  ? 246 ASP A OD1 1 
ATOM   103  O OD2 . ASP A 1 12  ? -13.469 13.802  -11.363 1.00 45.70  ? 246 ASP A OD2 1 
ATOM   104  N N   . ARG A 1 13  ? -17.181 11.309  -8.583  1.00 33.32  ? 247 ARG A N   1 
ATOM   105  C CA  . ARG A 1 13  ? -17.801 10.613  -7.452  1.00 31.50  ? 247 ARG A CA  1 
ATOM   106  C C   . ARG A 1 13  ? -17.522 9.105   -7.443  1.00 30.05  ? 247 ARG A C   1 
ATOM   107  O O   . ARG A 1 13  ? -17.397 8.492   -6.378  1.00 27.18  ? 247 ARG A O   1 
ATOM   108  C CB  . ARG A 1 13  ? -19.308 10.873  -7.424  1.00 35.07  ? 247 ARG A CB  1 
ATOM   109  C CG  . ARG A 1 13  ? -20.063 10.118  -6.333  1.00 39.75  ? 247 ARG A CG  1 
ATOM   110  C CD  . ARG A 1 13  ? -20.151 10.893  -5.021  1.00 48.28  ? 247 ARG A CD  1 
ATOM   111  N NE  . ARG A 1 13  ? -18.854 11.140  -4.388  1.00 55.39  ? 247 ARG A NE  1 
ATOM   112  C CZ  . ARG A 1 13  ? -18.585 10.930  -3.097  1.00 55.70  ? 247 ARG A CZ  1 
ATOM   113  N NH1 . ARG A 1 13  ? -19.520 10.455  -2.282  1.00 54.14  ? 247 ARG A NH1 1 
ATOM   114  N NH2 . ARG A 1 13  ? -17.380 11.218  -2.611  1.00 47.71  ? 247 ARG A NH2 1 
ATOM   115  N N   . SER A 1 14  ? -17.450 8.498   -8.623  1.00 29.85  ? 248 SER A N   1 
ATOM   116  C CA  . SER A 1 14  ? -17.163 7.072   -8.705  1.00 29.13  ? 248 SER A CA  1 
ATOM   117  C C   . SER A 1 14  ? -15.731 6.800   -8.239  1.00 29.74  ? 248 SER A C   1 
ATOM   118  O O   . SER A 1 14  ? -15.497 5.918   -7.419  1.00 35.55  ? 248 SER A O   1 
ATOM   119  C CB  . SER A 1 14  ? -17.352 6.568   -10.131 1.00 27.55  ? 248 SER A CB  1 
ATOM   120  O OG  . SER A 1 14  ? -18.701 6.698   -10.526 1.00 33.93  ? 248 SER A OG  1 
ATOM   121  N N   . ILE A 1 15  ? -14.781 7.590   -8.728  1.00 27.94  ? 249 ILE A N   1 
ATOM   122  C CA  . ILE A 1 15  ? -13.380 7.413   -8.368  1.00 28.89  ? 249 ILE A CA  1 
ATOM   123  C C   . ILE A 1 15  ? -13.173 7.552   -6.864  1.00 29.76  ? 249 ILE A C   1 
ATOM   124  O O   . ILE A 1 15  ? -12.424 6.780   -6.264  1.00 31.18  ? 249 ILE A O   1 
ATOM   125  C CB  . ILE A 1 15  ? -12.471 8.392   -9.165  1.00 31.99  ? 249 ILE A CB  1 
ATOM   126  C CG1 . ILE A 1 15  ? -12.402 7.940   -10.632 1.00 27.04  ? 249 ILE A CG1 1 
ATOM   127  C CG2 . ILE A 1 15  ? -11.060 8.465   -8.551  1.00 30.67  ? 249 ILE A CG2 1 
ATOM   128  C CD1 . ILE A 1 15  ? -11.763 8.946   -11.549 1.00 30.90  ? 249 ILE A CD1 1 
ATOM   129  N N   . GLN A 1 16  ? -13.868 8.508   -6.254  1.00 25.19  ? 250 GLN A N   1 
ATOM   130  C CA  . GLN A 1 16  ? -13.772 8.724   -4.818  1.00 23.90  ? 250 GLN A CA  1 
ATOM   131  C C   . GLN A 1 16  ? -14.304 7.522   -4.032  1.00 23.42  ? 250 GLN A C   1 
ATOM   132  O O   . GLN A 1 16  ? -13.752 7.173   -2.998  1.00 22.48  ? 250 GLN A O   1 
ATOM   133  C CB  . GLN A 1 16  ? -14.535 9.989   -4.440  1.00 25.81  ? 250 GLN A CB  1 
ATOM   134  C CG  . GLN A 1 16  ? -13.899 11.245  -4.992  1.00 36.35  ? 250 GLN A CG  1 
ATOM   135  C CD  . GLN A 1 16  ? -14.839 12.430  -4.959  1.00 40.82  ? 250 GLN A CD  1 
ATOM   136  O OE1 . GLN A 1 16  ? -15.993 12.307  -4.538  1.00 45.22  ? 250 GLN A OE1 1 
ATOM   137  N NE2 . GLN A 1 16  ? -14.356 13.586  -5.412  1.00 39.58  ? 250 GLN A NE2 1 
ATOM   138  N N   . LEU A 1 17  ? -15.370 6.898   -4.536  1.00 19.95  ? 251 LEU A N   1 
ATOM   139  C CA  . LEU A 1 17  ? -15.967 5.740   -3.893  1.00 23.70  ? 251 LEU A CA  1 
ATOM   140  C C   . LEU A 1 17  ? -15.048 4.539   -4.054  1.00 29.62  ? 251 LEU A C   1 
ATOM   141  O O   . LEU A 1 17  ? -14.981 3.674   -3.175  1.00 31.75  ? 251 LEU A O   1 
ATOM   142  C CB  . LEU A 1 17  ? -17.346 5.438   -4.491  1.00 22.38  ? 251 LEU A CB  1 
ATOM   143  C CG  . LEU A 1 17  ? -18.483 6.465   -4.288  1.00 24.54  ? 251 LEU A CG  1 
ATOM   144  C CD1 . LEU A 1 17  ? -19.809 5.838   -4.677  1.00 27.38  ? 251 LEU A CD1 1 
ATOM   145  C CD2 . LEU A 1 17  ? -18.561 6.897   -2.845  1.00 19.99  ? 251 LEU A CD2 1 
ATOM   146  N N   . VAL A 1 18  ? -14.316 4.499   -5.168  1.00 31.27  ? 252 VAL A N   1 
ATOM   147  C CA  . VAL A 1 18  ? -13.378 3.401   -5.420  1.00 31.12  ? 252 VAL A CA  1 
ATOM   148  C C   . VAL A 1 18  ? -12.106 3.541   -4.569  1.00 33.10  ? 252 VAL A C   1 
ATOM   149  O O   . VAL A 1 18  ? -11.561 2.534   -4.114  1.00 35.24  ? 252 VAL A O   1 
ATOM   150  C CB  . VAL A 1 18  ? -13.002 3.276   -6.936  1.00 27.07  ? 252 VAL A CB  1 
ATOM   151  C CG1 . VAL A 1 18  ? -11.784 2.352   -7.111  1.00 27.00  ? 252 VAL A CG1 1 
ATOM   152  C CG2 . VAL A 1 18  ? -14.181 2.714   -7.728  1.00 20.87  ? 252 VAL A CG2 1 
ATOM   153  N N   . LEU A 1 19  ? -11.652 4.781   -4.350  1.00 32.25  ? 253 LEU A N   1 
ATOM   154  C CA  . LEU A 1 19  ? -10.453 5.064   -3.549  1.00 31.55  ? 253 LEU A CA  1 
ATOM   155  C C   . LEU A 1 19  ? -10.581 4.648   -2.080  1.00 35.06  ? 253 LEU A C   1 
ATOM   156  O O   . LEU A 1 19  ? -9.567  4.463   -1.415  1.00 40.15  ? 253 LEU A O   1 
ATOM   157  C CB  . LEU A 1 19  ? -10.051 6.542   -3.647  1.00 25.90  ? 253 LEU A CB  1 
ATOM   158  C CG  . LEU A 1 19  ? -9.528  7.050   -4.999  1.00 31.05  ? 253 LEU A CG  1 
ATOM   159  C CD1 . LEU A 1 19  ? -9.421  8.561   -5.032  1.00 28.79  ? 253 LEU A CD1 1 
ATOM   160  C CD2 . LEU A 1 19  ? -8.189  6.428   -5.296  1.00 33.21  ? 253 LEU A CD2 1 
ATOM   161  N N   . ARG A 1 20  ? -11.812 4.496   -1.582  1.00 35.98  ? 254 ARG A N   1 
ATOM   162  C CA  . ARG A 1 20  ? -12.066 4.068   -0.197  1.00 37.87  ? 254 ARG A CA  1 
ATOM   163  C C   . ARG A 1 20  ? -11.855 2.566   0.055   1.00 41.50  ? 254 ARG A C   1 
ATOM   164  O O   . ARG A 1 20  ? -11.723 2.152   1.201   1.00 47.79  ? 254 ARG A O   1 
ATOM   165  C CB  . ARG A 1 20  ? -13.505 4.385   0.240   1.00 40.33  ? 254 ARG A CB  1 
ATOM   166  C CG  . ARG A 1 20  ? -13.810 5.843   0.528   1.00 48.64  ? 254 ARG A CG  1 
ATOM   167  C CD  . ARG A 1 20  ? -15.070 5.988   1.379   1.00 46.14  ? 254 ARG A CD  1 
ATOM   168  N NE  . ARG A 1 20  ? -16.168 5.167   0.883   1.00 53.88  ? 254 ARG A NE  1 
ATOM   169  C CZ  . ARG A 1 20  ? -17.152 4.700   1.646   1.00 57.77  ? 254 ARG A CZ  1 
ATOM   170  N NH1 . ARG A 1 20  ? -17.180 4.980   2.943   1.00 59.34  ? 254 ARG A NH1 1 
ATOM   171  N NH2 . ARG A 1 20  ? -18.084 3.918   1.122   1.00 58.16  ? 254 ARG A NH2 1 
ATOM   172  N N   . GLU A 1 21  ? -11.868 1.743   -0.993  1.00 39.47  ? 255 GLU A N   1 
ATOM   173  C CA  . GLU A 1 21  ? -11.710 0.300   -0.827  1.00 32.41  ? 255 GLU A CA  1 
ATOM   174  C C   . GLU A 1 21  ? -10.299 -0.230  -1.113  1.00 30.69  ? 255 GLU A C   1 
ATOM   175  O O   . GLU A 1 21  ? -10.056 -1.428  -0.984  1.00 30.90  ? 255 GLU A O   1 
ATOM   176  C CB  . GLU A 1 21  ? -12.719 -0.429  -1.715  1.00 35.86  ? 255 GLU A CB  1 
ATOM   177  C CG  . GLU A 1 21  ? -14.125 0.178   -1.735  1.00 42.36  ? 255 GLU A CG  1 
ATOM   178  C CD  . GLU A 1 21  ? -14.894 -0.012  -0.437  1.00 51.22  ? 255 GLU A CD  1 
ATOM   179  O OE1 . GLU A 1 21  ? -15.907 0.695   -0.216  1.00 53.10  ? 255 GLU A OE1 1 
ATOM   180  O OE2 . GLU A 1 21  ? -14.502 -0.883  0.363   1.00 56.48  ? 255 GLU A OE2 1 
ATOM   181  N N   . VAL A 1 22  ? -9.381  0.649   -1.511  1.00 29.05  ? 256 VAL A N   1 
ATOM   182  C CA  . VAL A 1 22  ? -7.992  0.260   -1.821  1.00 30.75  ? 256 VAL A CA  1 
ATOM   183  C C   . VAL A 1 22  ? -7.063  0.731   -0.700  1.00 28.74  ? 256 VAL A C   1 
ATOM   184  O O   . VAL A 1 22  ? -7.374  1.691   0.005   1.00 32.54  ? 256 VAL A O   1 
ATOM   185  C CB  . VAL A 1 22  ? -7.470  0.942   -3.139  1.00 28.08  ? 256 VAL A CB  1 
ATOM   186  C CG1 . VAL A 1 22  ? -6.395  0.086   -3.802  1.00 27.03  ? 256 VAL A CG1 1 
ATOM   187  C CG2 . VAL A 1 22  ? -8.597  1.218   -4.097  1.00 33.67  ? 256 VAL A CG2 1 
ATOM   188  N N   . ASP A 1 23  ? -5.933  0.062   -0.514  1.00 25.51  ? 257 ASP A N   1 
ATOM   189  C CA  . ASP A 1 23  ? -5.000  0.515   0.507   1.00 22.86  ? 257 ASP A CA  1 
ATOM   190  C C   . ASP A 1 23  ? -3.920  1.325   -0.209  1.00 25.56  ? 257 ASP A C   1 
ATOM   191  O O   . ASP A 1 23  ? -3.917  1.397   -1.434  1.00 24.90  ? 257 ASP A O   1 
ATOM   192  C CB  . ASP A 1 23  ? -4.398  -0.659  1.276   1.00 27.17  ? 257 ASP A CB  1 
ATOM   193  C CG  . ASP A 1 23  ? -3.569  -1.596  0.399   1.00 34.36  ? 257 ASP A CG  1 
ATOM   194  O OD1 . ASP A 1 23  ? -3.621  -1.508  -0.850  1.00 32.57  ? 257 ASP A OD1 1 
ATOM   195  O OD2 . ASP A 1 23  ? -2.880  -2.457  0.981   1.00 30.95  ? 257 ASP A OD2 1 
ATOM   196  N N   . THR A 1 24  ? -2.999  1.917   0.547   1.00 27.50  ? 258 THR A N   1 
ATOM   197  C CA  . THR A 1 24  ? -1.926  2.736   -0.026  1.00 23.60  ? 258 THR A CA  1 
ATOM   198  C C   . THR A 1 24  ? -0.965  2.020   -1.001  1.00 23.10  ? 258 THR A C   1 
ATOM   199  O O   . THR A 1 24  ? -0.618  2.566   -2.046  1.00 23.27  ? 258 THR A O   1 
ATOM   200  C CB  . THR A 1 24  ? -1.125  3.422   1.101   1.00 23.65  ? 258 THR A CB  1 
ATOM   201  O OG1 . THR A 1 24  ? -2.040  4.070   1.993   1.00 25.03  ? 258 THR A OG1 1 
ATOM   202  C CG2 . THR A 1 24  ? -0.148  4.460   0.537   1.00 13.29  ? 258 THR A CG2 1 
ATOM   203  N N   . ARG A 1 25  ? -0.541  0.805   -0.659  1.00 22.44  ? 259 ARG A N   1 
ATOM   204  C CA  . ARG A 1 25  ? 0.377   0.043   -1.500  1.00 24.00  ? 259 ARG A CA  1 
ATOM   205  C C   . ARG A 1 25  ? -0.208  -0.296  -2.869  1.00 27.07  ? 259 ARG A C   1 
ATOM   206  O O   . ARG A 1 25  ? 0.469   -0.124  -3.879  1.00 29.05  ? 259 ARG A O   1 
ATOM   207  C CB  . ARG A 1 25  ? 0.841   -1.225  -0.780  1.00 25.76  ? 259 ARG A CB  1 
ATOM   208  C CG  . ARG A 1 25  ? 1.666   -2.172  -1.636  1.00 25.09  ? 259 ARG A CG  1 
ATOM   209  C CD  . ARG A 1 25  ? 2.885   -1.489  -2.233  1.00 25.76  ? 259 ARG A CD  1 
ATOM   210  N NE  . ARG A 1 25  ? 3.931   -1.195  -1.251  1.00 30.67  ? 259 ARG A NE  1 
ATOM   211  C CZ  . ARG A 1 25  ? 4.817   -2.080  -0.788  1.00 31.81  ? 259 ARG A CZ  1 
ATOM   212  N NH1 . ARG A 1 25  ? 4.802   -3.349  -1.201  1.00 27.98  ? 259 ARG A NH1 1 
ATOM   213  N NH2 . ARG A 1 25  ? 5.755   -1.677  0.064   1.00 31.33  ? 259 ARG A NH2 1 
ATOM   214  N N   . ASP A 1 26  ? -1.453  -0.777  -2.902  1.00 26.78  ? 260 ASP A N   1 
ATOM   215  C CA  . ASP A 1 26  ? -2.120  -1.111  -4.167  1.00 25.94  ? 260 ASP A CA  1 
ATOM   216  C C   . ASP A 1 26  ? -2.394  0.096   -5.056  1.00 22.63  ? 260 ASP A C   1 
ATOM   217  O O   . ASP A 1 26  ? -2.268  0.002   -6.266  1.00 27.68  ? 260 ASP A O   1 
ATOM   218  C CB  . ASP A 1 26  ? -3.420  -1.903  -3.939  1.00 28.15  ? 260 ASP A CB  1 
ATOM   219  C CG  . ASP A 1 26  ? -3.159  -3.348  -3.517  1.00 35.22  ? 260 ASP A CG  1 
ATOM   220  O OD1 . ASP A 1 26  ? -1.975  -3.734  -3.387  1.00 34.17  ? 260 ASP A OD1 1 
ATOM   221  O OD2 . ASP A 1 26  ? -4.137  -4.105  -3.307  1.00 37.54  ? 260 ASP A OD2 1 
ATOM   222  N N   . LEU A 1 27  ? -2.795  1.218   -4.481  1.00 20.66  ? 261 LEU A N   1 
ATOM   223  C CA  . LEU A 1 27  ? -3.032  2.403   -5.298  1.00 29.87  ? 261 LEU A CA  1 
ATOM   224  C C   . LEU A 1 27  ? -1.724  2.923   -5.911  1.00 28.90  ? 261 LEU A C   1 
ATOM   225  O O   . LEU A 1 27  ? -1.720  3.391   -7.050  1.00 34.48  ? 261 LEU A O   1 
ATOM   226  C CB  . LEU A 1 27  ? -3.730  3.523   -4.500  1.00 27.69  ? 261 LEU A CB  1 
ATOM   227  C CG  . LEU A 1 27  ? -4.015  4.825   -5.263  1.00 33.01  ? 261 LEU A CG  1 
ATOM   228  C CD1 . LEU A 1 27  ? -4.919  4.556   -6.464  1.00 29.50  ? 261 LEU A CD1 1 
ATOM   229  C CD2 . LEU A 1 27  ? -4.642  5.862   -4.349  1.00 31.88  ? 261 LEU A CD2 1 
ATOM   230  N N   . ALA A 1 28  ? -0.620  2.847   -5.167  1.00 31.25  ? 262 ALA A N   1 
ATOM   231  C CA  . ALA A 1 28  ? 0.682   3.313   -5.670  1.00 28.65  ? 262 ALA A CA  1 
ATOM   232  C C   . ALA A 1 28  ? 1.289   2.393   -6.752  1.00 31.39  ? 262 ALA A C   1 
ATOM   233  O O   . ALA A 1 28  ? 1.784   2.872   -7.776  1.00 32.71  ? 262 ALA A O   1 
ATOM   234  C CB  . ALA A 1 28  ? 1.648   3.510   -4.532  1.00 23.88  ? 262 ALA A CB  1 
ATOM   235  N N   . LEU A 1 29  ? 1.259   1.081   -6.534  1.00 26.92  ? 263 LEU A N   1 
ATOM   236  C CA  . LEU A 1 29  ? 1.766   0.142   -7.528  1.00 28.64  ? 263 LEU A CA  1 
ATOM   237  C C   . LEU A 1 29  ? 1.048   0.337   -8.888  1.00 30.67  ? 263 LEU A C   1 
ATOM   238  O O   . LEU A 1 29  ? 1.671   0.329   -9.950  1.00 30.10  ? 263 LEU A O   1 
ATOM   239  C CB  . LEU A 1 29  ? 1.577   -1.297  -7.034  1.00 27.44  ? 263 LEU A CB  1 
ATOM   240  C CG  . LEU A 1 29  ? 2.687   -1.915  -6.174  1.00 27.15  ? 263 LEU A CG  1 
ATOM   241  C CD1 . LEU A 1 29  ? 2.305   -3.328  -5.799  1.00 22.08  ? 263 LEU A CD1 1 
ATOM   242  C CD2 . LEU A 1 29  ? 4.016   -1.919  -6.939  1.00 20.60  ? 263 LEU A CD2 1 
ATOM   243  N N   . ALA A 1 30  ? -0.263  0.535   -8.838  1.00 31.19  ? 264 ALA A N   1 
ATOM   244  C CA  . ALA A 1 30  ? -1.068  0.728   -10.033 1.00 30.00  ? 264 ALA A CA  1 
ATOM   245  C C   . ALA A 1 30  ? -0.726  2.021   -10.769 1.00 33.66  ? 264 ALA A C   1 
ATOM   246  O O   . ALA A 1 30  ? -0.720  2.040   -11.998 1.00 34.11  ? 264 ALA A O   1 
ATOM   247  C CB  . ALA A 1 30  ? -2.525  0.701   -9.672  1.00 28.03  ? 264 ALA A CB  1 
ATOM   248  N N   . LEU A 1 31  ? -0.438  3.089   -10.021 1.00 31.86  ? 265 LEU A N   1 
ATOM   249  C CA  . LEU A 1 31  ? -0.087  4.395   -10.595 1.00 29.16  ? 265 LEU A CA  1 
ATOM   250  C C   . LEU A 1 31  ? 1.217   4.410   -11.401 1.00 28.17  ? 265 LEU A C   1 
ATOM   251  O O   . LEU A 1 31  ? 1.359   5.218   -12.318 1.00 29.56  ? 265 LEU A O   1 
ATOM   252  C CB  . LEU A 1 31  ? -0.034  5.460   -9.502  1.00 33.49  ? 265 LEU A CB  1 
ATOM   253  C CG  . LEU A 1 31  ? -1.310  6.211   -9.103  1.00 37.13  ? 265 LEU A CG  1 
ATOM   254  C CD1 . LEU A 1 31  ? -1.280  7.607   -9.689  1.00 38.66  ? 265 LEU A CD1 1 
ATOM   255  C CD2 . LEU A 1 31  ? -2.565  5.466   -9.552  1.00 39.14  ? 265 LEU A CD2 1 
ATOM   256  N N   . LYS A 1 32  ? 2.168   3.541   -11.048 1.00 28.13  ? 266 LYS A N   1 
ATOM   257  C CA  . LYS A 1 32  ? 3.443   3.435   -11.771 1.00 27.56  ? 266 LYS A CA  1 
ATOM   258  C C   . LYS A 1 32  ? 3.181   2.918   -13.187 1.00 26.84  ? 266 LYS A C   1 
ATOM   259  O O   . LYS A 1 32  ? 4.081   2.888   -14.013 1.00 31.30  ? 266 LYS A O   1 
ATOM   260  C CB  . LYS A 1 32  ? 4.398   2.455   -11.076 1.00 32.24  ? 266 LYS A CB  1 
ATOM   261  C CG  . LYS A 1 32  ? 4.610   2.697   -9.593  1.00 34.45  ? 266 LYS A CG  1 
ATOM   262  C CD  . LYS A 1 32  ? 5.570   3.809   -9.314  1.00 31.10  ? 266 LYS A CD  1 
ATOM   263  C CE  . LYS A 1 32  ? 6.984   3.314   -9.399  1.00 36.51  ? 266 LYS A CE  1 
ATOM   264  N NZ  . LYS A 1 32  ? 7.902   4.402   -9.019  1.00 37.19  ? 266 LYS A NZ  1 
ATOM   265  N N   . GLY A 1 33  ? 1.959   2.456   -13.437 1.00 27.41  ? 267 GLY A N   1 
ATOM   266  C CA  . GLY A 1 33  ? 1.590   1.964   -14.752 1.00 27.02  ? 267 GLY A CA  1 
ATOM   267  C C   . GLY A 1 33  ? 0.382   2.697   -15.319 1.00 27.36  ? 267 GLY A C   1 
ATOM   268  O O   . GLY A 1 33  ? -0.415  2.113   -16.058 1.00 23.68  ? 267 GLY A O   1 
ATOM   269  N N   . ALA A 1 34  ? 0.246   3.976   -14.969 1.00 25.19  ? 268 ALA A N   1 
ATOM   270  C CA  . ALA A 1 34  ? -0.870  4.811   -15.427 1.00 27.74  ? 268 ALA A CA  1 
ATOM   271  C C   . ALA A 1 34  ? -0.407  6.011   -16.260 1.00 30.99  ? 268 ALA A C   1 
ATOM   272  O O   . ALA A 1 34  ? 0.741   6.462   -16.142 1.00 29.22  ? 268 ALA A O   1 
ATOM   273  C CB  . ALA A 1 34  ? -1.674  5.305   -14.224 1.00 23.22  ? 268 ALA A CB  1 
ATOM   274  N N   . SER A 1 35  ? -1.296  6.530   -17.105 1.00 32.68  ? 269 SER A N   1 
ATOM   275  C CA  . SER A 1 35  ? -0.959  7.706   -17.916 1.00 36.16  ? 269 SER A CA  1 
ATOM   276  C C   . SER A 1 35  ? -0.859  8.948   -17.011 1.00 34.44  ? 269 SER A C   1 
ATOM   277  O O   . SER A 1 35  ? -1.492  9.002   -15.955 1.00 35.97  ? 269 SER A O   1 
ATOM   278  C CB  . SER A 1 35  ? -1.996  7.917   -19.053 1.00 36.31  ? 269 SER A CB  1 
ATOM   279  O OG  . SER A 1 35  ? -3.352  7.885   -18.607 1.00 27.05  ? 269 SER A OG  1 
ATOM   280  N N   . ASP A 1 36  ? -0.024  9.916   -17.386 1.00 37.60  ? 270 ASP A N   1 
ATOM   281  C CA  . ASP A 1 36  ? 0.122   11.144  -16.603 1.00 36.83  ? 270 ASP A CA  1 
ATOM   282  C C   . ASP A 1 36  ? -1.264  11.725  -16.352 1.00 36.93  ? 270 ASP A C   1 
ATOM   283  O O   . ASP A 1 36  ? -1.546  12.274  -15.287 1.00 35.78  ? 270 ASP A O   1 
ATOM   284  C CB  . ASP A 1 36  ? 0.963   12.171  -17.372 1.00 40.32  ? 270 ASP A CB  1 
ATOM   285  C CG  . ASP A 1 36  ? 2.460   12.000  -17.149 1.00 43.97  ? 270 ASP A CG  1 
ATOM   286  O OD1 . ASP A 1 36  ? 2.866   11.191  -16.279 1.00 43.67  ? 270 ASP A OD1 1 
ATOM   287  O OD2 . ASP A 1 36  ? 3.234   12.702  -17.844 1.00 45.00  ? 270 ASP A OD2 1 
ATOM   288  N N   . GLU A 1 37  ? -2.123  11.538  -17.348 1.00 37.75  ? 271 GLU A N   1 
ATOM   289  C CA  . GLU A 1 37  ? -3.496  11.998  -17.349 1.00 39.51  ? 271 GLU A CA  1 
ATOM   290  C C   . GLU A 1 37  ? -4.394  11.272  -16.321 1.00 42.61  ? 271 GLU A C   1 
ATOM   291  O O   . GLU A 1 37  ? -5.242  11.909  -15.685 1.00 44.74  ? 271 GLU A O   1 
ATOM   292  C CB  . GLU A 1 37  ? -4.056  11.853  -18.758 1.00 37.90  ? 271 GLU A CB  1 
ATOM   293  C CG  . GLU A 1 37  ? -5.131  12.848  -19.108 1.00 49.98  ? 271 GLU A CG  1 
ATOM   294  C CD  . GLU A 1 37  ? -6.177  12.287  -20.074 1.00 58.73  ? 271 GLU A CD  1 
ATOM   295  O OE1 . GLU A 1 37  ? -5.802  11.684  -21.109 1.00 61.53  ? 271 GLU A OE1 1 
ATOM   296  O OE2 . GLU A 1 37  ? -7.386  12.451  -19.791 1.00 63.44  ? 271 GLU A OE2 1 
ATOM   297  N N   . LEU A 1 38  ? -4.251  9.947   -16.178 1.00 42.20  ? 272 LEU A N   1 
ATOM   298  C CA  . LEU A 1 38  ? -5.060  9.202   -15.186 1.00 36.22  ? 272 LEU A CA  1 
ATOM   299  C C   . LEU A 1 38  ? -4.553  9.530   -13.785 1.00 34.96  ? 272 LEU A C   1 
ATOM   300  O O   . LEU A 1 38  ? -5.335  9.567   -12.840 1.00 31.18  ? 272 LEU A O   1 
ATOM   301  C CB  . LEU A 1 38  ? -5.037  7.689   -15.435 1.00 31.77  ? 272 LEU A CB  1 
ATOM   302  C CG  . LEU A 1 38  ? -5.657  6.742   -14.391 1.00 28.16  ? 272 LEU A CG  1 
ATOM   303  C CD1 . LEU A 1 38  ? -7.004  7.213   -13.874 1.00 24.27  ? 272 LEU A CD1 1 
ATOM   304  C CD2 . LEU A 1 38  ? -5.791  5.372   -15.004 1.00 26.80  ? 272 LEU A CD2 1 
ATOM   305  N N   . LYS A 1 39  ? -3.252  9.806   -13.677 1.00 33.38  ? 273 LYS A N   1 
ATOM   306  C CA  . LYS A 1 39  ? -2.631  10.189  -12.412 1.00 41.29  ? 273 LYS A CA  1 
ATOM   307  C C   . LYS A 1 39  ? -3.281  11.456  -11.816 1.00 44.22  ? 273 LYS A C   1 
ATOM   308  O O   . LYS A 1 39  ? -3.674  11.459  -10.647 1.00 45.43  ? 273 LYS A O   1 
ATOM   309  C CB  . LYS A 1 39  ? -1.129  10.439  -12.596 1.00 38.60  ? 273 LYS A CB  1 
ATOM   310  C CG  . LYS A 1 39  ? -0.289  9.199   -12.753 1.00 39.22  ? 273 LYS A CG  1 
ATOM   311  C CD  . LYS A 1 39  ? 1.188   9.532   -12.636 1.00 42.22  ? 273 LYS A CD  1 
ATOM   312  C CE  . LYS A 1 39  ? 2.044   8.330   -12.976 1.00 43.10  ? 273 LYS A CE  1 
ATOM   313  N NZ  . LYS A 1 39  ? 3.494   8.589   -12.756 1.00 43.73  ? 273 LYS A NZ  1 
ATOM   314  N N   . GLU A 1 40  ? -3.386  12.522  -12.618 1.00 46.86  ? 274 GLU A N   1 
ATOM   315  C CA  . GLU A 1 40  ? -3.990  13.782  -12.165 1.00 47.47  ? 274 GLU A CA  1 
ATOM   316  C C   . GLU A 1 40  ? -5.476  13.580  -11.863 1.00 43.97  ? 274 GLU A C   1 
ATOM   317  O O   . GLU A 1 40  ? -6.021  14.202  -10.956 1.00 49.06  ? 274 GLU A O   1 
ATOM   318  C CB  . GLU A 1 40  ? -3.828  14.906  -13.206 1.00 53.26  ? 274 GLU A CB  1 
ATOM   319  C CG  . GLU A 1 40  ? -2.456  15.011  -13.899 1.00 64.39  ? 274 GLU A CG  1 
ATOM   320  C CD  . GLU A 1 40  ? -1.257  14.923  -12.948 1.00 69.86  ? 274 GLU A CD  1 
ATOM   321  O OE1 . GLU A 1 40  ? -1.285  15.546  -11.859 1.00 69.78  ? 274 GLU A OE1 1 
ATOM   322  O OE2 . GLU A 1 40  ? -0.275  14.228  -13.307 1.00 72.09  ? 274 GLU A OE2 1 
ATOM   323  N N   . LYS A 1 41  ? -6.132  12.733  -12.646 1.00 38.11  ? 275 LYS A N   1 
ATOM   324  C CA  . LYS A 1 41  ? -7.539  12.435  -12.428 1.00 39.31  ? 275 LYS A CA  1 
ATOM   325  C C   . LYS A 1 41  ? -7.697  11.753  -11.061 1.00 43.09  ? 275 LYS A C   1 
ATOM   326  O O   . LYS A 1 41  ? -8.693  11.975  -10.368 1.00 44.96  ? 275 LYS A O   1 
ATOM   327  C CB  . LYS A 1 41  ? -8.057  11.515  -13.529 1.00 35.40  ? 275 LYS A CB  1 
ATOM   328  C CG  . LYS A 1 41  ? -9.484  11.090  -13.340 1.00 35.70  ? 275 LYS A CG  1 
ATOM   329  C CD  . LYS A 1 41  ? -10.390 11.759  -14.345 1.00 39.74  ? 275 LYS A CD  1 
ATOM   330  C CE  . LYS A 1 41  ? -11.825 11.322  -14.117 1.00 45.25  ? 275 LYS A CE  1 
ATOM   331  N NZ  . LYS A 1 41  ? -12.704 11.617  -15.292 1.00 50.43  ? 275 LYS A NZ  1 
ATOM   332  N N   . ILE A 1 42  ? -6.707  10.935  -10.681 1.00 41.29  ? 276 ILE A N   1 
ATOM   333  C CA  . ILE A 1 42  ? -6.697  10.221  -9.394  1.00 36.43  ? 276 ILE A CA  1 
ATOM   334  C C   . ILE A 1 42  ? -6.308  11.126  -8.215  1.00 35.66  ? 276 ILE A C   1 
ATOM   335  O O   . ILE A 1 42  ? -6.946  11.077  -7.161  1.00 32.35  ? 276 ILE A O   1 
ATOM   336  C CB  . ILE A 1 42  ? -5.749  8.968   -9.422  1.00 36.09  ? 276 ILE A CB  1 
ATOM   337  C CG1 . ILE A 1 42  ? -6.408  7.817   -10.187 1.00 33.16  ? 276 ILE A CG1 1 
ATOM   338  C CG2 . ILE A 1 42  ? -5.397  8.512   -8.000  1.00 29.10  ? 276 ILE A CG2 1 
ATOM   339  C CD1 . ILE A 1 42  ? -7.674  7.330   -9.534  1.00 30.65  ? 276 ILE A CD1 1 
ATOM   340  N N   . PHE A 1 43  ? -5.270  11.947  -8.383  1.00 35.53  ? 277 PHE A N   1 
ATOM   341  C CA  . PHE A 1 43  ? -4.842  12.835  -7.302  1.00 35.32  ? 277 PHE A CA  1 
ATOM   342  C C   . PHE A 1 43  ? -5.921  13.868  -6.970  1.00 37.60  ? 277 PHE A C   1 
ATOM   343  O O   . PHE A 1 43  ? -6.130  14.198  -5.806  1.00 40.32  ? 277 PHE A O   1 
ATOM   344  C CB  . PHE A 1 43  ? -3.524  13.541  -7.647  1.00 36.44  ? 277 PHE A CB  1 
ATOM   345  C CG  . PHE A 1 43  ? -2.305  12.662  -7.513  1.00 39.28  ? 277 PHE A CG  1 
ATOM   346  C CD1 . PHE A 1 43  ? -1.840  12.283  -6.250  1.00 40.61  ? 277 PHE A CD1 1 
ATOM   347  C CD2 . PHE A 1 43  ? -1.615  12.222  -8.645  1.00 35.71  ? 277 PHE A CD2 1 
ATOM   348  C CE1 . PHE A 1 43  ? -0.693  11.473  -6.121  1.00 42.40  ? 277 PHE A CE1 1 
ATOM   349  C CE2 . PHE A 1 43  ? -0.475  11.416  -8.527  1.00 38.11  ? 277 PHE A CE2 1 
ATOM   350  C CZ  . PHE A 1 43  ? -0.013  11.040  -7.266  1.00 38.03  ? 277 PHE A CZ  1 
ATOM   351  N N   . LYS A 1 44  ? -6.631  14.331  -7.995  1.00 38.04  ? 278 LYS A N   1 
ATOM   352  C CA  . LYS A 1 44  ? -7.689  15.326  -7.850  1.00 39.15  ? 278 LYS A CA  1 
ATOM   353  C C   . LYS A 1 44  ? -8.847  14.849  -6.967  1.00 40.87  ? 278 LYS A C   1 
ATOM   354  O O   . LYS A 1 44  ? -9.579  15.663  -6.408  1.00 42.97  ? 278 LYS A O   1 
ATOM   355  C CB  . LYS A 1 44  ? -8.193  15.722  -9.244  1.00 41.60  ? 278 LYS A CB  1 
ATOM   356  C CG  . LYS A 1 44  ? -9.519  16.453  -9.294  1.00 45.77  ? 278 LYS A CG  1 
ATOM   357  C CD  . LYS A 1 44  ? -10.131 16.352  -10.689 1.00 49.16  ? 278 LYS A CD  1 
ATOM   358  C CE  . LYS A 1 44  ? -11.559 16.902  -10.723 1.00 52.32  ? 278 LYS A CE  1 
ATOM   359  N NZ  . LYS A 1 44  ? -12.231 16.639  -12.037 1.00 54.76  ? 278 LYS A NZ  1 
ATOM   360  N N   . ASN A 1 45  ? -8.982  13.538  -6.796  1.00 38.72  ? 279 ASN A N   1 
ATOM   361  C CA  . ASN A 1 45  ? -10.068 12.985  -5.991  1.00 38.90  ? 279 ASN A CA  1 
ATOM   362  C C   . ASN A 1 45  ? -9.684  12.433  -4.614  1.00 38.12  ? 279 ASN A C   1 
ATOM   363  O O   . ASN A 1 45  ? -10.415 11.641  -4.024  1.00 39.29  ? 279 ASN A O   1 
ATOM   364  C CB  . ASN A 1 45  ? -10.806 11.926  -6.802  1.00 38.32  ? 279 ASN A CB  1 
ATOM   365  C CG  . ASN A 1 45  ? -11.623 12.531  -7.922  1.00 44.34  ? 279 ASN A CG  1 
ATOM   366  O OD1 . ASN A 1 45  ? -12.623 13.212  -7.672  1.00 45.83  ? 279 ASN A OD1 1 
ATOM   367  N ND2 . ASN A 1 45  ? -11.198 12.301  -9.164  1.00 39.21  ? 279 ASN A ND2 1 
ATOM   368  N N   . MET A 1 46  ? -8.531  12.849  -4.113  1.00 38.95  ? 280 MET A N   1 
ATOM   369  C CA  . MET A 1 46  ? -8.050  12.419  -2.806  1.00 38.88  ? 280 MET A CA  1 
ATOM   370  C C   . MET A 1 46  ? -7.870  13.673  -1.963  1.00 40.88  ? 280 MET A C   1 
ATOM   371  O O   . MET A 1 46  ? -7.541  14.732  -2.501  1.00 40.74  ? 280 MET A O   1 
ATOM   372  C CB  . MET A 1 46  ? -6.675  11.767  -2.931  1.00 45.21  ? 280 MET A CB  1 
ATOM   373  C CG  . MET A 1 46  ? -6.577  10.501  -3.766  1.00 46.66  ? 280 MET A CG  1 
ATOM   374  S SD  . MET A 1 46  ? -4.838  9.982   -3.837  1.00 46.94  ? 280 MET A SD  1 
ATOM   375  C CE  . MET A 1 46  ? -4.687  9.134   -2.296  1.00 43.52  ? 280 MET A CE  1 
ATOM   376  N N   . SER A 1 47  ? -8.031  13.555  -0.648  1.00 40.16  ? 281 SER A N   1 
ATOM   377  C CA  . SER A 1 47  ? -7.845  14.708  0.229   1.00 44.39  ? 281 SER A CA  1 
ATOM   378  C C   . SER A 1 47  ? -6.405  15.212  0.092   1.00 46.12  ? 281 SER A C   1 
ATOM   379  O O   . SER A 1 47  ? -5.564  14.538  -0.506  1.00 46.86  ? 281 SER A O   1 
ATOM   380  C CB  . SER A 1 47  ? -8.118  14.330  1.683   1.00 44.11  ? 281 SER A CB  1 
ATOM   381  O OG  . SER A 1 47  ? -7.062  13.550  2.220   1.00 45.80  ? 281 SER A OG  1 
ATOM   382  N N   . LYS A 1 48  ? -6.136  16.393  0.649   1.00 52.68  ? 282 LYS A N   1 
ATOM   383  C CA  . LYS A 1 48  ? -4.811  17.034  0.611   1.00 56.93  ? 282 LYS A CA  1 
ATOM   384  C C   . LYS A 1 48  ? -3.755  16.141  1.265   1.00 58.87  ? 282 LYS A C   1 
ATOM   385  O O   . LYS A 1 48  ? -2.624  16.026  0.776   1.00 57.28  ? 282 LYS A O   1 
ATOM   386  C CB  . LYS A 1 48  ? -4.861  18.381  1.362   1.00 60.81  ? 282 LYS A CB  1 
ATOM   387  C CG  . LYS A 1 48  ? -4.433  19.604  0.546   1.00 63.85  ? 282 LYS A CG  1 
ATOM   388  C CD  . LYS A 1 48  ? -5.542  20.087  -0.384  1.00 65.17  ? 282 LYS A CD  1 
ATOM   389  C CE  . LYS A 1 48  ? -6.424  21.139  0.276   1.00 66.81  ? 282 LYS A CE  1 
ATOM   390  N NZ  . LYS A 1 48  ? -5.721  22.440  0.460   1.00 66.90  ? 282 LYS A NZ  1 
ATOM   391  N N   . ARG A 1 49  ? -4.159  15.511  2.369   1.00 60.46  ? 283 ARG A N   1 
ATOM   392  C CA  . ARG A 1 49  ? -3.326  14.623  3.173   1.00 62.42  ? 283 ARG A CA  1 
ATOM   393  C C   . ARG A 1 49  ? -3.163  13.227  2.549   1.00 60.65  ? 283 ARG A C   1 
ATOM   394  O O   . ARG A 1 49  ? -2.042  12.719  2.442   1.00 62.44  ? 283 ARG A O   1 
ATOM   395  C CB  . ARG A 1 49  ? -3.937  14.528  4.575   1.00 68.34  ? 283 ARG A CB  1 
ATOM   396  C CG  . ARG A 1 49  ? -2.996  14.082  5.687   1.00 77.68  ? 283 ARG A CG  1 
ATOM   397  C CD  . ARG A 1 49  ? -3.574  14.505  7.036   1.00 82.12  ? 283 ARG A CD  1 
ATOM   398  N NE  . ARG A 1 49  ? -2.904  13.895  8.184   1.00 84.06  ? 283 ARG A NE  1 
ATOM   399  C CZ  . ARG A 1 49  ? -3.462  13.764  9.386   1.00 83.46  ? 283 ARG A CZ  1 
ATOM   400  N NH1 . ARG A 1 49  ? -4.701  14.202  9.591   1.00 82.14  ? 283 ARG A NH1 1 
ATOM   401  N NH2 . ARG A 1 49  ? -2.785  13.202  10.384  1.00 80.67  ? 283 ARG A NH2 1 
ATOM   402  N N   . ALA A 1 50  ? -4.278  12.614  2.144   1.00 56.29  ? 284 ALA A N   1 
ATOM   403  C CA  . ALA A 1 50  ? -4.270  11.286  1.513   1.00 48.17  ? 284 ALA A CA  1 
ATOM   404  C C   . ALA A 1 50  ? -3.324  11.263  0.320   1.00 44.34  ? 284 ALA A C   1 
ATOM   405  O O   . ALA A 1 50  ? -2.685  10.251  0.046   1.00 39.76  ? 284 ALA A O   1 
ATOM   406  C CB  . ALA A 1 50  ? -5.666  10.911  1.057   1.00 46.25  ? 284 ALA A CB  1 
ATOM   407  N N   . ALA A 1 51  ? -3.253  12.392  -0.381  1.00 39.47  ? 285 ALA A N   1 
ATOM   408  C CA  . ALA A 1 51  ? -2.392  12.540  -1.546  1.00 41.57  ? 285 ALA A CA  1 
ATOM   409  C C   . ALA A 1 51  ? -0.915  12.624  -1.156  1.00 42.34  ? 285 ALA A C   1 
ATOM   410  O O   . ALA A 1 51  ? -0.034  12.119  -1.879  1.00 42.32  ? 285 ALA A O   1 
ATOM   411  C CB  . ALA A 1 51  ? -2.802  13.764  -2.335  1.00 36.95  ? 285 ALA A CB  1 
ATOM   412  N N   . ALA A 1 52  ? -0.653  13.279  -0.026  1.00 41.98  ? 286 ALA A N   1 
ATOM   413  C CA  . ALA A 1 52  ? 0.705   13.434  0.486   1.00 39.87  ? 286 ALA A CA  1 
ATOM   414  C C   . ALA A 1 52  ? 1.239   12.096  0.995   1.00 39.55  ? 286 ALA A C   1 
ATOM   415  O O   . ALA A 1 52  ? 2.432   11.826  0.858   1.00 41.63  ? 286 ALA A O   1 
ATOM   416  C CB  . ALA A 1 52  ? 0.745   14.481  1.585   1.00 39.90  ? 286 ALA A CB  1 
ATOM   417  N N   . LEU A 1 53  ? 0.363   11.275  1.592   1.00 36.14  ? 287 LEU A N   1 
ATOM   418  C CA  . LEU A 1 53  ? 0.747   9.941   2.076   1.00 36.51  ? 287 LEU A CA  1 
ATOM   419  C C   . LEU A 1 53  ? 1.103   9.081   0.869   1.00 37.20  ? 287 LEU A C   1 
ATOM   420  O O   . LEU A 1 53  ? 1.964   8.203   0.951   1.00 33.12  ? 287 LEU A O   1 
ATOM   421  C CB  . LEU A 1 53  ? -0.408  9.241   2.801   1.00 38.90  ? 287 LEU A CB  1 
ATOM   422  C CG  . LEU A 1 53  ? -0.728  9.450   4.277   1.00 44.02  ? 287 LEU A CG  1 
ATOM   423  C CD1 . LEU A 1 53  ? -1.717  8.362   4.721   1.00 39.35  ? 287 LEU A CD1 1 
ATOM   424  C CD2 . LEU A 1 53  ? 0.546   9.349   5.087   1.00 44.77  ? 287 LEU A CD2 1 
ATOM   425  N N   . LEU A 1 54  ? 0.393   9.324   -0.235  1.00 38.38  ? 288 LEU A N   1 
ATOM   426  C CA  . LEU A 1 54  ? 0.596   8.592   -1.476  1.00 37.72  ? 288 LEU A CA  1 
ATOM   427  C C   . LEU A 1 54  ? 1.958   8.900   -2.068  1.00 39.24  ? 288 LEU A C   1 
ATOM   428  O O   . LEU A 1 54  ? 2.680   7.985   -2.466  1.00 32.39  ? 288 LEU A O   1 
ATOM   429  C CB  . LEU A 1 54  ? -0.506  8.922   -2.488  1.00 38.38  ? 288 LEU A CB  1 
ATOM   430  C CG  . LEU A 1 54  ? -0.521  8.105   -3.798  1.00 41.56  ? 288 LEU A CG  1 
ATOM   431  C CD1 . LEU A 1 54  ? -0.479  6.613   -3.485  1.00 41.87  ? 288 LEU A CD1 1 
ATOM   432  C CD2 . LEU A 1 54  ? -1.762  8.423   -4.632  1.00 35.77  ? 288 LEU A CD2 1 
ATOM   433  N N   . LYS A 1 55  ? 2.308   10.188  -2.121  1.00 45.40  ? 289 LYS A N   1 
ATOM   434  C CA  . LYS A 1 55  ? 3.610   10.606  -2.659  1.00 49.75  ? 289 LYS A CA  1 
ATOM   435  C C   . LYS A 1 55  ? 4.768   10.124  -1.788  1.00 47.46  ? 289 LYS A C   1 
ATOM   436  O O   . LYS A 1 55  ? 5.880   9.914   -2.280  1.00 45.50  ? 289 LYS A O   1 
ATOM   437  C CB  . LYS A 1 55  ? 3.649   12.125  -2.881  1.00 52.27  ? 289 LYS A CB  1 
ATOM   438  C CG  . LYS A 1 55  ? 2.802   12.528  -4.092  1.00 60.63  ? 289 LYS A CG  1 
ATOM   439  C CD  . LYS A 1 55  ? 2.807   14.021  -4.393  1.00 61.98  ? 289 LYS A CD  1 
ATOM   440  C CE  . LYS A 1 55  ? 2.076   14.288  -5.711  1.00 61.74  ? 289 LYS A CE  1 
ATOM   441  N NZ  . LYS A 1 55  ? 1.900   15.741  -6.001  1.00 58.31  ? 289 LYS A NZ  1 
ATOM   442  N N   . ASP A 1 56  ? 4.473   9.913   -0.504  1.00 46.72  ? 290 ASP A N   1 
ATOM   443  C CA  . ASP A 1 56  ? 5.453   9.413   0.450   1.00 44.00  ? 290 ASP A CA  1 
ATOM   444  C C   . ASP A 1 56  ? 5.751   7.985   0.021   1.00 40.02  ? 290 ASP A C   1 
ATOM   445  O O   . ASP A 1 56  ? 6.892   7.633   -0.265  1.00 43.60  ? 290 ASP A O   1 
ATOM   446  C CB  . ASP A 1 56  ? 4.875   9.402   1.880   1.00 47.74  ? 290 ASP A CB  1 
ATOM   447  C CG  . ASP A 1 56  ? 4.970   10.764  2.587   1.00 50.99  ? 290 ASP A CG  1 
ATOM   448  O OD1 . ASP A 1 56  ? 5.372   11.768  1.959   1.00 51.75  ? 290 ASP A OD1 1 
ATOM   449  O OD2 . ASP A 1 56  ? 4.644   10.824  3.797   1.00 52.83  ? 290 ASP A OD2 1 
ATOM   450  N N   . GLU A 1 57  ? 4.697   7.182   -0.076  1.00 35.75  ? 291 GLU A N   1 
ATOM   451  C CA  . GLU A 1 57  ? 4.812   5.782   -0.477  1.00 34.72  ? 291 GLU A CA  1 
ATOM   452  C C   . GLU A 1 57  ? 5.521   5.620   -1.807  1.00 35.09  ? 291 GLU A C   1 
ATOM   453  O O   . GLU A 1 57  ? 6.400   4.779   -1.933  1.00 38.88  ? 291 GLU A O   1 
ATOM   454  C CB  . GLU A 1 57  ? 3.427   5.122   -0.560  1.00 32.50  ? 291 GLU A CB  1 
ATOM   455  C CG  . GLU A 1 57  ? 3.425   3.647   -1.011  1.00 29.96  ? 291 GLU A CG  1 
ATOM   456  C CD  . GLU A 1 57  ? 3.853   2.662   0.073   1.00 28.55  ? 291 GLU A CD  1 
ATOM   457  O OE1 . GLU A 1 57  ? 4.907   2.859   0.698   1.00 32.48  ? 291 GLU A OE1 1 
ATOM   458  O OE2 . GLU A 1 57  ? 3.145   1.664   0.285   1.00 28.48  ? 291 GLU A OE2 1 
ATOM   459  N N   . LEU A 1 58  ? 5.129   6.424   -2.793  1.00 36.23  ? 292 LEU A N   1 
ATOM   460  C CA  . LEU A 1 58  ? 5.728   6.360   -4.121  1.00 40.16  ? 292 LEU A CA  1 
ATOM   461  C C   . LEU A 1 58  ? 7.225   6.634   -4.099  1.00 42.67  ? 292 LEU A C   1 
ATOM   462  O O   . LEU A 1 58  ? 7.979   6.006   -4.848  1.00 45.01  ? 292 LEU A O   1 
ATOM   463  C CB  . LEU A 1 58  ? 5.005   7.298   -5.112  1.00 38.25  ? 292 LEU A CB  1 
ATOM   464  C CG  . LEU A 1 58  ? 3.762   6.718   -5.812  1.00 34.40  ? 292 LEU A CG  1 
ATOM   465  C CD1 . LEU A 1 58  ? 2.897   7.805   -6.403  1.00 31.75  ? 292 LEU A CD1 1 
ATOM   466  C CD2 . LEU A 1 58  ? 4.170   5.723   -6.874  1.00 26.45  ? 292 LEU A CD2 1 
ATOM   467  N N   . GLU A 1 59  ? 7.659   7.544   -3.230  1.00 45.29  ? 293 GLU A N   1 
ATOM   468  C CA  . GLU A 1 59  ? 9.081   7.856   -3.122  1.00 44.98  ? 293 GLU A CA  1 
ATOM   469  C C   . GLU A 1 59  ? 9.783   6.764   -2.315  1.00 44.07  ? 293 GLU A C   1 
ATOM   470  O O   . GLU A 1 59  ? 10.906  6.376   -2.629  1.00 43.21  ? 293 GLU A O   1 
ATOM   471  C CB  . GLU A 1 59  ? 9.292   9.218   -2.455  1.00 49.42  ? 293 GLU A CB  1 
ATOM   472  C CG  . GLU A 1 59  ? 10.729  9.737   -2.553  1.00 59.82  ? 293 GLU A CG  1 
ATOM   473  C CD  . GLU A 1 59  ? 11.074  10.767  -1.475  1.00 67.09  ? 293 GLU A CD  1 
ATOM   474  O OE1 . GLU A 1 59  ? 10.244  11.669  -1.205  1.00 68.21  ? 293 GLU A OE1 1 
ATOM   475  O OE2 . GLU A 1 59  ? 12.180  10.668  -0.888  1.00 70.27  ? 293 GLU A OE2 1 
ATOM   476  N N   . TYR A 1 60  ? 9.094   6.256   -1.293  1.00 40.36  ? 294 TYR A N   1 
ATOM   477  C CA  . TYR A 1 60  ? 9.617   5.205   -0.422  1.00 38.96  ? 294 TYR A CA  1 
ATOM   478  C C   . TYR A 1 60  ? 9.945   3.889   -1.148  1.00 43.27  ? 294 TYR A C   1 
ATOM   479  O O   . TYR A 1 60  ? 11.012  3.305   -0.928  1.00 40.42  ? 294 TYR A O   1 
ATOM   480  C CB  . TYR A 1 60  ? 8.604   4.943   0.697   1.00 33.81  ? 294 TYR A CB  1 
ATOM   481  C CG  . TYR A 1 60  ? 8.854   3.692   1.509   1.00 35.20  ? 294 TYR A CG  1 
ATOM   482  C CD1 . TYR A 1 60  ? 9.519   3.763   2.736   1.00 38.25  ? 294 TYR A CD1 1 
ATOM   483  C CD2 . TYR A 1 60  ? 8.410   2.436   1.070   1.00 32.98  ? 294 TYR A CD2 1 
ATOM   484  C CE1 . TYR A 1 60  ? 9.740   2.607   3.513   1.00 36.64  ? 294 TYR A CE1 1 
ATOM   485  C CE2 . TYR A 1 60  ? 8.630   1.270   1.841   1.00 29.61  ? 294 TYR A CE2 1 
ATOM   486  C CZ  . TYR A 1 60  ? 9.295   1.372   3.063   1.00 34.70  ? 294 TYR A CZ  1 
ATOM   487  O OH  . TYR A 1 60  ? 9.531   0.264   3.846   1.00 28.98  ? 294 TYR A OH  1 
ATOM   488  N N   . MET A 1 61  ? 9.016   3.444   -2.005  1.00 46.15  ? 295 MET A N   1 
ATOM   489  C CA  . MET A 1 61  ? 9.097   2.188   -2.769  1.00 47.21  ? 295 MET A CA  1 
ATOM   490  C C   . MET A 1 61  ? 10.285  1.944   -3.669  1.00 49.29  ? 295 MET A C   1 
ATOM   491  O O   . MET A 1 61  ? 10.976  0.935   -3.537  1.00 52.71  ? 295 MET A O   1 
ATOM   492  C CB  . MET A 1 61  ? 7.847   1.992   -3.629  1.00 46.50  ? 295 MET A CB  1 
ATOM   493  C CG  . MET A 1 61  ? 6.601   1.578   -2.885  1.00 49.62  ? 295 MET A CG  1 
ATOM   494  S SD  . MET A 1 61  ? 5.272   1.099   -4.034  1.00 49.55  ? 295 MET A SD  1 
ATOM   495  C CE  . MET A 1 61  ? 5.595   2.209   -5.427  1.00 53.44  ? 295 MET A CE  1 
ATOM   496  N N   . GLY A 1 62  ? 10.439  2.797   -4.670  1.00 50.48  ? 296 GLY A N   1 
ATOM   497  C CA  . GLY A 1 62  ? 11.543  2.633   -5.591  1.00 50.74  ? 296 GLY A CA  1 
ATOM   498  C C   . GLY A 1 62  ? 11.132  1.793   -6.781  1.00 48.80  ? 296 GLY A C   1 
ATOM   499  O O   . GLY A 1 62  ? 10.003  1.931   -7.260  1.00 45.93  ? 296 GLY A O   1 
ATOM   500  N N   . PRO A 1 63  ? 12.036  0.936   -7.296  1.00 48.82  ? 297 PRO A N   1 
ATOM   501  C CA  . PRO A 1 63  ? 11.777  0.060   -8.448  1.00 44.62  ? 297 PRO A CA  1 
ATOM   502  C C   . PRO A 1 63  ? 10.864  -1.096  -8.069  1.00 39.83  ? 297 PRO A C   1 
ATOM   503  O O   . PRO A 1 63  ? 11.105  -1.764  -7.056  1.00 41.57  ? 297 PRO A O   1 
ATOM   504  C CB  . PRO A 1 63  ? 13.179  -0.444  -8.798  1.00 47.88  ? 297 PRO A CB  1 
ATOM   505  C CG  . PRO A 1 63  ? 13.859  -0.518  -7.444  1.00 47.11  ? 297 PRO A CG  1 
ATOM   506  C CD  . PRO A 1 63  ? 13.432  0.794   -6.832  1.00 48.26  ? 297 PRO A CD  1 
ATOM   507  N N   . VAL A 1 64  ? 9.798   -1.305  -8.842  1.00 32.85  ? 298 VAL A N   1 
ATOM   508  C CA  . VAL A 1 64  ? 8.874   -2.412  -8.565  1.00 32.69  ? 298 VAL A CA  1 
ATOM   509  C C   . VAL A 1 64  ? 8.712   -3.320  -9.770  1.00 32.40  ? 298 VAL A C   1 
ATOM   510  O O   . VAL A 1 64  ? 9.059   -2.951  -10.882 1.00 38.67  ? 298 VAL A O   1 
ATOM   511  C CB  . VAL A 1 64  ? 7.469   -1.935  -8.081  1.00 34.50  ? 298 VAL A CB  1 
ATOM   512  C CG1 . VAL A 1 64  ? 7.463   -1.736  -6.554  1.00 31.92  ? 298 VAL A CG1 1 
ATOM   513  C CG2 . VAL A 1 64  ? 7.055   -0.661  -8.800  1.00 33.29  ? 298 VAL A CG2 1 
ATOM   514  N N   . ARG A 1 65  ? 8.190   -4.513  -9.546  1.00 32.20  ? 299 ARG A N   1 
ATOM   515  C CA  . ARG A 1 65  ? 7.995   -5.470  -10.621 1.00 31.45  ? 299 ARG A CA  1 
ATOM   516  C C   . ARG A 1 65  ? 6.711   -5.277  -11.444 1.00 33.77  ? 299 ARG A C   1 
ATOM   517  O O   . ARG A 1 65  ? 5.616   -5.057  -10.889 1.00 31.65  ? 299 ARG A O   1 
ATOM   518  C CB  . ARG A 1 65  ? 8.062   -6.887  -10.056 1.00 34.62  ? 299 ARG A CB  1 
ATOM   519  C CG  . ARG A 1 65  ? 9.434   -7.270  -9.540  1.00 37.40  ? 299 ARG A CG  1 
ATOM   520  C CD  . ARG A 1 65  ? 9.444   -8.686  -8.977  1.00 43.56  ? 299 ARG A CD  1 
ATOM   521  N NE  . ARG A 1 65  ? 8.838   -8.787  -7.651  1.00 48.66  ? 299 ARG A NE  1 
ATOM   522  C CZ  . ARG A 1 65  ? 9.523   -8.905  -6.512  1.00 47.79  ? 299 ARG A CZ  1 
ATOM   523  N NH1 . ARG A 1 65  ? 8.869   -8.989  -5.361  1.00 47.89  ? 299 ARG A NH1 1 
ATOM   524  N NH2 . ARG A 1 65  ? 10.852  -8.971  -6.523  1.00 37.11  ? 299 ARG A NH2 1 
ATOM   525  N N   . LEU A 1 66  ? 6.855   -5.424  -12.767 1.00 32.06  ? 300 LEU A N   1 
ATOM   526  C CA  . LEU A 1 66  ? 5.769   -5.280  -13.748 1.00 25.39  ? 300 LEU A CA  1 
ATOM   527  C C   . LEU A 1 66  ? 4.524   -6.083  -13.415 1.00 25.09  ? 300 LEU A C   1 
ATOM   528  O O   . LEU A 1 66  ? 3.401   -5.577  -13.544 1.00 28.91  ? 300 LEU A O   1 
ATOM   529  C CB  . LEU A 1 66  ? 6.262   -5.680  -15.143 1.00 27.31  ? 300 LEU A CB  1 
ATOM   530  C CG  . LEU A 1 66  ? 5.221   -5.744  -16.267 1.00 24.45  ? 300 LEU A CG  1 
ATOM   531  C CD1 . LEU A 1 66  ? 4.698   -4.357  -16.576 1.00 19.91  ? 300 LEU A CD1 1 
ATOM   532  C CD2 . LEU A 1 66  ? 5.841   -6.351  -17.496 1.00 23.82  ? 300 LEU A CD2 1 
ATOM   533  N N   . LYS A 1 67  ? 4.726   -7.333  -13.014 1.00 24.51  ? 301 LYS A N   1 
ATOM   534  C CA  . LYS A 1 67  ? 3.626   -8.230  -12.642 1.00 26.83  ? 301 LYS A CA  1 
ATOM   535  C C   . LYS A 1 67  ? 2.870   -7.785  -11.368 1.00 28.20  ? 301 LYS A C   1 
ATOM   536  O O   . LYS A 1 67  ? 1.666   -8.066  -11.204 1.00 26.24  ? 301 LYS A O   1 
ATOM   537  C CB  . LYS A 1 67  ? 4.155   -9.652  -12.463 1.00 27.06  ? 301 LYS A CB  1 
ATOM   538  C CG  . LYS A 1 67  ? 3.104   -10.627 -11.975 1.00 38.85  ? 301 LYS A CG  1 
ATOM   539  C CD  . LYS A 1 67  ? 3.668   -12.009 -11.760 1.00 44.16  ? 301 LYS A CD  1 
ATOM   540  C CE  . LYS A 1 67  ? 2.606   -12.954 -11.222 1.00 47.80  ? 301 LYS A CE  1 
ATOM   541  N NZ  . LYS A 1 67  ? 3.139   -14.341 -11.190 1.00 53.24  ? 301 LYS A NZ  1 
ATOM   542  N N   . ASP A 1 68  ? 3.589   -7.124  -10.457 1.00 27.10  ? 302 ASP A N   1 
ATOM   543  C CA  . ASP A 1 68  ? 2.998   -6.628  -9.210  1.00 28.09  ? 302 ASP A CA  1 
ATOM   544  C C   . ASP A 1 68  ? 2.080   -5.444  -9.552  1.00 27.46  ? 302 ASP A C   1 
ATOM   545  O O   . ASP A 1 68  ? 1.006   -5.291  -8.969  1.00 26.30  ? 302 ASP A O   1 
ATOM   546  C CB  . ASP A 1 68  ? 4.097   -6.232  -8.193  1.00 29.10  ? 302 ASP A CB  1 
ATOM   547  C CG  . ASP A 1 68  ? 4.761   -7.461  -7.500  1.00 30.62  ? 302 ASP A CG  1 
ATOM   548  O OD1 . ASP A 1 68  ? 4.077   -8.493  -7.303  1.00 33.84  ? 302 ASP A OD1 1 
ATOM   549  O OD2 . ASP A 1 68  ? 5.960   -7.388  -7.131  1.00 24.62  ? 302 ASP A OD2 1 
ATOM   550  N N   . VAL A 1 69  ? 2.503   -4.655  -10.545 1.00 25.81  ? 303 VAL A N   1 
ATOM   551  C CA  . VAL A 1 69  ? 1.753   -3.504  -11.052 1.00 25.68  ? 303 VAL A CA  1 
ATOM   552  C C   . VAL A 1 69  ? 0.464   -3.996  -11.720 1.00 24.76  ? 303 VAL A C   1 
ATOM   553  O O   . VAL A 1 69  ? -0.610  -3.465  -11.448 1.00 25.18  ? 303 VAL A O   1 
ATOM   554  C CB  . VAL A 1 69  ? 2.580   -2.687  -12.091 1.00 26.25  ? 303 VAL A CB  1 
ATOM   555  C CG1 . VAL A 1 69  ? 1.741   -1.579  -12.691 1.00 22.88  ? 303 VAL A CG1 1 
ATOM   556  C CG2 . VAL A 1 69  ? 3.790   -2.074  -11.433 1.00 25.46  ? 303 VAL A CG2 1 
ATOM   557  N N   . GLU A 1 70  ? 0.573   -5.031  -12.553 1.00 23.58  ? 304 GLU A N   1 
ATOM   558  C CA  . GLU A 1 70  ? -0.584  -5.606  -13.235 1.00 26.86  ? 304 GLU A CA  1 
ATOM   559  C C   . GLU A 1 70  ? -1.559  -6.222  -12.252 1.00 28.45  ? 304 GLU A C   1 
ATOM   560  O O   . GLU A 1 70  ? -2.769  -6.161  -12.460 1.00 33.58  ? 304 GLU A O   1 
ATOM   561  C CB  . GLU A 1 70  ? -0.158  -6.667  -14.251 1.00 26.88  ? 304 GLU A CB  1 
ATOM   562  C CG  . GLU A 1 70  ? 0.701   -6.105  -15.357 1.00 28.23  ? 304 GLU A CG  1 
ATOM   563  C CD  . GLU A 1 70  ? 1.009   -7.082  -16.475 1.00 27.05  ? 304 GLU A CD  1 
ATOM   564  O OE1 . GLU A 1 70  ? 0.919   -8.316  -16.270 1.00 27.79  ? 304 GLU A OE1 1 
ATOM   565  O OE2 . GLU A 1 70  ? 1.361   -6.595  -17.569 1.00 24.42  ? 304 GLU A OE2 1 
ATOM   566  N N   . GLU A 1 71  ? -1.035  -6.845  -11.199 1.00 28.60  ? 305 GLU A N   1 
ATOM   567  C CA  . GLU A 1 71  ? -1.895  -7.461  -10.196 1.00 25.58  ? 305 GLU A CA  1 
ATOM   568  C C   . GLU A 1 71  ? -2.652  -6.413  -9.403  1.00 23.59  ? 305 GLU A C   1 
ATOM   569  O O   . GLU A 1 71  ? -3.830  -6.586  -9.128  1.00 19.10  ? 305 GLU A O   1 
ATOM   570  C CB  . GLU A 1 71  ? -1.096  -8.357  -9.253  1.00 30.86  ? 305 GLU A CB  1 
ATOM   571  C CG  . GLU A 1 71  ? -0.631  -9.652  -9.891  1.00 36.58  ? 305 GLU A CG  1 
ATOM   572  C CD  . GLU A 1 71  ? -0.025  -10.612 -8.888  1.00 45.04  ? 305 GLU A CD  1 
ATOM   573  O OE1 . GLU A 1 71  ? -0.014  -11.827 -9.168  1.00 53.08  ? 305 GLU A OE1 1 
ATOM   574  O OE2 . GLU A 1 71  ? 0.438   -10.160 -7.820  1.00 44.96  ? 305 GLU A OE2 1 
ATOM   575  N N   . ALA A 1 72  ? -1.974  -5.326  -9.036  1.00 23.14  ? 306 ALA A N   1 
ATOM   576  C CA  . ALA A 1 72  ? -2.609  -4.232  -8.294  1.00 25.73  ? 306 ALA A CA  1 
ATOM   577  C C   . ALA A 1 72  ? -3.741  -3.606  -9.119  1.00 25.01  ? 306 ALA A C   1 
ATOM   578  O O   . ALA A 1 72  ? -4.746  -3.177  -8.554  1.00 21.48  ? 306 ALA A O   1 
ATOM   579  C CB  . ALA A 1 72  ? -1.577  -3.159  -7.913  1.00 21.22  ? 306 ALA A CB  1 
ATOM   580  N N   . GLN A 1 73  ? -3.564  -3.554  -10.448 1.00 24.28  ? 307 GLN A N   1 
ATOM   581  C CA  . GLN A 1 73  ? -4.563  -2.993  -11.363 1.00 20.29  ? 307 GLN A CA  1 
ATOM   582  C C   . GLN A 1 73  ? -5.823  -3.847  -11.457 1.00 24.70  ? 307 GLN A C   1 
ATOM   583  O O   . GLN A 1 73  ? -6.929  -3.299  -11.492 1.00 26.52  ? 307 GLN A O   1 
ATOM   584  C CB  . GLN A 1 73  ? -3.978  -2.774  -12.755 1.00 17.44  ? 307 GLN A CB  1 
ATOM   585  C CG  . GLN A 1 73  ? -2.978  -1.623  -12.807 1.00 16.29  ? 307 GLN A CG  1 
ATOM   586  C CD  . GLN A 1 73  ? -2.505  -1.304  -14.209 1.00 22.36  ? 307 GLN A CD  1 
ATOM   587  O OE1 . GLN A 1 73  ? -2.879  -1.989  -15.168 1.00 31.60  ? 307 GLN A OE1 1 
ATOM   588  N NE2 . GLN A 1 73  ? -1.679  -0.257  -14.344 1.00 17.40  ? 307 GLN A NE2 1 
ATOM   589  N N   . GLN A 1 74  ? -5.658  -5.175  -11.486 1.00 23.72  ? 308 GLN A N   1 
ATOM   590  C CA  . GLN A 1 74  ? -6.787  -6.125  -11.547 1.00 25.52  ? 308 GLN A CA  1 
ATOM   591  C C   . GLN A 1 74  ? -7.579  -6.110  -10.241 1.00 25.08  ? 308 GLN A C   1 
ATOM   592  O O   . GLN A 1 74  ? -8.798  -6.255  -10.241 1.00 33.00  ? 308 GLN A O   1 
ATOM   593  C CB  . GLN A 1 74  ? -6.295  -7.549  -11.822 1.00 20.96  ? 308 GLN A CB  1 
ATOM   594  C CG  . GLN A 1 74  ? -5.703  -7.736  -13.194 1.00 30.60  ? 308 GLN A CG  1 
ATOM   595  C CD  . GLN A 1 74  ? -6.667  -7.350  -14.313 1.00 36.40  ? 308 GLN A CD  1 
ATOM   596  O OE1 . GLN A 1 74  ? -7.799  -7.834  -14.364 1.00 29.02  ? 308 GLN A OE1 1 
ATOM   597  N NE2 . GLN A 1 74  ? -6.212  -6.482  -15.224 1.00 31.58  ? 308 GLN A NE2 1 
ATOM   598  N N   . LYS A 1 75  ? -6.874  -5.961  -9.129  1.00 24.72  ? 309 LYS A N   1 
ATOM   599  C CA  . LYS A 1 75  ? -7.501  -5.897  -7.816  1.00 27.48  ? 309 LYS A CA  1 
ATOM   600  C C   . LYS A 1 75  ? -8.386  -4.631  -7.745  1.00 27.16  ? 309 LYS A C   1 
ATOM   601  O O   . LYS A 1 75  ? -9.503  -4.672  -7.203  1.00 23.43  ? 309 LYS A O   1 
ATOM   602  C CB  . LYS A 1 75  ? -6.401  -5.934  -6.738  1.00 30.92  ? 309 LYS A CB  1 
ATOM   603  C CG  . LYS A 1 75  ? -6.739  -5.365  -5.362  1.00 48.28  ? 309 LYS A CG  1 
ATOM   604  C CD  . LYS A 1 75  ? -7.704  -6.220  -4.535  1.00 55.20  ? 309 LYS A CD  1 
ATOM   605  C CE  . LYS A 1 75  ? -7.800  -5.670  -3.109  1.00 53.04  ? 309 LYS A CE  1 
ATOM   606  N NZ  . LYS A 1 75  ? -8.788  -6.382  -2.261  1.00 51.53  ? 309 LYS A NZ  1 
ATOM   607  N N   . ILE A 1 76  ? -7.909  -3.525  -8.324  1.00 21.88  ? 310 ILE A N   1 
ATOM   608  C CA  . ILE A 1 76  ? -8.686  -2.285  -8.350  1.00 20.39  ? 310 ILE A CA  1 
ATOM   609  C C   . ILE A 1 76  ? -9.884  -2.421  -9.318  1.00 24.56  ? 310 ILE A C   1 
ATOM   610  O O   . ILE A 1 76  ? -10.960 -1.894  -9.035  1.00 25.72  ? 310 ILE A O   1 
ATOM   611  C CB  . ILE A 1 76  ? -7.821  -1.062  -8.752  1.00 20.39  ? 310 ILE A CB  1 
ATOM   612  C CG1 . ILE A 1 76  ? -6.722  -0.832  -7.712  1.00 19.54  ? 310 ILE A CG1 1 
ATOM   613  C CG2 . ILE A 1 76  ? -8.704  0.185   -8.911  1.00 18.86  ? 310 ILE A CG2 1 
ATOM   614  C CD1 . ILE A 1 76  ? -5.992  0.488   -7.860  1.00 20.18  ? 310 ILE A CD1 1 
ATOM   615  N N   . ILE A 1 77  ? -9.710  -3.133  -10.444 1.00 24.30  ? 311 ILE A N   1 
ATOM   616  C CA  . ILE A 1 77  ? -10.809 -3.331  -11.398 1.00 23.38  ? 311 ILE A CA  1 
ATOM   617  C C   . ILE A 1 77  ? -11.923 -4.205  -10.793 1.00 24.60  ? 311 ILE A C   1 
ATOM   618  O O   . ILE A 1 77  ? -13.099 -3.973  -11.059 1.00 32.79  ? 311 ILE A O   1 
ATOM   619  C CB  . ILE A 1 77  ? -10.322 -3.911  -12.776 1.00 27.17  ? 311 ILE A CB  1 
ATOM   620  C CG1 . ILE A 1 77  ? -9.404  -2.909  -13.503 1.00 23.65  ? 311 ILE A CG1 1 
ATOM   621  C CG2 . ILE A 1 77  ? -11.519 -4.207  -13.706 1.00 21.88  ? 311 ILE A CG2 1 
ATOM   622  C CD1 . ILE A 1 77  ? -8.660  -3.519  -14.734 1.00 14.60  ? 311 ILE A CD1 1 
ATOM   623  N N   . ASN A 1 78  ? -11.565 -5.196  -9.976  1.00 25.26  ? 312 ASN A N   1 
ATOM   624  C CA  . ASN A 1 78  ? -12.559 -6.067  -9.312  1.00 29.00  ? 312 ASN A CA  1 
ATOM   625  C C   . ASN A 1 78  ? -13.441 -5.310  -8.307  1.00 31.97  ? 312 ASN A C   1 
ATOM   626  O O   . ASN A 1 78  ? -14.593 -5.693  -8.083  1.00 31.71  ? 312 ASN A O   1 
ATOM   627  C CB  . ASN A 1 78  ? -11.878 -7.234  -8.587  1.00 29.63  ? 312 ASN A CB  1 
ATOM   628  C CG  . ASN A 1 78  ? -11.406 -8.320  -9.534  1.00 33.85  ? 312 ASN A CG  1 
ATOM   629  O OD1 . ASN A 1 78  ? -11.766 -8.330  -10.714 1.00 38.40  ? 312 ASN A OD1 1 
ATOM   630  N ND2 . ASN A 1 78  ? -10.602 -9.250  -9.017  1.00 34.15  ? 312 ASN A ND2 1 
ATOM   631  N N   . ILE A 1 79  ? -12.887 -4.265  -7.679  1.00 35.35  ? 313 ILE A N   1 
ATOM   632  C CA  . ILE A 1 79  ? -13.627 -3.426  -6.724  1.00 33.84  ? 313 ILE A CA  1 
ATOM   633  C C   . ILE A 1 79  ? -14.710 -2.684  -7.486  1.00 34.49  ? 313 ILE A C   1 
ATOM   634  O O   . ILE A 1 79  ? -15.871 -2.703  -7.080  1.00 38.02  ? 313 ILE A O   1 
ATOM   635  C CB  . ILE A 1 79  ? -12.698 -2.423  -5.986  1.00 33.89  ? 313 ILE A CB  1 
ATOM   636  C CG1 . ILE A 1 79  ? -11.926 -3.166  -4.887  1.00 36.46  ? 313 ILE A CG1 1 
ATOM   637  C CG2 . ILE A 1 79  ? -13.496 -1.246  -5.400  1.00 28.95  ? 313 ILE A CG2 1 
ATOM   638  C CD1 . ILE A 1 79  ? -10.771 -2.395  -4.319  1.00 37.47  ? 313 ILE A CD1 1 
ATOM   639  N N   . ILE A 1 80  ? -14.312 -2.056  -8.597  1.00 35.96  ? 314 ILE A N   1 
ATOM   640  C CA  . ILE A 1 80  ? -15.208 -1.321  -9.496  1.00 31.50  ? 314 ILE A CA  1 
ATOM   641  C C   . ILE A 1 80  ? -16.366 -2.238  -9.899  1.00 35.24  ? 314 ILE A C   1 
ATOM   642  O O   . ILE A 1 80  ? -17.530 -1.864  -9.793  1.00 38.29  ? 314 ILE A O   1 
ATOM   643  C CB  . ILE A 1 80  ? -14.438 -0.878  -10.771 1.00 26.73  ? 314 ILE A CB  1 
ATOM   644  C CG1 . ILE A 1 80  ? -13.475 0.259   -10.417 1.00 23.00  ? 314 ILE A CG1 1 
ATOM   645  C CG2 . ILE A 1 80  ? -15.399 -0.500  -11.910 1.00 19.18  ? 314 ILE A CG2 1 
ATOM   646  C CD1 . ILE A 1 80  ? -12.532 0.625   -11.516 1.00 16.38  ? 314 ILE A CD1 1 
ATOM   647  N N   . ARG A 1 81  ? -16.026 -3.457  -10.313 1.00 37.12  ? 315 ARG A N   1 
ATOM   648  C CA  . ARG A 1 81  ? -16.989 -4.467  -10.726 1.00 39.28  ? 315 ARG A CA  1 
ATOM   649  C C   . ARG A 1 81  ? -17.981 -4.737  -9.585  1.00 40.35  ? 315 ARG A C   1 
ATOM   650  O O   . ARG A 1 81  ? -19.177 -4.882  -9.813  1.00 43.21  ? 315 ARG A O   1 
ATOM   651  C CB  . ARG A 1 81  ? -16.224 -5.741  -11.120 1.00 40.36  ? 315 ARG A CB  1 
ATOM   652  C CG  . ARG A 1 81  ? -17.010 -6.770  -11.911 1.00 48.43  ? 315 ARG A CG  1 
ATOM   653  C CD  . ARG A 1 81  ? -17.790 -7.720  -11.015 1.00 53.80  ? 315 ARG A CD  1 
ATOM   654  N NE  . ARG A 1 81  ? -18.513 -8.722  -11.796 1.00 60.22  ? 315 ARG A NE  1 
ATOM   655  C CZ  . ARG A 1 81  ? -18.244 -10.027 -11.797 1.00 62.88  ? 315 ARG A CZ  1 
ATOM   656  N NH1 . ARG A 1 81  ? -17.258 -10.518 -11.050 1.00 64.90  ? 315 ARG A NH1 1 
ATOM   657  N NH2 . ARG A 1 81  ? -18.966 -10.848 -12.551 1.00 59.75  ? 315 ARG A NH2 1 
ATOM   658  N N   . ARG A 1 82  ? -17.479 -4.772  -8.357  1.00 42.10  ? 316 ARG A N   1 
ATOM   659  C CA  . ARG A 1 82  ? -18.298 -5.012  -7.171  1.00 43.05  ? 316 ARG A CA  1 
ATOM   660  C C   . ARG A 1 82  ? -19.218 -3.828  -6.865  1.00 43.80  ? 316 ARG A C   1 
ATOM   661  O O   . ARG A 1 82  ? -20.386 -4.011  -6.522  1.00 45.55  ? 316 ARG A O   1 
ATOM   662  C CB  . ARG A 1 82  ? -17.382 -5.262  -5.972  1.00 43.74  ? 316 ARG A CB  1 
ATOM   663  C CG  . ARG A 1 82  ? -18.089 -5.650  -4.699  1.00 47.19  ? 316 ARG A CG  1 
ATOM   664  C CD  . ARG A 1 82  ? -17.096 -5.790  -3.550  1.00 49.88  ? 316 ARG A CD  1 
ATOM   665  N NE  . ARG A 1 82  ? -16.714 -4.499  -2.975  1.00 51.47  ? 316 ARG A NE  1 
ATOM   666  C CZ  . ARG A 1 82  ? -15.500 -4.210  -2.508  1.00 49.71  ? 316 ARG A CZ  1 
ATOM   667  N NH1 . ARG A 1 82  ? -14.536 -5.121  -2.542  1.00 44.84  ? 316 ARG A NH1 1 
ATOM   668  N NH2 . ARG A 1 82  ? -15.243 -3.003  -2.020  1.00 49.70  ? 316 ARG A NH2 1 
ATOM   669  N N   . LEU A 1 83  ? -18.680 -2.614  -6.969  1.00 44.09  ? 317 LEU A N   1 
ATOM   670  C CA  . LEU A 1 83  ? -19.445 -1.394  -6.695  1.00 43.24  ? 317 LEU A CA  1 
ATOM   671  C C   . LEU A 1 83  ? -20.463 -1.100  -7.779  1.00 43.78  ? 317 LEU A C   1 
ATOM   672  O O   . LEU A 1 83  ? -21.411 -0.352  -7.555  1.00 46.19  ? 317 LEU A O   1 
ATOM   673  C CB  . LEU A 1 83  ? -18.518 -0.180  -6.548  1.00 40.32  ? 317 LEU A CB  1 
ATOM   674  C CG  . LEU A 1 83  ? -17.352 -0.277  -5.557  1.00 40.29  ? 317 LEU A CG  1 
ATOM   675  C CD1 . LEU A 1 83  ? -16.563 0.996   -5.599  1.00 41.72  ? 317 LEU A CD1 1 
ATOM   676  C CD2 . LEU A 1 83  ? -17.825 -0.548  -4.146  1.00 40.63  ? 317 LEU A CD2 1 
ATOM   677  N N   . GLU A 1 84  ? -20.250 -1.672  -8.960  1.00 46.63  ? 318 GLU A N   1 
ATOM   678  C CA  . GLU A 1 84  ? -21.147 -1.476  -10.095 1.00 48.01  ? 318 GLU A CA  1 
ATOM   679  C C   . GLU A 1 84  ? -22.451 -2.238  -9.859  1.00 49.71  ? 318 GLU A C   1 
ATOM   680  O O   . GLU A 1 84  ? -23.546 -1.743  -10.163 1.00 50.57  ? 318 GLU A O   1 
ATOM   681  C CB  . GLU A 1 84  ? -20.457 -1.932  -11.381 1.00 47.79  ? 318 GLU A CB  1 
ATOM   682  C CG  . GLU A 1 84  ? -20.907 -1.210  -12.633 1.00 51.99  ? 318 GLU A CG  1 
ATOM   683  C CD  . GLU A 1 84  ? -22.035 -1.929  -13.345 1.00 57.88  ? 318 GLU A CD  1 
ATOM   684  O OE1 . GLU A 1 84  ? -21.990 -3.179  -13.400 1.00 58.96  ? 318 GLU A OE1 1 
ATOM   685  O OE2 . GLU A 1 84  ? -22.960 -1.249  -13.857 1.00 62.51  ? 318 GLU A OE2 1 
ATOM   686  N N   . GLU A 1 85  ? -22.325 -3.426  -9.274  1.00 50.15  ? 319 GLU A N   1 
ATOM   687  C CA  . GLU A 1 85  ? -23.470 -4.266  -8.951  1.00 53.97  ? 319 GLU A CA  1 
ATOM   688  C C   . GLU A 1 85  ? -24.364 -3.566  -7.909  1.00 55.54  ? 319 GLU A C   1 
ATOM   689  O O   . GLU A 1 85  ? -25.593 -3.658  -7.974  1.00 59.33  ? 319 GLU A O   1 
ATOM   690  C CB  . GLU A 1 85  ? -22.981 -5.642  -8.479  1.00 56.37  ? 319 GLU A CB  1 
ATOM   691  C CG  . GLU A 1 85  ? -22.239 -6.417  -9.599  1.00 62.19  ? 319 GLU A CG  1 
ATOM   692  C CD  . GLU A 1 85  ? -21.415 -7.622  -9.118  1.00 65.83  ? 319 GLU A CD  1 
ATOM   693  O OE1 . GLU A 1 85  ? -20.993 -7.653  -7.937  1.00 65.29  ? 319 GLU A OE1 1 
ATOM   694  O OE2 . GLU A 1 85  ? -21.164 -8.531  -9.947  1.00 65.09  ? 319 GLU A OE2 1 
ATOM   695  N N   . ALA A 1 86  ? -23.745 -2.821  -6.990  1.00 57.21  ? 320 ALA A N   1 
ATOM   696  C CA  . ALA A 1 86  ? -24.472 -2.062  -5.954  1.00 53.41  ? 320 ALA A CA  1 
ATOM   697  C C   . ALA A 1 86  ? -24.837 -0.670  -6.500  1.00 49.77  ? 320 ALA A C   1 
ATOM   698  O O   . ALA A 1 86  ? -25.072 0.273   -5.737  1.00 48.18  ? 320 ALA A O   1 
ATOM   699  C CB  . ALA A 1 86  ? -23.617 -1.932  -4.669  1.00 49.06  ? 320 ALA A CB  1 
ATOM   700  N N   . GLY A 1 87  ? -24.830 -0.561  -7.829  1.00 47.22  ? 321 GLY A N   1 
ATOM   701  C CA  . GLY A 1 87  ? -25.169 0.670   -8.527  1.00 44.69  ? 321 GLY A CA  1 
ATOM   702  C C   . GLY A 1 87  ? -24.462 1.972   -8.185  1.00 44.60  ? 321 GLY A C   1 
ATOM   703  O O   . GLY A 1 87  ? -25.073 3.031   -8.282  1.00 45.08  ? 321 GLY A O   1 
ATOM   704  N N   . GLU A 1 88  ? -23.173 1.933   -7.868  1.00 41.49  ? 322 GLU A N   1 
ATOM   705  C CA  . GLU A 1 88  ? -22.479 3.169   -7.524  1.00 41.44  ? 322 GLU A CA  1 
ATOM   706  C C   . GLU A 1 88  ? -21.508 3.708   -8.540  1.00 40.90  ? 322 GLU A C   1 
ATOM   707  O O   . GLU A 1 88  ? -20.828 4.715   -8.273  1.00 34.39  ? 322 GLU A O   1 
ATOM   708  C CB  . GLU A 1 88  ? -21.764 3.028   -6.199  1.00 46.74  ? 322 GLU A CB  1 
ATOM   709  C CG  . GLU A 1 88  ? -22.707 2.945   -5.039  1.00 51.31  ? 322 GLU A CG  1 
ATOM   710  C CD  . GLU A 1 88  ? -22.030 2.372   -3.836  1.00 53.57  ? 322 GLU A CD  1 
ATOM   711  O OE1 . GLU A 1 88  ? -21.100 3.024   -3.327  1.00 53.14  ? 322 GLU A OE1 1 
ATOM   712  O OE2 . GLU A 1 88  ? -22.412 1.257   -3.422  1.00 60.38  ? 322 GLU A OE2 1 
ATOM   713  N N   . ILE A 1 89  ? -21.410 3.029   -9.681  1.00 39.76  ? 323 ILE A N   1 
ATOM   714  C CA  . ILE A 1 89  ? -20.512 3.474   -10.739 1.00 37.73  ? 323 ILE A CA  1 
ATOM   715  C C   . ILE A 1 89  ? -21.358 4.180   -11.792 1.00 38.36  ? 323 ILE A C   1 
ATOM   716  O O   . ILE A 1 89  ? -22.392 3.662   -12.206 1.00 37.47  ? 323 ILE A O   1 
ATOM   717  C CB  . ILE A 1 89  ? -19.724 2.293   -11.367 1.00 35.20  ? 323 ILE A CB  1 
ATOM   718  C CG1 . ILE A 1 89  ? -18.912 1.570   -10.289 1.00 33.14  ? 323 ILE A CG1 1 
ATOM   719  C CG2 . ILE A 1 89  ? -18.759 2.806   -12.423 1.00 35.46  ? 323 ILE A CG2 1 
ATOM   720  C CD1 . ILE A 1 89  ? -17.841 2.427   -9.636  1.00 25.90  ? 323 ILE A CD1 1 
ATOM   721  N N   . VAL A 1 90  ? -20.929 5.380   -12.179 1.00 34.86  ? 324 VAL A N   1 
ATOM   722  C CA  . VAL A 1 90  ? -21.629 6.194   -13.167 1.00 34.24  ? 324 VAL A CA  1 
ATOM   723  C C   . VAL A 1 90  ? -20.627 6.773   -14.183 1.00 35.90  ? 324 VAL A C   1 
ATOM   724  O O   . VAL A 1 90  ? -19.607 7.352   -13.803 1.00 33.04  ? 324 VAL A O   1 
ATOM   725  C CB  . VAL A 1 90  ? -22.433 7.356   -12.464 1.00 34.09  ? 324 VAL A CB  1 
ATOM   726  C CG1 . VAL A 1 90  ? -23.124 8.233   -13.476 1.00 30.56  ? 324 VAL A CG1 1 
ATOM   727  C CG2 . VAL A 1 90  ? -23.475 6.789   -11.506 1.00 29.48  ? 324 VAL A CG2 1 
ATOM   728  N N   . ILE A 1 91  ? -20.911 6.576   -15.470 1.00 37.67  ? 325 ILE A N   1 
ATOM   729  C CA  . ILE A 1 91  ? -20.070 7.076   -16.564 1.00 40.18  ? 325 ILE A CA  1 
ATOM   730  C C   . ILE A 1 91  ? -20.159 8.596   -16.614 1.00 42.39  ? 325 ILE A C   1 
ATOM   731  O O   . ILE A 1 91  ? -21.247 9.163   -16.493 1.00 44.10  ? 325 ILE A O   1 
ATOM   732  C CB  . ILE A 1 91  ? -20.544 6.524   -17.943 1.00 42.21  ? 325 ILE A CB  1 
ATOM   733  C CG1 . ILE A 1 91  ? -20.561 4.988   -17.926 1.00 44.39  ? 325 ILE A CG1 1 
ATOM   734  C CG2 . ILE A 1 91  ? -19.652 7.058   -19.074 1.00 37.54  ? 325 ILE A CG2 1 
ATOM   735  C CD1 . ILE A 1 91  ? -21.401 4.363   -19.035 1.00 46.71  ? 325 ILE A CD1 1 
ATOM   736  N N   . ALA A 1 92  ? -19.019 9.246   -16.824 1.00 44.22  ? 326 ALA A N   1 
ATOM   737  C CA  . ALA A 1 92  ? -18.947 10.706  -16.891 1.00 49.74  ? 326 ALA A CA  1 
ATOM   738  C C   . ALA A 1 92  ? -19.718 11.327  -18.072 1.00 54.76  ? 326 ALA A C   1 
ATOM   739  O O   . ALA A 1 92  ? -20.146 10.615  -18.990 1.00 59.07  ? 326 ALA A O   1 
ATOM   740  C CB  . ALA A 1 92  ? -17.490 11.146  -16.922 1.00 42.40  ? 326 ALA A CB  1 
ATOM   741  N N   . ARG A 1 93  ? -19.872 12.654  -18.032 1.00 56.72  ? 327 ARG A N   1 
ATOM   742  C CA  . ARG A 1 93  ? -20.581 13.439  -19.051 1.00 57.47  ? 327 ARG A CA  1 
ATOM   743  C C   . ARG A 1 93  ? -20.264 13.053  -20.505 1.00 59.42  ? 327 ARG A C   1 
ATOM   744  O O   . ARG A 1 93  ? -21.165 12.684  -21.272 1.00 57.51  ? 327 ARG A O   1 
ATOM   745  C CB  . ARG A 1 93  ? -20.305 14.929  -18.827 1.00 58.18  ? 327 ARG A CB  1 
ATOM   746  C CG  . ARG A 1 93  ? -21.088 15.551  -17.677 1.00 60.74  ? 327 ARG A CG  1 
ATOM   747  C CD  . ARG A 1 93  ? -22.282 16.324  -18.191 1.00 63.16  ? 327 ARG A CD  1 
ATOM   748  N NE  . ARG A 1 93  ? -23.017 15.558  -19.191 1.00 69.51  ? 327 ARG A NE  1 
ATOM   749  C CZ  . ARG A 1 93  ? -24.317 15.688  -19.435 1.00 73.25  ? 327 ARG A CZ  1 
ATOM   750  N NH1 . ARG A 1 93  ? -25.042 16.564  -18.746 1.00 74.06  ? 327 ARG A NH1 1 
ATOM   751  N NH2 . ARG A 1 93  ? -24.897 14.930  -20.361 1.00 73.28  ? 327 ARG A NH2 1 
ATOM   752  N N   . GLY A 1 94  ? -18.993 13.152  -20.886 1.00 59.35  ? 328 GLY A N   1 
ATOM   753  C CA  . GLY A 1 94  ? -18.603 12.788  -22.237 1.00 62.28  ? 328 GLY A CA  1 
ATOM   754  C C   . GLY A 1 94  ? -17.858 11.461  -22.296 1.00 65.92  ? 328 GLY A C   1 
ATOM   755  O O   . GLY A 1 94  ? -17.066 11.226  -23.214 1.00 68.36  ? 328 GLY A O   1 
ATOM   756  N N   . GLY A 1 95  ? -18.127 10.578  -21.336 1.00 66.27  ? 329 GLY A N   1 
ATOM   757  C CA  . GLY A 1 95  ? -17.455 9.289   -21.290 1.00 65.40  ? 329 GLY A CA  1 
ATOM   758  C C   . GLY A 1 95  ? -18.047 8.149   -22.110 1.00 65.57  ? 329 GLY A C   1 
ATOM   759  O O   . GLY A 1 95  ? -17.899 6.983   -21.725 1.00 64.43  ? 329 GLY A O   1 
ATOM   760  N N   . GLY A 1 96  ? -18.701 8.472   -23.228 1.00 61.31  ? 330 GLY A N   1 
ATOM   761  C CA  . GLY A 1 96  ? -19.290 7.452   -24.085 1.00 59.34  ? 330 GLY A CA  1 
ATOM   762  C C   . GLY A 1 96  ? -18.536 7.329   -25.395 1.00 56.60  ? 330 GLY A C   1 
ATOM   763  O O   . GLY A 1 96  ? -17.862 8.272   -25.812 1.00 60.53  ? 330 GLY A O   1 
ATOM   764  N N   . GLU A 1 97  ? -18.662 6.189   -26.068 1.00 52.93  ? 331 GLU A N   1 
ATOM   765  C CA  . GLU A 1 97  ? -17.958 5.980   -27.335 1.00 48.74  ? 331 GLU A CA  1 
ATOM   766  C C   . GLU A 1 97  ? -18.852 5.587   -28.507 1.00 46.10  ? 331 GLU A C   1 
ATOM   767  O O   . GLU A 1 97  ? -19.741 4.744   -28.372 1.00 44.15  ? 331 GLU A O   1 
ATOM   768  C CB  . GLU A 1 97  ? -16.883 4.919   -27.157 1.00 50.25  ? 331 GLU A CB  1 
ATOM   769  C CG  . GLU A 1 97  ? -15.531 5.366   -27.639 1.00 54.36  ? 331 GLU A CG  1 
ATOM   770  C CD  . GLU A 1 97  ? -14.465 5.203   -26.572 1.00 58.87  ? 331 GLU A CD  1 
ATOM   771  O OE1 . GLU A 1 97  ? -13.578 6.089   -26.477 1.00 46.92  ? 331 GLU A OE1 1 
ATOM   772  O OE2 . GLU A 1 97  ? -14.519 4.187   -25.833 1.00 62.42  ? 331 GLU A OE2 1 
ATOM   773  N N   . GLU A 1 98  ? -18.598 6.191   -29.666 1.00 43.67  ? 332 GLU A N   1 
ATOM   774  C CA  . GLU A 1 98  ? -19.370 5.893   -30.870 1.00 40.16  ? 332 GLU A CA  1 
ATOM   775  C C   . GLU A 1 98  ? -18.798 4.651   -31.546 1.00 38.60  ? 332 GLU A C   1 
ATOM   776  O O   . GLU A 1 98  ? -17.605 4.601   -31.832 1.00 37.77  ? 332 GLU A O   1 
ATOM   777  C CB  . GLU A 1 98  ? -19.314 7.071   -31.835 1.00 43.71  ? 332 GLU A CB  1 
ATOM   778  C CG  . GLU A 1 98  ? -20.519 7.162   -32.733 1.00 47.94  ? 332 GLU A CG  1 
ATOM   779  C CD  . GLU A 1 98  ? -21.806 7.256   -31.942 1.00 54.01  ? 332 GLU A CD  1 
ATOM   780  O OE1 . GLU A 1 98  ? -22.723 6.465   -32.235 1.00 56.87  ? 332 GLU A OE1 1 
ATOM   781  O OE2 . GLU A 1 98  ? -21.898 8.104   -31.020 1.00 55.66  ? 332 GLU A OE2 1 
ATOM   782  N N   . LEU A 1 99  ? -19.643 3.652   -31.786 1.00 36.15  ? 333 LEU A N   1 
ATOM   783  C CA  . LEU A 1 99  ? -19.205 2.404   -32.417 1.00 38.47  ? 333 LEU A CA  1 
ATOM   784  C C   . LEU A 1 99  ? -19.804 2.146   -33.797 1.00 40.87  ? 333 LEU A C   1 
ATOM   785  O O   . LEU A 1 99  ? -20.774 2.790   -34.199 1.00 44.46  ? 333 LEU A O   1 
ATOM   786  C CB  . LEU A 1 99  ? -19.522 1.198   -31.528 1.00 33.97  ? 333 LEU A CB  1 
ATOM   787  C CG  . LEU A 1 99  ? -18.960 1.139   -30.109 1.00 34.45  ? 333 LEU A CG  1 
ATOM   788  C CD1 . LEU A 1 99  ? -19.226 -0.246  -29.562 1.00 33.09  ? 333 LEU A CD1 1 
ATOM   789  C CD2 . LEU A 1 99  ? -17.463 1.447   -30.078 1.00 30.72  ? 333 LEU A CD2 1 
ATOM   790  N N   . ILE A 1 100 ? -19.204 1.188   -34.502 1.00 42.02  ? 334 ILE A N   1 
ATOM   791  C CA  . ILE A 1 100 ? -19.616 0.752   -35.837 1.00 44.95  ? 334 ILE A CA  1 
ATOM   792  C C   . ILE A 1 100 ? -19.495 -0.778  -35.824 1.00 52.16  ? 334 ILE A C   1 
ATOM   793  O O   . ILE A 1 100 ? -18.415 -1.334  -35.562 1.00 51.44  ? 334 ILE A O   1 
ATOM   794  C CB  . ILE A 1 100 ? -18.696 1.351   -36.927 1.00 42.23  ? 334 ILE A CB  1 
ATOM   795  C CG1 . ILE A 1 100 ? -18.851 2.870   -36.975 1.00 36.53  ? 334 ILE A CG1 1 
ATOM   796  C CG2 . ILE A 1 100 ? -19.006 0.745   -38.284 1.00 39.66  ? 334 ILE A CG2 1 
ATOM   797  C CD1 . ILE A 1 100 ? -17.920 3.529   -37.942 1.00 39.44  ? 334 ILE A CD1 1 
ATOM   798  N N   . MET A 1 101 ? -20.613 -1.450  -36.079 1.00 59.98  ? 335 MET A N   1 
ATOM   799  C CA  . MET A 1 101 ? -20.673 -2.916  -36.065 1.00 68.67  ? 335 MET A CA  1 
ATOM   800  C C   . MET A 1 101 ? -19.798 -3.651  -37.071 1.00 70.55  ? 335 MET A C   1 
ATOM   801  O O   . MET A 1 101 ? -19.504 -3.048  -38.126 1.00 72.38  ? 335 MET A O   1 
ATOM   802  C CB  . MET A 1 101 ? -22.121 -3.381  -36.209 1.00 74.86  ? 335 MET A CB  1 
ATOM   803  C CG  . MET A 1 101 ? -22.688 -3.976  -34.941 1.00 84.95  ? 335 MET A CG  1 
ATOM   804  S SD  . MET A 1 101 ? -21.926 -3.281  -33.447 1.00 100.00 ? 335 MET A SD  1 
ATOM   805  C CE  . MET A 1 101 ? -21.148 -4.779  -32.745 1.00 95.75  ? 335 MET A CE  1 
ATOM   806  O OXT . MET A 1 101 ? -19.437 -4.824  -36.791 1.00 68.55  ? 335 MET A OXT 1 
ATOM   807  N N   . MET B 1 1   ? 26.000  -12.332 12.016  1.00 46.01  ? 235 MET B N   1 
ATOM   808  C CA  . MET B 1 1   ? 24.892  -11.975 11.090  1.00 46.90  ? 235 MET B CA  1 
ATOM   809  C C   . MET B 1 1   ? 23.637  -11.611 11.876  1.00 42.68  ? 235 MET B C   1 
ATOM   810  O O   . MET B 1 1   ? 23.340  -12.220 12.901  1.00 45.50  ? 235 MET B O   1 
ATOM   811  C CB  . MET B 1 1   ? 24.588  -13.141 10.145  1.00 53.49  ? 235 MET B CB  1 
ATOM   812  C CG  . MET B 1 1   ? 23.538  -14.133 10.657  1.00 62.66  ? 235 MET B CG  1 
ATOM   813  S SD  . MET B 1 1   ? 24.117  -15.841 10.840  1.00 78.32  ? 235 MET B SD  1 
ATOM   814  C CE  . MET B 1 1   ? 25.505  -15.888 9.631   1.00 70.44  ? 235 MET B CE  1 
ATOM   815  N N   . PHE B 1 2   ? 22.879  -10.649 11.359  1.00 38.69  ? 236 PHE B N   1 
ATOM   816  C CA  . PHE B 1 2   ? 21.645  -10.181 11.994  1.00 32.29  ? 236 PHE B CA  1 
ATOM   817  C C   . PHE B 1 2   ? 20.442  -10.785 11.265  1.00 31.13  ? 236 PHE B C   1 
ATOM   818  O O   . PHE B 1 2   ? 20.321  -10.658 10.043  1.00 35.28  ? 236 PHE B O   1 
ATOM   819  C CB  . PHE B 1 2   ? 21.588  -8.645  11.914  1.00 29.31  ? 236 PHE B CB  1 
ATOM   820  C CG  . PHE B 1 2   ? 20.609  -8.003  12.868  1.00 26.03  ? 236 PHE B CG  1 
ATOM   821  C CD1 . PHE B 1 2   ? 21.041  -7.531  14.102  1.00 22.51  ? 236 PHE B CD1 1 
ATOM   822  C CD2 . PHE B 1 2   ? 19.265  -7.843  12.520  1.00 21.62  ? 236 PHE B CD2 1 
ATOM   823  C CE1 . PHE B 1 2   ? 20.148  -6.904  14.981  1.00 22.96  ? 236 PHE B CE1 1 
ATOM   824  C CE2 . PHE B 1 2   ? 18.364  -7.221  13.389  1.00 18.42  ? 236 PHE B CE2 1 
ATOM   825  C CZ  . PHE B 1 2   ? 18.808  -6.749  14.622  1.00 20.48  ? 236 PHE B CZ  1 
ATOM   826  N N   . VAL B 1 3   ? 19.593  -11.499 12.001  1.00 28.25  ? 237 VAL B N   1 
ATOM   827  C CA  . VAL B 1 3   ? 18.385  -12.098 11.416  1.00 23.75  ? 237 VAL B CA  1 
ATOM   828  C C   . VAL B 1 3   ? 17.142  -11.381 12.008  1.00 26.36  ? 237 VAL B C   1 
ATOM   829  O O   . VAL B 1 3   ? 17.277  -10.587 12.957  1.00 26.19  ? 237 VAL B O   1 
ATOM   830  C CB  . VAL B 1 3   ? 18.361  -13.647 11.615  1.00 24.83  ? 237 VAL B CB  1 
ATOM   831  C CG1 . VAL B 1 3   ? 19.529  -14.271 10.871  1.00 16.25  ? 237 VAL B CG1 1 
ATOM   832  C CG2 . VAL B 1 3   ? 18.439  -14.024 13.100  1.00 11.32  ? 237 VAL B CG2 1 
ATOM   833  N N   . PHE B 1 4   ? 15.949  -11.620 11.467  1.00 19.82  ? 238 PHE B N   1 
ATOM   834  C CA  . PHE B 1 4   ? 14.773  -10.917 11.981  1.00 21.22  ? 238 PHE B CA  1 
ATOM   835  C C   . PHE B 1 4   ? 14.475  -11.101 13.482  1.00 21.94  ? 238 PHE B C   1 
ATOM   836  O O   . PHE B 1 4   ? 14.120  -10.136 14.150  1.00 27.59  ? 238 PHE B O   1 
ATOM   837  C CB  . PHE B 1 4   ? 13.524  -11.173 11.114  1.00 18.68  ? 238 PHE B CB  1 
ATOM   838  C CG  . PHE B 1 4   ? 12.517  -10.023 11.131  1.00 25.29  ? 238 PHE B CG  1 
ATOM   839  C CD1 . PHE B 1 4   ? 11.244  -10.188 11.683  1.00 24.03  ? 238 PHE B CD1 1 
ATOM   840  C CD2 . PHE B 1 4   ? 12.845  -8.777  10.595  1.00 24.66  ? 238 PHE B CD2 1 
ATOM   841  C CE1 . PHE B 1 4   ? 10.312  -9.126  11.702  1.00 26.40  ? 238 PHE B CE1 1 
ATOM   842  C CE2 . PHE B 1 4   ? 11.918  -7.705  10.605  1.00 23.92  ? 238 PHE B CE2 1 
ATOM   843  C CZ  . PHE B 1 4   ? 10.658  -7.881  11.157  1.00 23.47  ? 238 PHE B CZ  1 
ATOM   844  N N   . GLU B 1 5   ? 14.633  -12.307 14.026  1.00 27.64  ? 239 GLU B N   1 
ATOM   845  C CA  . GLU B 1 5   ? 14.376  -12.530 15.457  1.00 29.80  ? 239 GLU B CA  1 
ATOM   846  C C   . GLU B 1 5   ? 15.303  -11.760 16.421  1.00 32.63  ? 239 GLU B C   1 
ATOM   847  O O   . GLU B 1 5   ? 14.998  -11.653 17.615  1.00 33.18  ? 239 GLU B O   1 
ATOM   848  C CB  . GLU B 1 5   ? 14.390  -14.024 15.799  1.00 27.87  ? 239 GLU B CB  1 
ATOM   849  C CG  . GLU B 1 5   ? 13.152  -14.771 15.353  1.00 31.97  ? 239 GLU B CG  1 
ATOM   850  C CD  . GLU B 1 5   ? 11.866  -14.221 15.971  1.00 39.03  ? 239 GLU B CD  1 
ATOM   851  O OE1 . GLU B 1 5   ? 11.787  -14.133 17.223  1.00 42.95  ? 239 GLU B OE1 1 
ATOM   852  O OE2 . GLU B 1 5   ? 10.927  -13.884 15.208  1.00 34.55  ? 239 GLU B OE2 1 
ATOM   853  N N   . ASP B 1 6   ? 16.422  -11.231 15.914  1.00 30.58  ? 240 ASP B N   1 
ATOM   854  C CA  . ASP B 1 6   ? 17.365  -10.457 16.738  1.00 31.50  ? 240 ASP B CA  1 
ATOM   855  C C   . ASP B 1 6   ? 16.814  -9.070  17.092  1.00 31.27  ? 240 ASP B C   1 
ATOM   856  O O   . ASP B 1 6   ? 17.469  -8.280  17.773  1.00 31.68  ? 240 ASP B O   1 
ATOM   857  C CB  . ASP B 1 6   ? 18.735  -10.303 16.044  1.00 34.05  ? 240 ASP B CB  1 
ATOM   858  C CG  . ASP B 1 6   ? 19.528  -11.613 15.984  1.00 42.32  ? 240 ASP B CG  1 
ATOM   859  O OD1 . ASP B 1 6   ? 19.455  -12.418 16.937  1.00 44.34  ? 240 ASP B OD1 1 
ATOM   860  O OD2 . ASP B 1 6   ? 20.238  -11.834 14.980  1.00 42.51  ? 240 ASP B OD2 1 
ATOM   861  N N   . ILE B 1 7   ? 15.635  -8.743  16.583  1.00 31.13  ? 241 ILE B N   1 
ATOM   862  C CA  . ILE B 1 7   ? 15.035  -7.453  16.896  1.00 29.77  ? 241 ILE B CA  1 
ATOM   863  C C   . ILE B 1 7   ? 14.496  -7.518  18.338  1.00 29.10  ? 241 ILE B C   1 
ATOM   864  O O   . ILE B 1 7   ? 14.334  -6.498  18.997  1.00 27.98  ? 241 ILE B O   1 
ATOM   865  C CB  . ILE B 1 7   ? 13.959  -7.061  15.833  1.00 30.47  ? 241 ILE B CB  1 
ATOM   866  C CG1 . ILE B 1 7   ? 14.654  -6.778  14.491  1.00 31.56  ? 241 ILE B CG1 1 
ATOM   867  C CG2 . ILE B 1 7   ? 13.159  -5.831  16.273  1.00 31.61  ? 241 ILE B CG2 1 
ATOM   868  C CD1 . ILE B 1 7   ? 13.739  -6.280  13.392  1.00 29.20  ? 241 ILE B CD1 1 
ATOM   869  N N   . LEU B 1 8   ? 14.305  -8.735  18.846  1.00 30.77  ? 242 LEU B N   1 
ATOM   870  C CA  . LEU B 1 8   ? 13.846  -8.954  20.215  1.00 29.22  ? 242 LEU B CA  1 
ATOM   871  C C   . LEU B 1 8   ? 14.898  -8.428  21.196  1.00 36.76  ? 242 LEU B C   1 
ATOM   872  O O   . LEU B 1 8   ? 14.660  -8.398  22.410  1.00 43.74  ? 242 LEU B O   1 
ATOM   873  C CB  . LEU B 1 8   ? 13.642  -10.447 20.485  1.00 23.12  ? 242 LEU B CB  1 
ATOM   874  C CG  . LEU B 1 8   ? 12.312  -11.097 20.114  1.00 25.91  ? 242 LEU B CG  1 
ATOM   875  C CD1 . LEU B 1 8   ? 12.421  -12.606 20.207  1.00 20.57  ? 242 LEU B CD1 1 
ATOM   876  C CD2 . LEU B 1 8   ? 11.199  -10.566 21.033  1.00 24.74  ? 242 LEU B CD2 1 
ATOM   877  N N   . LYS B 1 9   ? 16.053  -8.014  20.677  1.00 37.04  ? 243 LYS B N   1 
ATOM   878  C CA  . LYS B 1 9   ? 17.121  -7.510  21.523  1.00 36.59  ? 243 LYS B CA  1 
ATOM   879  C C   . LYS B 1 9   ? 17.418  -6.021  21.425  1.00 38.91  ? 243 LYS B C   1 
ATOM   880  O O   . LYS B 1 9   ? 18.374  -5.539  22.040  1.00 41.55  ? 243 LYS B O   1 
ATOM   881  C CB  . LYS B 1 9   ? 18.392  -8.328  21.326  1.00 38.07  ? 243 LYS B CB  1 
ATOM   882  C CG  . LYS B 1 9   ? 19.274  -7.904  20.190  1.00 45.40  ? 243 LYS B CG  1 
ATOM   883  C CD  . LYS B 1 9   ? 20.377  -8.936  20.029  1.00 54.14  ? 243 LYS B CD  1 
ATOM   884  C CE  . LYS B 1 9   ? 21.389  -8.533  18.976  1.00 60.86  ? 243 LYS B CE  1 
ATOM   885  N NZ  . LYS B 1 9   ? 22.540  -9.480  18.987  1.00 63.90  ? 243 LYS B NZ  1 
ATOM   886  N N   . LEU B 1 10  ? 16.669  -5.300  20.599  1.00 36.70  ? 244 LEU B N   1 
ATOM   887  C CA  . LEU B 1 10  ? 16.861  -3.854  20.520  1.00 32.76  ? 244 LEU B CA  1 
ATOM   888  C C   . LEU B 1 10  ? 15.929  -3.326  21.611  1.00 33.71  ? 244 LEU B C   1 
ATOM   889  O O   . LEU B 1 10  ? 14.947  -3.989  21.967  1.00 29.84  ? 244 LEU B O   1 
ATOM   890  C CB  . LEU B 1 10  ? 16.456  -3.300  19.145  1.00 31.53  ? 244 LEU B CB  1 
ATOM   891  C CG  . LEU B 1 10  ? 17.291  -3.683  17.913  1.00 33.55  ? 244 LEU B CG  1 
ATOM   892  C CD1 . LEU B 1 10  ? 16.793  -2.896  16.711  1.00 29.62  ? 244 LEU B CD1 1 
ATOM   893  C CD2 . LEU B 1 10  ? 18.757  -3.391  18.147  1.00 32.60  ? 244 LEU B CD2 1 
ATOM   894  N N   . ASP B 1 11  ? 16.252  -2.178  22.197  1.00 35.48  ? 245 ASP B N   1 
ATOM   895  C CA  . ASP B 1 11  ? 15.384  -1.637  23.245  1.00 40.30  ? 245 ASP B CA  1 
ATOM   896  C C   . ASP B 1 11  ? 14.253  -0.785  22.671  1.00 39.42  ? 245 ASP B C   1 
ATOM   897  O O   . ASP B 1 11  ? 14.276  -0.434  21.493  1.00 37.41  ? 245 ASP B O   1 
ATOM   898  C CB  . ASP B 1 11  ? 16.189  -0.856  24.299  1.00 44.35  ? 245 ASP B CB  1 
ATOM   899  C CG  . ASP B 1 11  ? 16.735  0.470   23.788  1.00 45.01  ? 245 ASP B CG  1 
ATOM   900  O OD1 . ASP B 1 11  ? 17.241  1.241   24.629  1.00 56.15  ? 245 ASP B OD1 1 
ATOM   901  O OD2 . ASP B 1 11  ? 16.670  0.756   22.575  1.00 48.11  ? 245 ASP B OD2 1 
ATOM   902  N N   . ASP B 1 12  ? 13.284  -0.449  23.512  1.00 38.00  ? 246 ASP B N   1 
ATOM   903  C CA  . ASP B 1 12  ? 12.137  0.349   23.107  1.00 37.48  ? 246 ASP B CA  1 
ATOM   904  C C   . ASP B 1 12  ? 12.401  1.585   22.234  1.00 37.07  ? 246 ASP B C   1 
ATOM   905  O O   . ASP B 1 12  ? 11.713  1.772   21.228  1.00 37.69  ? 246 ASP B O   1 
ATOM   906  C CB  . ASP B 1 12  ? 11.325  0.720   24.340  1.00 41.50  ? 246 ASP B CB  1 
ATOM   907  C CG  . ASP B 1 12  ? 10.638  -0.485  24.967  1.00 51.20  ? 246 ASP B CG  1 
ATOM   908  O OD1 . ASP B 1 12  ? 10.303  -0.425  26.172  1.00 55.79  ? 246 ASP B OD1 1 
ATOM   909  O OD2 . ASP B 1 12  ? 10.421  -1.492  24.251  1.00 51.61  ? 246 ASP B OD2 1 
ATOM   910  N N   . ARG B 1 13  ? 13.385  2.415   22.590  1.00 33.85  ? 247 ARG B N   1 
ATOM   911  C CA  . ARG B 1 13  ? 13.689  3.613   21.798  1.00 33.32  ? 247 ARG B CA  1 
ATOM   912  C C   . ARG B 1 13  ? 14.135  3.306   20.378  1.00 36.48  ? 247 ARG B C   1 
ATOM   913  O O   . ARG B 1 13  ? 13.754  4.008   19.438  1.00 42.99  ? 247 ARG B O   1 
ATOM   914  C CB  . ARG B 1 13  ? 14.768  4.474   22.453  1.00 35.02  ? 247 ARG B CB  1 
ATOM   915  C CG  . ARG B 1 13  ? 15.176  5.667   21.584  1.00 35.36  ? 247 ARG B CG  1 
ATOM   916  C CD  . ARG B 1 13  ? 16.431  6.322   22.110  1.00 42.02  ? 247 ARG B CD  1 
ATOM   917  N NE  . ARG B 1 13  ? 17.032  7.263   21.163  1.00 44.07  ? 247 ARG B NE  1 
ATOM   918  C CZ  . ARG B 1 13  ? 16.548  8.471   20.889  1.00 44.59  ? 247 ARG B CZ  1 
ATOM   919  N NH1 . ARG B 1 13  ? 15.438  8.886   21.483  1.00 43.57  ? 247 ARG B NH1 1 
ATOM   920  N NH2 . ARG B 1 13  ? 17.198  9.288   20.067  1.00 44.51  ? 247 ARG B NH2 1 
ATOM   921  N N   . SER B 1 14  ? 15.006  2.308   20.236  1.00 37.93  ? 248 SER B N   1 
ATOM   922  C CA  . SER B 1 14  ? 15.527  1.895   18.932  1.00 34.42  ? 248 SER B CA  1 
ATOM   923  C C   . SER B 1 14  ? 14.422  1.359   18.035  1.00 33.22  ? 248 SER B C   1 
ATOM   924  O O   . SER B 1 14  ? 14.413  1.615   16.839  1.00 39.37  ? 248 SER B O   1 
ATOM   925  C CB  . SER B 1 14  ? 16.638  0.856   19.091  1.00 34.72  ? 248 SER B CB  1 
ATOM   926  O OG  . SER B 1 14  ? 17.819  1.454   19.604  1.00 34.99  ? 248 SER B OG  1 
ATOM   927  N N   . ILE B 1 15  ? 13.476  0.636   18.621  1.00 31.19  ? 249 ILE B N   1 
ATOM   928  C CA  . ILE B 1 15  ? 12.351  0.096   17.874  1.00 26.78  ? 249 ILE B CA  1 
ATOM   929  C C   . ILE B 1 15  ? 11.432  1.211   17.375  1.00 29.12  ? 249 ILE B C   1 
ATOM   930  O O   . ILE B 1 15  ? 10.803  1.082   16.315  1.00 29.24  ? 249 ILE B O   1 
ATOM   931  C CB  . ILE B 1 15  ? 11.554  -0.900  18.729  1.00 21.14  ? 249 ILE B CB  1 
ATOM   932  C CG1 . ILE B 1 15  ? 12.377  -2.181  18.909  1.00 25.04  ? 249 ILE B CG1 1 
ATOM   933  C CG2 . ILE B 1 15  ? 10.173  -1.165  18.110  1.00 19.87  ? 249 ILE B CG2 1 
ATOM   934  C CD1 . ILE B 1 15  ? 11.557  -3.412  19.229  1.00 34.24  ? 249 ILE B CD1 1 
ATOM   935  N N   . GLN B 1 16  ? 11.350  2.295   18.150  1.00 29.08  ? 250 GLN B N   1 
ATOM   936  C CA  . GLN B 1 16  ? 10.525  3.440   17.784  1.00 29.28  ? 250 GLN B CA  1 
ATOM   937  C C   . GLN B 1 16  ? 11.224  4.180   16.656  1.00 30.78  ? 250 GLN B C   1 
ATOM   938  O O   . GLN B 1 16  ? 10.572  4.698   15.749  1.00 33.87  ? 250 GLN B O   1 
ATOM   939  C CB  . GLN B 1 16  ? 10.263  4.338   18.991  1.00 22.79  ? 250 GLN B CB  1 
ATOM   940  C CG  . GLN B 1 16  ? 9.329   3.686   20.003  1.00 28.69  ? 250 GLN B CG  1 
ATOM   941  C CD  . GLN B 1 16  ? 9.449   4.281   21.399  1.00 31.68  ? 250 GLN B CD  1 
ATOM   942  O OE1 . GLN B 1 16  ? 9.999   5.362   21.575  1.00 31.60  ? 250 GLN B OE1 1 
ATOM   943  N NE2 . GLN B 1 16  ? 8.940   3.565   22.400  1.00 30.98  ? 250 GLN B NE2 1 
ATOM   944  N N   . LEU B 1 17  ? 12.550  4.184   16.675  1.00 28.44  ? 251 LEU B N   1 
ATOM   945  C CA  . LEU B 1 17  ? 13.282  4.818   15.587  1.00 32.11  ? 251 LEU B CA  1 
ATOM   946  C C   . LEU B 1 17  ? 13.158  3.991   14.286  1.00 33.63  ? 251 LEU B C   1 
ATOM   947  O O   . LEU B 1 17  ? 13.227  4.550   13.192  1.00 32.26  ? 251 LEU B O   1 
ATOM   948  C CB  . LEU B 1 17  ? 14.760  5.024   15.951  1.00 32.42  ? 251 LEU B CB  1 
ATOM   949  C CG  . LEU B 1 17  ? 15.141  6.238   16.816  1.00 38.50  ? 251 LEU B CG  1 
ATOM   950  C CD1 . LEU B 1 17  ? 16.659  6.297   16.993  1.00 33.87  ? 251 LEU B CD1 1 
ATOM   951  C CD2 . LEU B 1 17  ? 14.649  7.521   16.153  1.00 37.69  ? 251 LEU B CD2 1 
ATOM   952  N N   . VAL B 1 18  ? 12.949  2.674   14.398  1.00 34.06  ? 252 VAL B N   1 
ATOM   953  C CA  . VAL B 1 18  ? 12.811  1.814   13.214  1.00 30.11  ? 252 VAL B CA  1 
ATOM   954  C C   . VAL B 1 18  ? 11.400  1.892   12.644  1.00 31.27  ? 252 VAL B C   1 
ATOM   955  O O   . VAL B 1 18  ? 11.214  2.033   11.434  1.00 32.55  ? 252 VAL B O   1 
ATOM   956  C CB  . VAL B 1 18  ? 13.164  0.323   13.515  1.00 32.23  ? 252 VAL B CB  1 
ATOM   957  C CG1 . VAL B 1 18  ? 12.840  -0.567  12.311  1.00 31.37  ? 252 VAL B CG1 1 
ATOM   958  C CG2 . VAL B 1 18  ? 14.643  0.188   13.847  1.00 28.56  ? 252 VAL B CG2 1 
ATOM   959  N N   . LEU B 1 19  ? 10.404  1.814   13.519  1.00 33.30  ? 253 LEU B N   1 
ATOM   960  C CA  . LEU B 1 19  ? 9.012   1.872   13.092  1.00 32.70  ? 253 LEU B CA  1 
ATOM   961  C C   . LEU B 1 19  ? 8.734   3.156   12.316  1.00 33.23  ? 253 LEU B C   1 
ATOM   962  O O   . LEU B 1 19  ? 7.866   3.192   11.447  1.00 35.90  ? 253 LEU B O   1 
ATOM   963  C CB  . LEU B 1 19  ? 8.070   1.751   14.300  1.00 31.31  ? 253 LEU B CB  1 
ATOM   964  C CG  . LEU B 1 19  ? 7.984   0.389   15.008  1.00 29.87  ? 253 LEU B CG  1 
ATOM   965  C CD1 . LEU B 1 19  ? 7.242   0.541   16.303  1.00 31.75  ? 253 LEU B CD1 1 
ATOM   966  C CD2 . LEU B 1 19  ? 7.294   -0.648  14.139  1.00 25.08  ? 253 LEU B CD2 1 
ATOM   967  N N   . ARG B 1 20  ? 9.519   4.191   12.585  1.00 33.56  ? 254 ARG B N   1 
ATOM   968  C CA  . ARG B 1 20  ? 9.352   5.477   11.910  1.00 34.00  ? 254 ARG B CA  1 
ATOM   969  C C   . ARG B 1 20  ? 9.668   5.392   10.420  1.00 33.31  ? 254 ARG B C   1 
ATOM   970  O O   . ARG B 1 20  ? 8.959   5.972   9.605   1.00 34.22  ? 254 ARG B O   1 
ATOM   971  C CB  . ARG B 1 20  ? 10.229  6.557   12.575  1.00 36.17  ? 254 ARG B CB  1 
ATOM   972  C CG  . ARG B 1 20  ? 10.243  7.918   11.856  1.00 37.00  ? 254 ARG B CG  1 
ATOM   973  C CD  . ARG B 1 20  ? 10.684  9.086   12.766  1.00 36.05  ? 254 ARG B CD  1 
ATOM   974  N NE  . ARG B 1 20  ? 12.108  9.065   13.090  1.00 32.42  ? 254 ARG B NE  1 
ATOM   975  C CZ  . ARG B 1 20  ? 12.731  9.992   13.811  1.00 33.04  ? 254 ARG B CZ  1 
ATOM   976  N NH1 . ARG B 1 20  ? 12.068  11.030  14.301  1.00 38.10  ? 254 ARG B NH1 1 
ATOM   977  N NH2 . ARG B 1 20  ? 14.024  9.878   14.054  1.00 26.27  ? 254 ARG B NH2 1 
ATOM   978  N N   . GLU B 1 21  ? 10.701  4.621   10.087  1.00 29.60  ? 255 GLU B N   1 
ATOM   979  C CA  . GLU B 1 21  ? 11.188  4.443   8.723   1.00 27.26  ? 255 GLU B CA  1 
ATOM   980  C C   . GLU B 1 21  ? 10.469  3.436   7.811   1.00 26.95  ? 255 GLU B C   1 
ATOM   981  O O   . GLU B 1 21  ? 10.669  3.453   6.609   1.00 31.61  ? 255 GLU B O   1 
ATOM   982  C CB  . GLU B 1 21  ? 12.661  4.047   8.790   1.00 29.84  ? 255 GLU B CB  1 
ATOM   983  C CG  . GLU B 1 21  ? 13.512  4.901   9.704   1.00 36.49  ? 255 GLU B CG  1 
ATOM   984  C CD  . GLU B 1 21  ? 13.725  6.305   9.173   1.00 42.58  ? 255 GLU B CD  1 
ATOM   985  O OE1 . GLU B 1 21  ? 13.739  6.484   7.939   1.00 51.79  ? 255 GLU B OE1 1 
ATOM   986  O OE2 . GLU B 1 21  ? 13.903  7.239   9.982   1.00 49.28  ? 255 GLU B OE2 1 
ATOM   987  N N   . VAL B 1 22  ? 9.664   2.549   8.379   1.00 26.42  ? 256 VAL B N   1 
ATOM   988  C CA  . VAL B 1 22  ? 8.965   1.500   7.631   1.00 29.51  ? 256 VAL B CA  1 
ATOM   989  C C   . VAL B 1 22  ? 7.520   1.846   7.262   1.00 30.37  ? 256 VAL B C   1 
ATOM   990  O O   . VAL B 1 22  ? 6.787   2.417   8.075   1.00 35.08  ? 256 VAL B O   1 
ATOM   991  C CB  . VAL B 1 22  ? 8.945   0.203   8.477   1.00 29.51  ? 256 VAL B CB  1 
ATOM   992  C CG1 . VAL B 1 22  ? 8.215   -0.918  7.763   1.00 35.88  ? 256 VAL B CG1 1 
ATOM   993  C CG2 . VAL B 1 22  ? 10.355  -0.221  8.790   1.00 37.91  ? 256 VAL B CG2 1 
ATOM   994  N N   . ASP B 1 23  ? 7.091   1.475   6.057   1.00 27.95  ? 257 ASP B N   1 
ATOM   995  C CA  . ASP B 1 23  ? 5.713   1.753   5.654   1.00 27.09  ? 257 ASP B CA  1 
ATOM   996  C C   . ASP B 1 23  ? 4.771   0.651   6.171   1.00 25.81  ? 257 ASP B C   1 
ATOM   997  O O   . ASP B 1 23  ? 5.231   -0.388  6.644   1.00 25.04  ? 257 ASP B O   1 
ATOM   998  C CB  . ASP B 1 23  ? 5.597   1.976   4.134   1.00 26.70  ? 257 ASP B CB  1 
ATOM   999  C CG  . ASP B 1 23  ? 5.722   0.693   3.316   1.00 31.47  ? 257 ASP B CG  1 
ATOM   1000 O OD1 . ASP B 1 23  ? 6.104   -0.364  3.857   1.00 29.86  ? 257 ASP B OD1 1 
ATOM   1001 O OD2 . ASP B 1 23  ? 5.429   0.748   2.103   1.00 28.49  ? 257 ASP B OD2 1 
ATOM   1002 N N   . THR B 1 24  ? 3.462   0.891   6.095   1.00 29.06  ? 258 THR B N   1 
ATOM   1003 C CA  . THR B 1 24  ? 2.430   -0.038  6.591   1.00 25.84  ? 258 THR B CA  1 
ATOM   1004 C C   . THR B 1 24  ? 2.479   -1.448  6.040   1.00 27.72  ? 258 THR B C   1 
ATOM   1005 O O   . THR B 1 24  ? 2.302   -2.423  6.781   1.00 33.37  ? 258 THR B O   1 
ATOM   1006 C CB  . THR B 1 24  ? 1.026   0.532   6.325   1.00 24.43  ? 258 THR B CB  1 
ATOM   1007 O OG1 . THR B 1 24  ? 0.910   1.786   6.999   1.00 29.94  ? 258 THR B OG1 1 
ATOM   1008 C CG2 . THR B 1 24  ? -0.064  -0.391  6.824   1.00 19.06  ? 258 THR B CG2 1 
ATOM   1009 N N   . ARG B 1 25  ? 2.676   -1.543  4.729   1.00 31.40  ? 259 ARG B N   1 
ATOM   1010 C CA  . ARG B 1 25  ? 2.718   -2.825  4.031   1.00 27.56  ? 259 ARG B CA  1 
ATOM   1011 C C   . ARG B 1 25  ? 3.925   -3.668  4.421   1.00 27.54  ? 259 ARG B C   1 
ATOM   1012 O O   . ARG B 1 25  ? 3.775   -4.870  4.699   1.00 22.38  ? 259 ARG B O   1 
ATOM   1013 C CB  . ARG B 1 25  ? 2.638   -2.607  2.506   1.00 27.19  ? 259 ARG B CB  1 
ATOM   1014 C CG  . ARG B 1 25  ? 2.694   -3.876  1.636   1.00 25.83  ? 259 ARG B CG  1 
ATOM   1015 C CD  . ARG B 1 25  ? 1.596   -4.885  1.945   1.00 23.35  ? 259 ARG B CD  1 
ATOM   1016 N NE  . ARG B 1 25  ? 0.275   -4.542  1.411   1.00 30.96  ? 259 ARG B NE  1 
ATOM   1017 C CZ  . ARG B 1 25  ? -0.058  -4.589  0.123   1.00 29.92  ? 259 ARG B CZ  1 
ATOM   1018 N NH1 . ARG B 1 25  ? 0.833   -4.939  -0.792  1.00 26.91  ? 259 ARG B NH1 1 
ATOM   1019 N NH2 . ARG B 1 25  ? -1.315  -4.409  -0.239  1.00 26.61  ? 259 ARG B NH2 1 
ATOM   1020 N N   . ASP B 1 26  ? 5.104   -3.045  4.508   1.00 22.53  ? 260 ASP B N   1 
ATOM   1021 C CA  . ASP B 1 26  ? 6.301   -3.797  4.881   1.00 24.14  ? 260 ASP B CA  1 
ATOM   1022 C C   . ASP B 1 26  ? 6.209   -4.317  6.315   1.00 27.17  ? 260 ASP B C   1 
ATOM   1023 O O   . ASP B 1 26  ? 6.652   -5.438  6.598   1.00 28.23  ? 260 ASP B O   1 
ATOM   1024 C CB  . ASP B 1 26  ? 7.584   -2.983  4.659   1.00 24.84  ? 260 ASP B CB  1 
ATOM   1025 C CG  . ASP B 1 26  ? 7.928   -2.817  3.166   1.00 31.87  ? 260 ASP B CG  1 
ATOM   1026 O OD1 . ASP B 1 26  ? 7.452   -3.636  2.348   1.00 26.50  ? 260 ASP B OD1 1 
ATOM   1027 O OD2 . ASP B 1 26  ? 8.678   -1.877  2.809   1.00 29.12  ? 260 ASP B OD2 1 
ATOM   1028 N N   . LEU B 1 27  ? 5.589   -3.542  7.208   1.00 22.47  ? 261 LEU B N   1 
ATOM   1029 C CA  . LEU B 1 27  ? 5.440   -3.982  8.593   1.00 20.93  ? 261 LEU B CA  1 
ATOM   1030 C C   . LEU B 1 27  ? 4.436   -5.132  8.696   1.00 24.96  ? 261 LEU B C   1 
ATOM   1031 O O   . LEU B 1 27  ? 4.693   -6.102  9.412   1.00 30.60  ? 261 LEU B O   1 
ATOM   1032 C CB  . LEU B 1 27  ? 5.047   -2.822  9.511   1.00 21.57  ? 261 LEU B CB  1 
ATOM   1033 C CG  . LEU B 1 27  ? 5.174   -2.984  11.041  1.00 23.99  ? 261 LEU B CG  1 
ATOM   1034 C CD1 . LEU B 1 27  ? 6.529   -3.570  11.454  1.00 11.48  ? 261 LEU B CD1 1 
ATOM   1035 C CD2 . LEU B 1 27  ? 4.966   -1.623  11.701  1.00 25.08  ? 261 LEU B CD2 1 
ATOM   1036 N N   . ALA B 1 28  ? 3.320   -5.055  7.963   1.00 20.42  ? 262 ALA B N   1 
ATOM   1037 C CA  . ALA B 1 28  ? 2.323   -6.130  7.992   1.00 21.88  ? 262 ALA B CA  1 
ATOM   1038 C C   . ALA B 1 28  ? 2.881   -7.457  7.454   1.00 25.49  ? 262 ALA B C   1 
ATOM   1039 O O   . ALA B 1 28  ? 2.694   -8.492  8.080   1.00 32.25  ? 262 ALA B O   1 
ATOM   1040 C CB  . ALA B 1 28  ? 1.063   -5.729  7.220   1.00 20.42  ? 262 ALA B CB  1 
ATOM   1041 N N   . LEU B 1 29  ? 3.550   -7.433  6.298   1.00 23.25  ? 263 LEU B N   1 
ATOM   1042 C CA  . LEU B 1 29  ? 4.136   -8.646  5.712   1.00 21.75  ? 263 LEU B CA  1 
ATOM   1043 C C   . LEU B 1 29  ? 5.186   -9.218  6.657   1.00 25.13  ? 263 LEU B C   1 
ATOM   1044 O O   . LEU B 1 29  ? 5.209   -10.414 6.917   1.00 23.32  ? 263 LEU B O   1 
ATOM   1045 C CB  . LEU B 1 29  ? 4.817   -8.337  4.372   1.00 22.65  ? 263 LEU B CB  1 
ATOM   1046 C CG  . LEU B 1 29  ? 4.006   -8.177  3.086   1.00 21.31  ? 263 LEU B CG  1 
ATOM   1047 C CD1 . LEU B 1 29  ? 4.852   -7.530  2.010   1.00 21.96  ? 263 LEU B CD1 1 
ATOM   1048 C CD2 . LEU B 1 29  ? 3.524   -9.538  2.625   1.00 25.18  ? 263 LEU B CD2 1 
ATOM   1049 N N   . ALA B 1 30  ? 6.064   -8.342  7.146   1.00 26.64  ? 264 ALA B N   1 
ATOM   1050 C CA  . ALA B 1 30  ? 7.133   -8.721  8.060   1.00 26.29  ? 264 ALA B CA  1 
ATOM   1051 C C   . ALA B 1 30  ? 6.635   -9.420  9.334   1.00 26.51  ? 264 ALA B C   1 
ATOM   1052 O O   . ALA B 1 30  ? 7.197   -10.433 9.734   1.00 28.23  ? 264 ALA B O   1 
ATOM   1053 C CB  . ALA B 1 30  ? 7.968   -7.503  8.410   1.00 21.33  ? 264 ALA B CB  1 
ATOM   1054 N N   . LEU B 1 31  ? 5.600   -8.871  9.972   1.00 26.88  ? 265 LEU B N   1 
ATOM   1055 C CA  . LEU B 1 31  ? 5.025   -9.458  11.186  1.00 26.76  ? 265 LEU B CA  1 
ATOM   1056 C C   . LEU B 1 31  ? 4.348   -10.799 10.906  1.00 29.63  ? 265 LEU B C   1 
ATOM   1057 O O   . LEU B 1 31  ? 4.046   -11.563 11.833  1.00 32.82  ? 265 LEU B O   1 
ATOM   1058 C CB  . LEU B 1 31  ? 4.005   -8.510  11.818  1.00 29.51  ? 265 LEU B CB  1 
ATOM   1059 C CG  . LEU B 1 31  ? 4.505   -7.319  12.637  1.00 33.23  ? 265 LEU B CG  1 
ATOM   1060 C CD1 . LEU B 1 31  ? 3.312   -6.424  12.987  1.00 34.93  ? 265 LEU B CD1 1 
ATOM   1061 C CD2 . LEU B 1 31  ? 5.229   -7.792  13.898  1.00 31.32  ? 265 LEU B CD2 1 
ATOM   1062 N N   . LYS B 1 32  ? 4.035   -11.056 9.640   1.00 30.26  ? 266 LYS B N   1 
ATOM   1063 C CA  . LYS B 1 32  ? 3.416   -12.326 9.284   1.00 33.52  ? 266 LYS B CA  1 
ATOM   1064 C C   . LYS B 1 32  ? 4.463   -13.447 9.345   1.00 33.71  ? 266 LYS B C   1 
ATOM   1065 O O   . LYS B 1 32  ? 4.130   -14.628 9.329   1.00 29.74  ? 266 LYS B O   1 
ATOM   1066 C CB  . LYS B 1 32  ? 2.719   -12.234 7.922   1.00 32.53  ? 266 LYS B CB  1 
ATOM   1067 C CG  . LYS B 1 32  ? 1.208   -12.246 8.078   1.00 35.65  ? 266 LYS B CG  1 
ATOM   1068 C CD  . LYS B 1 32  ? 0.431   -12.019 6.795   1.00 40.13  ? 266 LYS B CD  1 
ATOM   1069 C CE  . LYS B 1 32  ? -1.082  -12.215 7.076   1.00 49.68  ? 266 LYS B CE  1 
ATOM   1070 N NZ  . LYS B 1 32  ? -2.044  -11.372 6.260   1.00 48.90  ? 266 LYS B NZ  1 
ATOM   1071 N N   . GLY B 1 33  ? 5.730   -13.056 9.481   1.00 34.94  ? 267 GLY B N   1 
ATOM   1072 C CA  . GLY B 1 33  ? 6.818   -14.019 9.594   1.00 34.03  ? 267 GLY B CA  1 
ATOM   1073 C C   . GLY B 1 33  ? 7.540   -13.923 10.939  1.00 31.51  ? 267 GLY B C   1 
ATOM   1074 O O   . GLY B 1 33  ? 8.704   -14.308 11.049  1.00 29.33  ? 267 GLY B O   1 
ATOM   1075 N N   . ALA B 1 34  ? 6.832   -13.445 11.965  1.00 30.29  ? 268 ALA B N   1 
ATOM   1076 C CA  . ALA B 1 34  ? 7.397   -13.279 13.303  1.00 26.31  ? 268 ALA B CA  1 
ATOM   1077 C C   . ALA B 1 34  ? 6.813   -14.184 14.376  1.00 29.97  ? 268 ALA B C   1 
ATOM   1078 O O   . ALA B 1 34  ? 5.699   -14.694 14.262  1.00 28.30  ? 268 ALA B O   1 
ATOM   1079 C CB  . ALA B 1 34  ? 7.272   -11.840 13.736  1.00 29.13  ? 268 ALA B CB  1 
ATOM   1080 N N   . SER B 1 35  ? 7.605   -14.407 15.415  1.00 33.51  ? 269 SER B N   1 
ATOM   1081 C CA  . SER B 1 35  ? 7.177   -15.215 16.545  1.00 35.53  ? 269 SER B CA  1 
ATOM   1082 C C   . SER B 1 35  ? 6.175   -14.376 17.325  1.00 39.40  ? 269 SER B C   1 
ATOM   1083 O O   . SER B 1 35  ? 6.075   -13.162 17.112  1.00 38.19  ? 269 SER B O   1 
ATOM   1084 C CB  . SER B 1 35  ? 8.377   -15.515 17.440  1.00 39.11  ? 269 SER B CB  1 
ATOM   1085 O OG  . SER B 1 35  ? 9.045   -14.313 17.803  1.00 33.24  ? 269 SER B OG  1 
ATOM   1086 N N   . ASP B 1 36  ? 5.452   -15.000 18.250  1.00 43.26  ? 270 ASP B N   1 
ATOM   1087 C CA  . ASP B 1 36  ? 4.489   -14.250 19.044  1.00 43.13  ? 270 ASP B CA  1 
ATOM   1088 C C   . ASP B 1 36  ? 5.145   -13.197 19.939  1.00 42.61  ? 270 ASP B C   1 
ATOM   1089 O O   . ASP B 1 36  ? 4.600   -12.110 20.102  1.00 42.04  ? 270 ASP B O   1 
ATOM   1090 C CB  . ASP B 1 36  ? 3.592   -15.189 19.842  1.00 46.33  ? 270 ASP B CB  1 
ATOM   1091 C CG  . ASP B 1 36  ? 2.734   -16.063 18.945  1.00 52.33  ? 270 ASP B CG  1 
ATOM   1092 O OD1 . ASP B 1 36  ? 2.276   -17.121 19.423  1.00 56.77  ? 270 ASP B OD1 1 
ATOM   1093 O OD2 . ASP B 1 36  ? 2.518   -15.700 17.764  1.00 52.00  ? 270 ASP B OD2 1 
ATOM   1094 N N   . GLU B 1 37  ? 6.336   -13.477 20.468  1.00 41.14  ? 271 GLU B N   1 
ATOM   1095 C CA  . GLU B 1 37  ? 6.996   -12.483 21.309  1.00 42.48  ? 271 GLU B CA  1 
ATOM   1096 C C   . GLU B 1 37  ? 7.647   -11.326 20.556  1.00 42.15  ? 271 GLU B C   1 
ATOM   1097 O O   . GLU B 1 37  ? 8.040   -10.340 21.178  1.00 48.48  ? 271 GLU B O   1 
ATOM   1098 C CB  . GLU B 1 37  ? 7.982   -13.103 22.308  1.00 42.80  ? 271 GLU B CB  1 
ATOM   1099 C CG  . GLU B 1 37  ? 8.705   -14.336 21.847  1.00 55.13  ? 271 GLU B CG  1 
ATOM   1100 C CD  . GLU B 1 37  ? 7.940   -15.611 22.151  1.00 62.42  ? 271 GLU B CD  1 
ATOM   1101 O OE1 . GLU B 1 37  ? 7.574   -15.826 23.331  1.00 66.08  ? 271 GLU B OE1 1 
ATOM   1102 O OE2 . GLU B 1 37  ? 7.715   -16.405 21.208  1.00 70.36  ? 271 GLU B OE2 1 
ATOM   1103 N N   . LEU B 1 38  ? 7.823   -11.446 19.240  1.00 38.72  ? 272 LEU B N   1 
ATOM   1104 C CA  . LEU B 1 38  ? 8.392   -10.322 18.498  1.00 33.07  ? 272 LEU B CA  1 
ATOM   1105 C C   . LEU B 1 38  ? 7.226   -9.428  18.093  1.00 32.35  ? 272 LEU B C   1 
ATOM   1106 O O   . LEU B 1 38  ? 7.363   -8.201  18.050  1.00 33.34  ? 272 LEU B O   1 
ATOM   1107 C CB  . LEU B 1 38  ? 9.232   -10.748 17.280  1.00 27.96  ? 272 LEU B CB  1 
ATOM   1108 C CG  . LEU B 1 38  ? 9.795   -9.561  16.465  1.00 25.17  ? 272 LEU B CG  1 
ATOM   1109 C CD1 . LEU B 1 38  ? 10.575  -8.602  17.344  1.00 24.61  ? 272 LEU B CD1 1 
ATOM   1110 C CD2 . LEU B 1 38  ? 10.671  -10.038 15.331  1.00 22.39  ? 272 LEU B CD2 1 
ATOM   1111 N N   . LYS B 1 39  ? 6.060   -10.035 17.865  1.00 29.03  ? 273 LYS B N   1 
ATOM   1112 C CA  . LYS B 1 39  ? 4.872   -9.262  17.508  1.00 33.59  ? 273 LYS B CA  1 
ATOM   1113 C C   . LYS B 1 39  ? 4.436   -8.399  18.693  1.00 36.15  ? 273 LYS B C   1 
ATOM   1114 O O   . LYS B 1 39  ? 4.080   -7.238  18.522  1.00 38.00  ? 273 LYS B O   1 
ATOM   1115 C CB  . LYS B 1 39  ? 3.717   -10.172 17.093  1.00 34.02  ? 273 LYS B CB  1 
ATOM   1116 C CG  . LYS B 1 39  ? 3.692   -10.548 15.626  1.00 35.96  ? 273 LYS B CG  1 
ATOM   1117 C CD  . LYS B 1 39  ? 2.405   -11.295 15.286  1.00 35.87  ? 273 LYS B CD  1 
ATOM   1118 C CE  . LYS B 1 39  ? 2.432   -12.730 15.760  1.00 32.67  ? 273 LYS B CE  1 
ATOM   1119 N NZ  . LYS B 1 39  ? 2.537   -13.655 14.601  1.00 35.59  ? 273 LYS B NZ  1 
ATOM   1120 N N   . GLU B 1 40  ? 4.506   -8.964  19.896  1.00 40.25  ? 274 GLU B N   1 
ATOM   1121 C CA  . GLU B 1 40  ? 4.120   -8.259  21.115  1.00 42.03  ? 274 GLU B CA  1 
ATOM   1122 C C   . GLU B 1 40  ? 5.066   -7.104  21.429  1.00 41.51  ? 274 GLU B C   1 
ATOM   1123 O O   . GLU B 1 40  ? 4.630   -6.035  21.882  1.00 39.75  ? 274 GLU B O   1 
ATOM   1124 C CB  . GLU B 1 40  ? 4.037   -9.239  22.302  1.00 48.38  ? 274 GLU B CB  1 
ATOM   1125 C CG  . GLU B 1 40  ? 2.931   -10.312 22.136  1.00 61.42  ? 274 GLU B CG  1 
ATOM   1126 C CD  . GLU B 1 40  ? 2.751   -11.249 23.342  1.00 65.72  ? 274 GLU B CD  1 
ATOM   1127 O OE1 . GLU B 1 40  ? 2.696   -12.485 23.126  1.00 65.13  ? 274 GLU B OE1 1 
ATOM   1128 O OE2 . GLU B 1 40  ? 2.623   -10.756 24.490  1.00 68.63  ? 274 GLU B OE2 1 
ATOM   1129 N N   . LYS B 1 41  ? 6.354   -7.323  21.159  1.00 38.19  ? 275 LYS B N   1 
ATOM   1130 C CA  . LYS B 1 41  ? 7.394   -6.321  21.387  1.00 36.78  ? 275 LYS B CA  1 
ATOM   1131 C C   . LYS B 1 41  ? 7.183   -5.094  20.484  1.00 38.13  ? 275 LYS B C   1 
ATOM   1132 O O   . LYS B 1 41  ? 7.272   -3.952  20.941  1.00 37.04  ? 275 LYS B O   1 
ATOM   1133 C CB  . LYS B 1 41  ? 8.780   -6.943  21.145  1.00 33.81  ? 275 LYS B CB  1 
ATOM   1134 C CG  . LYS B 1 41  ? 9.922   -5.947  21.197  1.00 29.99  ? 275 LYS B CG  1 
ATOM   1135 C CD  . LYS B 1 41  ? 11.033  -6.423  22.111  1.00 34.75  ? 275 LYS B CD  1 
ATOM   1136 C CE  . LYS B 1 41  ? 11.933  -5.253  22.503  1.00 41.88  ? 275 LYS B CE  1 
ATOM   1137 N NZ  . LYS B 1 41  ? 13.076  -5.601  23.407  1.00 44.79  ? 275 LYS B NZ  1 
ATOM   1138 N N   . ILE B 1 42  ? 6.890   -5.346  19.209  1.00 38.19  ? 276 ILE B N   1 
ATOM   1139 C CA  . ILE B 1 42  ? 6.653   -4.291  18.231  1.00 36.30  ? 276 ILE B CA  1 
ATOM   1140 C C   . ILE B 1 42  ? 5.332   -3.546  18.500  1.00 37.10  ? 276 ILE B C   1 
ATOM   1141 O O   . ILE B 1 42  ? 5.294   -2.318  18.457  1.00 35.94  ? 276 ILE B O   1 
ATOM   1142 C CB  . ILE B 1 42  ? 6.733   -4.876  16.795  1.00 32.62  ? 276 ILE B CB  1 
ATOM   1143 C CG1 . ILE B 1 42  ? 8.205   -5.135  16.448  1.00 29.02  ? 276 ILE B CG1 1 
ATOM   1144 C CG2 . ILE B 1 42  ? 6.050   -3.960  15.783  1.00 27.68  ? 276 ILE B CG2 1 
ATOM   1145 C CD1 . ILE B 1 42  ? 8.411   -6.005  15.244  1.00 28.92  ? 276 ILE B CD1 1 
ATOM   1146 N N   . PHE B 1 43  ? 4.282   -4.283  18.859  1.00 41.39  ? 277 PHE B N   1 
ATOM   1147 C CA  . PHE B 1 43  ? 2.970   -3.693  19.155  1.00 45.06  ? 277 PHE B CA  1 
ATOM   1148 C C   . PHE B 1 43  ? 2.935   -2.734  20.352  1.00 47.24  ? 277 PHE B C   1 
ATOM   1149 O O   . PHE B 1 43  ? 2.190   -1.752  20.331  1.00 50.39  ? 277 PHE B O   1 
ATOM   1150 C CB  . PHE B 1 43  ? 1.913   -4.784  19.341  1.00 51.89  ? 277 PHE B CB  1 
ATOM   1151 C CG  . PHE B 1 43  ? 1.176   -5.152  18.071  1.00 61.08  ? 277 PHE B CG  1 
ATOM   1152 C CD1 . PHE B 1 43  ? 1.517   -6.303  17.350  1.00 63.18  ? 277 PHE B CD1 1 
ATOM   1153 C CD2 . PHE B 1 43  ? 0.127   -4.354  17.602  1.00 63.48  ? 277 PHE B CD2 1 
ATOM   1154 C CE1 . PHE B 1 43  ? 0.827   -6.657  16.184  1.00 61.64  ? 277 PHE B CE1 1 
ATOM   1155 C CE2 . PHE B 1 43  ? -0.570  -4.697  16.439  1.00 66.03  ? 277 PHE B CE2 1 
ATOM   1156 C CZ  . PHE B 1 43  ? -0.218  -5.852  15.729  1.00 66.34  ? 277 PHE B CZ  1 
ATOM   1157 N N   . LYS B 1 44  ? 3.728   -3.003  21.392  1.00 47.83  ? 278 LYS B N   1 
ATOM   1158 C CA  . LYS B 1 44  ? 3.752   -2.113  22.563  1.00 46.01  ? 278 LYS B CA  1 
ATOM   1159 C C   . LYS B 1 44  ? 4.517   -0.812  22.266  1.00 44.56  ? 278 LYS B C   1 
ATOM   1160 O O   . LYS B 1 44  ? 4.621   0.072   23.121  1.00 48.99  ? 278 LYS B O   1 
ATOM   1161 C CB  . LYS B 1 44  ? 4.350   -2.819  23.804  1.00 44.49  ? 278 LYS B CB  1 
ATOM   1162 C CG  . LYS B 1 44  ? 5.864   -2.639  24.016  1.00 47.43  ? 278 LYS B CG  1 
ATOM   1163 C CD  . LYS B 1 44  ? 6.274   -2.910  25.470  1.00 47.96  ? 278 LYS B CD  1 
ATOM   1164 C CE  . LYS B 1 44  ? 7.729   -2.530  25.733  1.00 47.10  ? 278 LYS B CE  1 
ATOM   1165 N NZ  . LYS B 1 44  ? 8.071   -2.481  27.183  1.00 45.26  ? 278 LYS B NZ  1 
ATOM   1166 N N   . ASN B 1 45  ? 5.032   -0.695  21.048  1.00 39.02  ? 279 ASN B N   1 
ATOM   1167 C CA  . ASN B 1 45  ? 5.789   0.476   20.654  1.00 38.81  ? 279 ASN B CA  1 
ATOM   1168 C C   . ASN B 1 45  ? 5.075   1.350   19.638  1.00 40.82  ? 279 ASN B C   1 
ATOM   1169 O O   . ASN B 1 45  ? 5.620   2.357   19.197  1.00 40.03  ? 279 ASN B O   1 
ATOM   1170 C CB  . ASN B 1 45  ? 7.144   0.060   20.111  1.00 36.30  ? 279 ASN B CB  1 
ATOM   1171 C CG  . ASN B 1 45  ? 8.152   -0.172  21.198  1.00 42.75  ? 279 ASN B CG  1 
ATOM   1172 O OD1 . ASN B 1 45  ? 8.868   0.754   21.598  1.00 49.30  ? 279 ASN B OD1 1 
ATOM   1173 N ND2 . ASN B 1 45  ? 8.243   -1.412  21.674  1.00 35.62  ? 279 ASN B ND2 1 
ATOM   1174 N N   . MET B 1 46  ? 3.885   0.937   19.220  1.00 48.38  ? 280 MET B N   1 
ATOM   1175 C CA  . MET B 1 46  ? 3.115   1.730   18.262  1.00 55.86  ? 280 MET B CA  1 
ATOM   1176 C C   . MET B 1 46  ? 1.759   2.168   18.846  1.00 59.70  ? 280 MET B C   1 
ATOM   1177 O O   . MET B 1 46  ? 1.125   1.426   19.615  1.00 61.15  ? 280 MET B O   1 
ATOM   1178 C CB  . MET B 1 46  ? 2.966   1.001   16.905  1.00 54.24  ? 280 MET B CB  1 
ATOM   1179 C CG  . MET B 1 46  ? 2.300   -0.383  16.926  1.00 59.28  ? 280 MET B CG  1 
ATOM   1180 S SD  . MET B 1 46  ? 2.329   -1.289  15.303  1.00 59.49  ? 280 MET B SD  1 
ATOM   1181 C CE  . MET B 1 46  ? 2.502   -2.947  15.808  1.00 54.09  ? 280 MET B CE  1 
ATOM   1182 N N   . SER B 1 47  ? 1.341   3.390   18.506  1.00 59.56  ? 281 SER B N   1 
ATOM   1183 C CA  . SER B 1 47  ? 0.082   3.959   18.991  1.00 58.68  ? 281 SER B CA  1 
ATOM   1184 C C   . SER B 1 47  ? -1.149  3.053   18.846  1.00 60.18  ? 281 SER B C   1 
ATOM   1185 O O   . SER B 1 47  ? -1.156  2.089   18.077  1.00 59.18  ? 281 SER B O   1 
ATOM   1186 C CB  . SER B 1 47  ? -0.187  5.318   18.326  1.00 57.78  ? 281 SER B CB  1 
ATOM   1187 O OG  . SER B 1 47  ? -0.494  5.193   16.947  1.00 58.08  ? 281 SER B OG  1 
ATOM   1188 N N   . LYS B 1 48  ? -2.185  3.382   19.611  1.00 62.41  ? 282 LYS B N   1 
ATOM   1189 C CA  . LYS B 1 48  ? -3.454  2.657   19.627  1.00 63.13  ? 282 LYS B CA  1 
ATOM   1190 C C   . LYS B 1 48  ? -4.098  2.665   18.232  1.00 62.39  ? 282 LYS B C   1 
ATOM   1191 O O   . LYS B 1 48  ? -4.779  1.711   17.835  1.00 59.36  ? 282 LYS B O   1 
ATOM   1192 C CB  . LYS B 1 48  ? -4.382  3.333   20.645  1.00 63.60  ? 282 LYS B CB  1 
ATOM   1193 C CG  . LYS B 1 48  ? -5.756  2.718   20.787  1.00 68.54  ? 282 LYS B CG  1 
ATOM   1194 C CD  . LYS B 1 48  ? -6.646  3.606   21.649  1.00 71.44  ? 282 LYS B CD  1 
ATOM   1195 C CE  . LYS B 1 48  ? -8.017  2.991   21.826  1.00 76.22  ? 282 LYS B CE  1 
ATOM   1196 N NZ  . LYS B 1 48  ? -7.939  1.628   22.436  1.00 80.25  ? 282 LYS B NZ  1 
ATOM   1197 N N   . ARG B 1 49  ? -3.845  3.743   17.494  1.00 62.19  ? 283 ARG B N   1 
ATOM   1198 C CA  . ARG B 1 49  ? -4.371  3.945   16.146  1.00 64.16  ? 283 ARG B CA  1 
ATOM   1199 C C   . ARG B 1 49  ? -3.485  3.304   15.078  1.00 59.77  ? 283 ARG B C   1 
ATOM   1200 O O   . ARG B 1 49  ? -3.988  2.741   14.099  1.00 57.23  ? 283 ARG B O   1 
ATOM   1201 C CB  . ARG B 1 49  ? -4.526  5.448   15.890  1.00 71.00  ? 283 ARG B CB  1 
ATOM   1202 C CG  . ARG B 1 49  ? -4.994  5.841   14.505  1.00 75.61  ? 283 ARG B CG  1 
ATOM   1203 C CD  . ARG B 1 49  ? -5.053  7.350   14.415  1.00 80.31  ? 283 ARG B CD  1 
ATOM   1204 N NE  . ARG B 1 49  ? -5.017  7.831   13.039  1.00 88.24  ? 283 ARG B NE  1 
ATOM   1205 C CZ  . ARG B 1 49  ? -4.444  8.973   12.663  1.00 90.76  ? 283 ARG B CZ  1 
ATOM   1206 N NH1 . ARG B 1 49  ? -3.857  9.756   13.564  1.00 91.35  ? 283 ARG B NH1 1 
ATOM   1207 N NH2 . ARG B 1 49  ? -4.458  9.336   11.385  1.00 92.61  ? 283 ARG B NH2 1 
ATOM   1208 N N   . ALA B 1 50  ? -2.171  3.416   15.259  1.00 55.93  ? 284 ALA B N   1 
ATOM   1209 C CA  . ALA B 1 50  ? -1.220  2.828   14.327  1.00 51.87  ? 284 ALA B CA  1 
ATOM   1210 C C   . ALA B 1 50  ? -1.479  1.329   14.267  1.00 50.06  ? 284 ALA B C   1 
ATOM   1211 O O   . ALA B 1 50  ? -1.475  0.742   13.186  1.00 51.61  ? 284 ALA B O   1 
ATOM   1212 C CB  . ALA B 1 50  ? 0.199   3.093   14.781  1.00 48.32  ? 284 ALA B CB  1 
ATOM   1213 N N   . ALA B 1 51  ? -1.735  0.729   15.431  1.00 46.92  ? 285 ALA B N   1 
ATOM   1214 C CA  . ALA B 1 51  ? -2.018  -0.708  15.532  1.00 46.72  ? 285 ALA B CA  1 
ATOM   1215 C C   . ALA B 1 51  ? -3.369  -1.029  14.906  1.00 45.41  ? 285 ALA B C   1 
ATOM   1216 O O   . ALA B 1 51  ? -3.641  -2.172  14.524  1.00 43.83  ? 285 ALA B O   1 
ATOM   1217 C CB  . ALA B 1 51  ? -1.993  -1.160  16.993  1.00 44.26  ? 285 ALA B CB  1 
ATOM   1218 N N   . ALA B 1 52  ? -4.217  -0.011  14.829  1.00 45.84  ? 286 ALA B N   1 
ATOM   1219 C CA  . ALA B 1 52  ? -5.538  -0.150  14.238  1.00 47.08  ? 286 ALA B CA  1 
ATOM   1220 C C   . ALA B 1 52  ? -5.382  -0.061  12.721  1.00 45.10  ? 286 ALA B C   1 
ATOM   1221 O O   . ALA B 1 52  ? -6.017  -0.812  11.962  1.00 39.88  ? 286 ALA B O   1 
ATOM   1222 C CB  . ALA B 1 52  ? -6.458  0.944   14.759  1.00 43.73  ? 286 ALA B CB  1 
ATOM   1223 N N   . LEU B 1 53  ? -4.509  0.844   12.292  1.00 41.88  ? 287 LEU B N   1 
ATOM   1224 C CA  . LEU B 1 53  ? -4.233  1.030   10.883  1.00 45.21  ? 287 LEU B CA  1 
ATOM   1225 C C   . LEU B 1 53  ? -3.530  -0.219  10.338  1.00 47.37  ? 287 LEU B C   1 
ATOM   1226 O O   . LEU B 1 53  ? -3.693  -0.568  9.168   1.00 48.89  ? 287 LEU B O   1 
ATOM   1227 C CB  . LEU B 1 53  ? -3.363  2.264   10.682  1.00 48.33  ? 287 LEU B CB  1 
ATOM   1228 C CG  . LEU B 1 53  ? -3.313  2.843   9.266   1.00 54.07  ? 287 LEU B CG  1 
ATOM   1229 C CD1 . LEU B 1 53  ? -4.731  2.965   8.705   1.00 56.76  ? 287 LEU B CD1 1 
ATOM   1230 C CD2 . LEU B 1 53  ? -2.612  4.210   9.299   1.00 55.57  ? 287 LEU B CD2 1 
ATOM   1231 N N   . LEU B 1 54  ? -2.780  -0.900  11.207  1.00 44.50  ? 288 LEU B N   1 
ATOM   1232 C CA  . LEU B 1 54  ? -2.067  -2.119  10.852  1.00 41.88  ? 288 LEU B CA  1 
ATOM   1233 C C   . LEU B 1 54  ? -3.004  -3.329  10.768  1.00 46.09  ? 288 LEU B C   1 
ATOM   1234 O O   . LEU B 1 54  ? -2.789  -4.225  9.942   1.00 41.75  ? 288 LEU B O   1 
ATOM   1235 C CB  . LEU B 1 54  ? -0.945  -2.389  11.856  1.00 44.38  ? 288 LEU B CB  1 
ATOM   1236 C CG  . LEU B 1 54  ? -0.233  -3.749  11.807  1.00 48.45  ? 288 LEU B CG  1 
ATOM   1237 C CD1 . LEU B 1 54  ? 0.367   -3.968  10.444  1.00 49.28  ? 288 LEU B CD1 1 
ATOM   1238 C CD2 . LEU B 1 54  ? 0.847   -3.809  12.869  1.00 48.58  ? 288 LEU B CD2 1 
ATOM   1239 N N   . LYS B 1 55  ? -4.018  -3.372  11.640  1.00 49.98  ? 289 LYS B N   1 
ATOM   1240 C CA  . LYS B 1 55  ? -4.994  -4.471  11.636  1.00 53.69  ? 289 LYS B CA  1 
ATOM   1241 C C   . LYS B 1 55  ? -5.728  -4.458  10.311  1.00 52.27  ? 289 LYS B C   1 
ATOM   1242 O O   . LYS B 1 55  ? -5.946  -5.508  9.711   1.00 54.85  ? 289 LYS B O   1 
ATOM   1243 C CB  . LYS B 1 55  ? -6.015  -4.338  12.775  1.00 55.67  ? 289 LYS B CB  1 
ATOM   1244 C CG  . LYS B 1 55  ? -5.462  -4.630  14.154  1.00 57.87  ? 289 LYS B CG  1 
ATOM   1245 C CD  . LYS B 1 55  ? -4.814  -6.007  14.220  1.00 57.90  ? 289 LYS B CD  1 
ATOM   1246 C CE  . LYS B 1 55  ? -4.297  -6.281  15.616  1.00 57.82  ? 289 LYS B CE  1 
ATOM   1247 N NZ  . LYS B 1 55  ? -3.528  -5.105  16.128  1.00 56.08  ? 289 LYS B NZ  1 
ATOM   1248 N N   . ASP B 1 56  ? -6.092  -3.255  9.863   1.00 51.41  ? 290 ASP B N   1 
ATOM   1249 C CA  . ASP B 1 56  ? -6.782  -3.053  8.586   1.00 48.09  ? 290 ASP B CA  1 
ATOM   1250 C C   . ASP B 1 56  ? -5.987  -3.660  7.436   1.00 41.63  ? 290 ASP B C   1 
ATOM   1251 O O   . ASP B 1 56  ? -6.522  -4.443  6.652   1.00 37.93  ? 290 ASP B O   1 
ATOM   1252 C CB  . ASP B 1 56  ? -6.965  -1.557  8.303   1.00 51.08  ? 290 ASP B CB  1 
ATOM   1253 C CG  . ASP B 1 56  ? -8.052  -0.921  9.141   1.00 53.48  ? 290 ASP B CG  1 
ATOM   1254 O OD1 . ASP B 1 56  ? -8.762  -1.641  9.879   1.00 56.64  ? 290 ASP B OD1 1 
ATOM   1255 O OD2 . ASP B 1 56  ? -8.200  0.313   9.042   1.00 53.81  ? 290 ASP B OD2 1 
ATOM   1256 N N   . GLU B 1 57  ? -4.718  -3.265  7.328   1.00 36.72  ? 291 GLU B N   1 
ATOM   1257 C CA  . GLU B 1 57  ? -3.860  -3.776  6.276   1.00 37.46  ? 291 GLU B CA  1 
ATOM   1258 C C   . GLU B 1 57  ? -3.848  -5.292  6.329   1.00 39.05  ? 291 GLU B C   1 
ATOM   1259 O O   . GLU B 1 57  ? -4.236  -5.954  5.365   1.00 40.87  ? 291 GLU B O   1 
ATOM   1260 C CB  . GLU B 1 57  ? -2.438  -3.242  6.415   1.00 34.31  ? 291 GLU B CB  1 
ATOM   1261 C CG  . GLU B 1 57  ? -1.484  -3.723  5.313   1.00 37.96  ? 291 GLU B CG  1 
ATOM   1262 C CD  . GLU B 1 57  ? -1.758  -3.115  3.932   1.00 35.26  ? 291 GLU B CD  1 
ATOM   1263 O OE1 . GLU B 1 57  ? -2.926  -3.017  3.514   1.00 35.33  ? 291 GLU B OE1 1 
ATOM   1264 O OE2 . GLU B 1 57  ? -0.784  -2.744  3.250   1.00 35.61  ? 291 GLU B OE2 1 
ATOM   1265 N N   . LEU B 1 58  ? -3.488  -5.829  7.492   1.00 42.70  ? 292 LEU B N   1 
ATOM   1266 C CA  . LEU B 1 58  ? -3.415  -7.272  7.711   1.00 43.39  ? 292 LEU B CA  1 
ATOM   1267 C C   . LEU B 1 58  ? -4.640  -8.024  7.236   1.00 44.09  ? 292 LEU B C   1 
ATOM   1268 O O   . LEU B 1 58  ? -4.525  -9.113  6.669   1.00 44.83  ? 292 LEU B O   1 
ATOM   1269 C CB  . LEU B 1 58  ? -3.167  -7.567  9.190   1.00 42.86  ? 292 LEU B CB  1 
ATOM   1270 C CG  . LEU B 1 58  ? -1.711  -7.329  9.590   1.00 44.98  ? 292 LEU B CG  1 
ATOM   1271 C CD1 . LEU B 1 58  ? -1.565  -7.168  11.102  1.00 46.99  ? 292 LEU B CD1 1 
ATOM   1272 C CD2 . LEU B 1 58  ? -0.855  -8.473  9.051   1.00 41.79  ? 292 LEU B CD2 1 
ATOM   1273 N N   . GLU B 1 59  ? -5.807  -7.418  7.431   1.00 45.61  ? 293 GLU B N   1 
ATOM   1274 C CA  . GLU B 1 59  ? -7.063  -8.031  7.035   1.00 45.98  ? 293 GLU B CA  1 
ATOM   1275 C C   . GLU B 1 59  ? -7.427  -7.766  5.584   1.00 46.24  ? 293 GLU B C   1 
ATOM   1276 O O   . GLU B 1 59  ? -8.089  -8.591  4.942   1.00 47.01  ? 293 GLU B O   1 
ATOM   1277 C CB  . GLU B 1 59  ? -8.184  -7.568  7.945   1.00 48.61  ? 293 GLU B CB  1 
ATOM   1278 C CG  . GLU B 1 59  ? -9.387  -8.467  7.866   1.00 59.41  ? 293 GLU B CG  1 
ATOM   1279 C CD  . GLU B 1 59  ? -10.490 -8.026  8.786   1.00 64.93  ? 293 GLU B CD  1 
ATOM   1280 O OE1 . GLU B 1 59  ? -10.929 -8.856  9.616   1.00 67.80  ? 293 GLU B OE1 1 
ATOM   1281 O OE2 . GLU B 1 59  ? -10.911 -6.849  8.675   1.00 66.75  ? 293 GLU B OE2 1 
ATOM   1282 N N   . TYR B 1 60  ? -7.031  -6.600  5.082   1.00 43.85  ? 294 TYR B N   1 
ATOM   1283 C CA  . TYR B 1 60  ? -7.274  -6.234  3.692   1.00 44.21  ? 294 TYR B CA  1 
ATOM   1284 C C   . TYR B 1 60  ? -6.428  -7.134  2.771   1.00 47.31  ? 294 TYR B C   1 
ATOM   1285 O O   . TYR B 1 60  ? -6.883  -7.544  1.698   1.00 47.94  ? 294 TYR B O   1 
ATOM   1286 C CB  . TYR B 1 60  ? -6.909  -4.760  3.472   1.00 40.28  ? 294 TYR B CB  1 
ATOM   1287 C CG  . TYR B 1 60  ? -6.747  -4.357  2.017   1.00 42.88  ? 294 TYR B CG  1 
ATOM   1288 C CD1 . TYR B 1 60  ? -7.813  -3.805  1.300   1.00 38.51  ? 294 TYR B CD1 1 
ATOM   1289 C CD2 . TYR B 1 60  ? -5.518  -4.516  1.357   1.00 39.44  ? 294 TYR B CD2 1 
ATOM   1290 C CE1 . TYR B 1 60  ? -7.659  -3.419  -0.031  1.00 36.37  ? 294 TYR B CE1 1 
ATOM   1291 C CE2 . TYR B 1 60  ? -5.360  -4.142  0.028   1.00 33.88  ? 294 TYR B CE2 1 
ATOM   1292 C CZ  . TYR B 1 60  ? -6.433  -3.588  -0.656  1.00 38.01  ? 294 TYR B CZ  1 
ATOM   1293 O OH  . TYR B 1 60  ? -6.274  -3.163  -1.953  1.00 39.22  ? 294 TYR B OH  1 
ATOM   1294 N N   . MET B 1 61  ? -5.200  -7.435  3.206   1.00 49.28  ? 295 MET B N   1 
ATOM   1295 C CA  . MET B 1 61  ? -4.238  -8.255  2.463   1.00 46.09  ? 295 MET B CA  1 
ATOM   1296 C C   . MET B 1 61  ? -4.649  -9.699  2.132   1.00 47.42  ? 295 MET B C   1 
ATOM   1297 O O   . MET B 1 61  ? -4.623  -10.111 0.972   1.00 49.58  ? 295 MET B O   1 
ATOM   1298 C CB  . MET B 1 61  ? -2.901  -8.293  3.209   1.00 47.25  ? 295 MET B CB  1 
ATOM   1299 C CG  . MET B 1 61  ? -2.013  -7.071  3.063   1.00 50.69  ? 295 MET B CG  1 
ATOM   1300 S SD  . MET B 1 61  ? -0.398  -7.332  3.889   1.00 52.13  ? 295 MET B SD  1 
ATOM   1301 C CE  . MET B 1 61  ? 0.511   -8.013  2.637   1.00 48.28  ? 295 MET B CE  1 
ATOM   1302 N N   . GLY B 1 62  ? -4.980  -10.479 3.156   1.00 46.90  ? 296 GLY B N   1 
ATOM   1303 C CA  . GLY B 1 62  ? -5.349  -11.869 2.944   1.00 46.61  ? 296 GLY B CA  1 
ATOM   1304 C C   . GLY B 1 62  ? -4.093  -12.726 2.849   1.00 47.42  ? 296 GLY B C   1 
ATOM   1305 O O   . GLY B 1 62  ? -3.057  -12.352 3.402   1.00 48.13  ? 296 GLY B O   1 
ATOM   1306 N N   . PRO B 1 63  ? -4.169  -13.921 2.242   1.00 47.00  ? 297 PRO B N   1 
ATOM   1307 C CA  . PRO B 1 63  ? -2.974  -14.765 2.123   1.00 46.65  ? 297 PRO B CA  1 
ATOM   1308 C C   . PRO B 1 63  ? -1.818  -14.087 1.367   1.00 43.93  ? 297 PRO B C   1 
ATOM   1309 O O   . PRO B 1 63  ? -2.010  -13.307 0.420   1.00 43.44  ? 297 PRO B O   1 
ATOM   1310 C CB  . PRO B 1 63  ? -3.509  -15.996 1.405   1.00 44.12  ? 297 PRO B CB  1 
ATOM   1311 C CG  . PRO B 1 63  ? -4.861  -16.127 2.026   1.00 46.99  ? 297 PRO B CG  1 
ATOM   1312 C CD  . PRO B 1 63  ? -5.384  -14.707 1.970   1.00 45.29  ? 297 PRO B CD  1 
ATOM   1313 N N   . VAL B 1 64  ? -0.607  -14.387 1.809   1.00 39.43  ? 298 VAL B N   1 
ATOM   1314 C CA  . VAL B 1 64  ? 0.566   -13.783 1.229   1.00 34.77  ? 298 VAL B CA  1 
ATOM   1315 C C   . VAL B 1 64  ? 1.610   -14.824 0.840   1.00 33.35  ? 298 VAL B C   1 
ATOM   1316 O O   . VAL B 1 64  ? 1.518   -15.988 1.239   1.00 26.02  ? 298 VAL B O   1 
ATOM   1317 C CB  . VAL B 1 64  ? 1.173   -12.754 2.226   1.00 37.21  ? 298 VAL B CB  1 
ATOM   1318 C CG1 . VAL B 1 64  ? 0.206   -11.598 2.450   1.00 38.70  ? 298 VAL B CG1 1 
ATOM   1319 C CG2 . VAL B 1 64  ? 1.461   -13.414 3.564   1.00 38.22  ? 298 VAL B CG2 1 
ATOM   1320 N N   . ARG B 1 65  ? 2.591   -14.378 0.053   1.00 31.05  ? 299 ARG B N   1 
ATOM   1321 C CA  . ARG B 1 65  ? 3.694   -15.208 -0.428  1.00 30.41  ? 299 ARG B CA  1 
ATOM   1322 C C   . ARG B 1 65  ? 4.922   -15.076 0.474   1.00 28.95  ? 299 ARG B C   1 
ATOM   1323 O O   . ARG B 1 65  ? 5.335   -13.957 0.804   1.00 25.10  ? 299 ARG B O   1 
ATOM   1324 C CB  . ARG B 1 65  ? 4.131   -14.756 -1.820  1.00 31.61  ? 299 ARG B CB  1 
ATOM   1325 C CG  . ARG B 1 65  ? 3.046   -14.575 -2.840  1.00 36.96  ? 299 ARG B CG  1 
ATOM   1326 C CD  . ARG B 1 65  ? 3.645   -13.795 -3.994  1.00 40.81  ? 299 ARG B CD  1 
ATOM   1327 N NE  . ARG B 1 65  ? 2.689   -13.545 -5.063  1.00 45.35  ? 299 ARG B NE  1 
ATOM   1328 C CZ  . ARG B 1 65  ? 2.585   -12.396 -5.724  1.00 44.99  ? 299 ARG B CZ  1 
ATOM   1329 N NH1 . ARG B 1 65  ? 3.370   -11.358 -5.426  1.00 39.83  ? 299 ARG B NH1 1 
ATOM   1330 N NH2 . ARG B 1 65  ? 1.733   -12.313 -6.732  1.00 46.58  ? 299 ARG B NH2 1 
ATOM   1331 N N   . LEU B 1 66  ? 5.571   -16.213 0.731   1.00 23.48  ? 300 LEU B N   1 
ATOM   1332 C CA  . LEU B 1 66  ? 6.776   -16.302 1.554   1.00 22.83  ? 300 LEU B CA  1 
ATOM   1333 C C   . LEU B 1 66  ? 7.917   -15.397 1.065   1.00 24.92  ? 300 LEU B C   1 
ATOM   1334 O O   . LEU B 1 66  ? 8.642   -14.817 1.870   1.00 23.20  ? 300 LEU B O   1 
ATOM   1335 C CB  . LEU B 1 66  ? 7.241   -17.750 1.602   1.00 26.39  ? 300 LEU B CB  1 
ATOM   1336 C CG  . LEU B 1 66  ? 8.385   -18.129 2.534   1.00 27.32  ? 300 LEU B CG  1 
ATOM   1337 C CD1 . LEU B 1 66  ? 7.973   -17.965 3.986   1.00 27.53  ? 300 LEU B CD1 1 
ATOM   1338 C CD2 . LEU B 1 66  ? 8.749   -19.571 2.259   1.00 27.89  ? 300 LEU B CD2 1 
ATOM   1339 N N   . LYS B 1 67  ? 8.062   -15.248 -0.249  1.00 27.53  ? 301 LYS B N   1 
ATOM   1340 C CA  . LYS B 1 67  ? 9.108   -14.385 -0.782  1.00 24.37  ? 301 LYS B CA  1 
ATOM   1341 C C   . LYS B 1 67  ? 8.886   -12.911 -0.410  1.00 25.65  ? 301 LYS B C   1 
ATOM   1342 O O   . LYS B 1 67  ? 9.846   -12.176 -0.141  1.00 26.86  ? 301 LYS B O   1 
ATOM   1343 C CB  . LYS B 1 67  ? 9.228   -14.530 -2.302  1.00 24.06  ? 301 LYS B CB  1 
ATOM   1344 C CG  . LYS B 1 67  ? 10.330  -13.635 -2.874  1.00 26.84  ? 301 LYS B CG  1 
ATOM   1345 C CD  . LYS B 1 67  ? 10.639  -13.867 -4.332  1.00 23.93  ? 301 LYS B CD  1 
ATOM   1346 C CE  . LYS B 1 67  ? 11.814  -12.972 -4.722  1.00 29.26  ? 301 LYS B CE  1 
ATOM   1347 N NZ  . LYS B 1 67  ? 12.177  -12.978 -6.181  1.00 32.12  ? 301 LYS B NZ  1 
ATOM   1348 N N   . ASP B 1 68  ? 7.631   -12.467 -0.406  1.00 25.37  ? 302 ASP B N   1 
ATOM   1349 C CA  . ASP B 1 68  ? 7.329   -11.075 -0.048  1.00 24.61  ? 302 ASP B CA  1 
ATOM   1350 C C   . ASP B 1 68  ? 7.562   -10.812 1.440   1.00 23.34  ? 302 ASP B C   1 
ATOM   1351 O O   . ASP B 1 68  ? 8.069   -9.750  1.817   1.00 21.05  ? 302 ASP B O   1 
ATOM   1352 C CB  . ASP B 1 68  ? 5.907   -10.689 -0.466  1.00 31.68  ? 302 ASP B CB  1 
ATOM   1353 C CG  . ASP B 1 68  ? 5.757   -10.559 -1.985  1.00 32.81  ? 302 ASP B CG  1 
ATOM   1354 O OD1 . ASP B 1 68  ? 6.648   -9.971  -2.652  1.00 29.50  ? 302 ASP B OD1 1 
ATOM   1355 O OD2 . ASP B 1 68  ? 4.741   -11.055 -2.509  1.00 33.50  ? 302 ASP B OD2 1 
ATOM   1356 N N   . VAL B 1 69  ? 7.204   -11.788 2.277   1.00 18.44  ? 303 VAL B N   1 
ATOM   1357 C CA  . VAL B 1 69  ? 7.427   -11.699 3.724   1.00 21.87  ? 303 VAL B CA  1 
ATOM   1358 C C   . VAL B 1 69  ? 8.949   -11.565 3.985   1.00 26.49  ? 303 VAL B C   1 
ATOM   1359 O O   . VAL B 1 69  ? 9.389   -10.721 4.773   1.00 28.06  ? 303 VAL B O   1 
ATOM   1360 C CB  . VAL B 1 69  ? 6.885   -12.959 4.448   1.00 21.62  ? 303 VAL B CB  1 
ATOM   1361 C CG1 . VAL B 1 69  ? 7.291   -12.958 5.902   1.00 22.74  ? 303 VAL B CG1 1 
ATOM   1362 C CG2 . VAL B 1 69  ? 5.368   -13.021 4.337   1.00 21.93  ? 303 VAL B CG2 1 
ATOM   1363 N N   . GLU B 1 70  ? 9.746   -12.381 3.290   1.00 26.91  ? 304 GLU B N   1 
ATOM   1364 C CA  . GLU B 1 70  ? 11.203  -12.354 3.412   1.00 22.26  ? 304 GLU B CA  1 
ATOM   1365 C C   . GLU B 1 70  ? 11.801  -11.022 2.930   1.00 23.08  ? 304 GLU B C   1 
ATOM   1366 O O   . GLU B 1 70  ? 12.746  -10.509 3.525   1.00 17.66  ? 304 GLU B O   1 
ATOM   1367 C CB  . GLU B 1 70  ? 11.826  -13.525 2.636   1.00 21.70  ? 304 GLU B CB  1 
ATOM   1368 C CG  . GLU B 1 70  ? 11.570  -14.899 3.255   1.00 24.38  ? 304 GLU B CG  1 
ATOM   1369 C CD  . GLU B 1 70  ? 12.240  -16.044 2.500   1.00 28.08  ? 304 GLU B CD  1 
ATOM   1370 O OE1 . GLU B 1 70  ? 12.859  -15.792 1.443   1.00 23.82  ? 304 GLU B OE1 1 
ATOM   1371 O OE2 . GLU B 1 70  ? 12.136  -17.201 2.969   1.00 26.28  ? 304 GLU B OE2 1 
ATOM   1372 N N   . GLU B 1 71  ? 11.240  -10.486 1.846   1.00 25.59  ? 305 GLU B N   1 
ATOM   1373 C CA  . GLU B 1 71  ? 11.659  -9.218  1.259   1.00 24.64  ? 305 GLU B CA  1 
ATOM   1374 C C   . GLU B 1 71  ? 11.340  -8.059  2.208   1.00 26.33  ? 305 GLU B C   1 
ATOM   1375 O O   . GLU B 1 71  ? 12.111  -7.092  2.311   1.00 22.09  ? 305 GLU B O   1 
ATOM   1376 C CB  . GLU B 1 71  ? 10.951  -9.013  -0.086  1.00 31.20  ? 305 GLU B CB  1 
ATOM   1377 C CG  . GLU B 1 71  ? 11.895  -8.679  -1.239  1.00 40.92  ? 305 GLU B CG  1 
ATOM   1378 C CD  . GLU B 1 71  ? 11.479  -9.340  -2.555  1.00 42.68  ? 305 GLU B CD  1 
ATOM   1379 O OE1 . GLU B 1 71  ? 10.421  -8.973  -3.096  1.00 39.10  ? 305 GLU B OE1 1 
ATOM   1380 O OE2 . GLU B 1 71  ? 12.208  -10.233 -3.043  1.00 40.77  ? 305 GLU B OE2 1 
ATOM   1381 N N   . ALA B 1 72  ? 10.215  -8.160  2.918   1.00 24.51  ? 306 ALA B N   1 
ATOM   1382 C CA  . ALA B 1 72  ? 9.829   -7.112  3.869   1.00 24.48  ? 306 ALA B CA  1 
ATOM   1383 C C   . ALA B 1 72  ? 10.737  -7.077  5.125   1.00 23.64  ? 306 ALA B C   1 
ATOM   1384 O O   . ALA B 1 72  ? 11.071  -5.996  5.623   1.00 26.32  ? 306 ALA B O   1 
ATOM   1385 C CB  . ALA B 1 72  ? 8.363   -7.269  4.252   1.00 17.55  ? 306 ALA B CB  1 
ATOM   1386 N N   . GLN B 1 73  ? 11.136  -8.257  5.610   1.00 20.96  ? 307 GLN B N   1 
ATOM   1387 C CA  . GLN B 1 73  ? 12.023  -8.394  6.769   1.00 19.50  ? 307 GLN B CA  1 
ATOM   1388 C C   . GLN B 1 73  ? 13.425  -7.854  6.427   1.00 23.89  ? 307 GLN B C   1 
ATOM   1389 O O   . GLN B 1 73  ? 14.073  -7.204  7.255   1.00 28.37  ? 307 GLN B O   1 
ATOM   1390 C CB  . GLN B 1 73  ? 12.116  -9.870  7.181   1.00 19.16  ? 307 GLN B CB  1 
ATOM   1391 C CG  . GLN B 1 73  ? 10.790  -10.445 7.657   1.00 20.59  ? 307 GLN B CG  1 
ATOM   1392 C CD  . GLN B 1 73  ? 10.855  -11.906 8.086   1.00 22.23  ? 307 GLN B CD  1 
ATOM   1393 O OE1 . GLN B 1 73  ? 11.729  -12.660 7.666   1.00 24.44  ? 307 GLN B OE1 1 
ATOM   1394 N NE2 . GLN B 1 73  ? 9.898   -12.314 8.924   1.00 23.32  ? 307 GLN B NE2 1 
ATOM   1395 N N   . GLN B 1 74  ? 13.874  -8.109  5.193   1.00 25.02  ? 308 GLN B N   1 
ATOM   1396 C CA  . GLN B 1 74  ? 15.179  -7.652  4.712   1.00 28.00  ? 308 GLN B CA  1 
ATOM   1397 C C   . GLN B 1 74  ? 15.226  -6.124  4.582   1.00 27.46  ? 308 GLN B C   1 
ATOM   1398 O O   . GLN B 1 74  ? 16.251  -5.507  4.868   1.00 30.54  ? 308 GLN B O   1 
ATOM   1399 C CB  . GLN B 1 74  ? 15.524  -8.327  3.376   1.00 30.20  ? 308 GLN B CB  1 
ATOM   1400 C CG  . GLN B 1 74  ? 17.001  -8.241  2.971   1.00 30.99  ? 308 GLN B CG  1 
ATOM   1401 C CD  . GLN B 1 74  ? 17.951  -8.928  3.956   1.00 33.79  ? 308 GLN B CD  1 
ATOM   1402 O OE1 . GLN B 1 74  ? 18.958  -8.349  4.371   1.00 40.12  ? 308 GLN B OE1 1 
ATOM   1403 N NE2 . GLN B 1 74  ? 17.641  -10.163 4.322   1.00 32.18  ? 308 GLN B NE2 1 
ATOM   1404 N N   . LYS B 1 75  ? 14.121  -5.513  4.153   1.00 31.67  ? 309 LYS B N   1 
ATOM   1405 C CA  . LYS B 1 75  ? 14.038  -4.050  4.030   1.00 28.72  ? 309 LYS B CA  1 
ATOM   1406 C C   . LYS B 1 75  ? 14.259  -3.423  5.419   1.00 25.29  ? 309 LYS B C   1 
ATOM   1407 O O   . LYS B 1 75  ? 15.057  -2.493  5.580   1.00 22.89  ? 309 LYS B O   1 
ATOM   1408 C CB  . LYS B 1 75  ? 12.657  -3.652  3.485   1.00 28.82  ? 309 LYS B CB  1 
ATOM   1409 C CG  . LYS B 1 75  ? 12.382  -2.154  3.483   1.00 39.07  ? 309 LYS B CG  1 
ATOM   1410 C CD  . LYS B 1 75  ? 12.755  -1.493  2.159   1.00 45.55  ? 309 LYS B CD  1 
ATOM   1411 C CE  . LYS B 1 75  ? 13.006  -0.008  2.346   1.00 44.26  ? 309 LYS B CE  1 
ATOM   1412 N NZ  . LYS B 1 75  ? 14.221  0.233   3.174   1.00 51.58  ? 309 LYS B NZ  1 
ATOM   1413 N N   . ILE B 1 76  ? 13.558  -3.963  6.414   1.00 20.11  ? 310 ILE B N   1 
ATOM   1414 C CA  . ILE B 1 76  ? 13.650  -3.498  7.795   1.00 23.38  ? 310 ILE B CA  1 
ATOM   1415 C C   . ILE B 1 76  ? 15.068  -3.709  8.359   1.00 28.32  ? 310 ILE B C   1 
ATOM   1416 O O   . ILE B 1 76  ? 15.606  -2.828  9.051   1.00 28.63  ? 310 ILE B O   1 
ATOM   1417 C CB  . ILE B 1 76  ? 12.595  -4.190  8.680   1.00 27.24  ? 310 ILE B CB  1 
ATOM   1418 C CG1 . ILE B 1 76  ? 11.192  -3.977  8.083   1.00 24.21  ? 310 ILE B CG1 1 
ATOM   1419 C CG2 . ILE B 1 76  ? 12.673  -3.663  10.103  1.00 25.73  ? 310 ILE B CG2 1 
ATOM   1420 C CD1 . ILE B 1 76  ? 10.065  -4.768  8.780   1.00 26.69  ? 310 ILE B CD1 1 
ATOM   1421 N N   . ILE B 1 77  ? 15.677  -4.860  8.070   1.00 25.23  ? 311 ILE B N   1 
ATOM   1422 C CA  . ILE B 1 77  ? 17.047  -5.098  8.520   1.00 25.48  ? 311 ILE B CA  1 
ATOM   1423 C C   . ILE B 1 77  ? 17.979  -4.078  7.846   1.00 28.33  ? 311 ILE B C   1 
ATOM   1424 O O   . ILE B 1 77  ? 18.934  -3.612  8.461   1.00 30.94  ? 311 ILE B O   1 
ATOM   1425 C CB  . ILE B 1 77  ? 17.540  -6.537  8.199   1.00 25.10  ? 311 ILE B CB  1 
ATOM   1426 C CG1 . ILE B 1 77  ? 16.848  -7.532  9.117   1.00 19.53  ? 311 ILE B CG1 1 
ATOM   1427 C CG2 . ILE B 1 77  ? 19.080  -6.657  8.370   1.00 16.11  ? 311 ILE B CG2 1 
ATOM   1428 C CD1 . ILE B 1 77  ? 17.286  -8.931  8.882   1.00 16.31  ? 311 ILE B CD1 1 
ATOM   1429 N N   . ASN B 1 78  ? 17.719  -3.743  6.582   1.00 33.37  ? 312 ASN B N   1 
ATOM   1430 C CA  . ASN B 1 78  ? 18.549  -2.762  5.876   1.00 37.22  ? 312 ASN B CA  1 
ATOM   1431 C C   . ASN B 1 78  ? 18.428  -1.379  6.533   1.00 35.29  ? 312 ASN B C   1 
ATOM   1432 O O   . ASN B 1 78  ? 19.414  -0.653  6.666   1.00 35.84  ? 312 ASN B O   1 
ATOM   1433 C CB  . ASN B 1 78  ? 18.209  -2.737  4.382   1.00 41.04  ? 312 ASN B CB  1 
ATOM   1434 C CG  . ASN B 1 78  ? 18.843  -3.905  3.627   1.00 46.52  ? 312 ASN B CG  1 
ATOM   1435 O OD1 . ASN B 1 78  ? 19.969  -4.302  3.930   1.00 46.73  ? 312 ASN B OD1 1 
ATOM   1436 N ND2 . ASN B 1 78  ? 18.120  -4.468  2.656   1.00 44.38  ? 312 ASN B ND2 1 
ATOM   1437 N N   . ILE B 1 79  ? 17.227  -1.054  7.000   1.00 34.99  ? 313 ILE B N   1 
ATOM   1438 C CA  . ILE B 1 79  ? 16.994  0.201   7.698   1.00 34.05  ? 313 ILE B CA  1 
ATOM   1439 C C   . ILE B 1 79  ? 17.775  0.157   9.013   1.00 35.56  ? 313 ILE B C   1 
ATOM   1440 O O   . ILE B 1 79  ? 18.488  1.107   9.342   1.00 39.76  ? 313 ILE B O   1 
ATOM   1441 C CB  . ILE B 1 79  ? 15.506  0.411   7.990   1.00 31.59  ? 313 ILE B CB  1 
ATOM   1442 C CG1 . ILE B 1 79  ? 14.762  0.707   6.695   1.00 25.79  ? 313 ILE B CG1 1 
ATOM   1443 C CG2 . ILE B 1 79  ? 15.309  1.532   8.985   1.00 34.25  ? 313 ILE B CG2 1 
ATOM   1444 C CD1 . ILE B 1 79  ? 13.285  0.537   6.831   1.00 26.48  ? 313 ILE B CD1 1 
ATOM   1445 N N   . ILE B 1 80  ? 17.655  -0.942  9.756   1.00 31.76  ? 314 ILE B N   1 
ATOM   1446 C CA  . ILE B 1 80  ? 18.390  -1.087  11.012  1.00 32.14  ? 314 ILE B CA  1 
ATOM   1447 C C   . ILE B 1 80  ? 19.903  -0.904  10.817  1.00 38.64  ? 314 ILE B C   1 
ATOM   1448 O O   . ILE B 1 80  ? 20.572  -0.296  11.660  1.00 41.03  ? 314 ILE B O   1 
ATOM   1449 C CB  . ILE B 1 80  ? 18.142  -2.461  11.677  1.00 29.67  ? 314 ILE B CB  1 
ATOM   1450 C CG1 . ILE B 1 80  ? 16.680  -2.588  12.089  1.00 27.10  ? 314 ILE B CG1 1 
ATOM   1451 C CG2 . ILE B 1 80  ? 19.029  -2.623  12.900  1.00 22.55  ? 314 ILE B CG2 1 
ATOM   1452 C CD1 . ILE B 1 80  ? 16.344  -3.876  12.812  1.00 24.61  ? 314 ILE B CD1 1 
ATOM   1453 N N   . ARG B 1 81  ? 20.445  -1.423  9.714   1.00 42.82  ? 315 ARG B N   1 
ATOM   1454 C CA  . ARG B 1 81  ? 21.875  -1.286  9.439   1.00 42.96  ? 315 ARG B CA  1 
ATOM   1455 C C   . ARG B 1 81  ? 22.269  0.166   9.132   1.00 43.80  ? 315 ARG B C   1 
ATOM   1456 O O   . ARG B 1 81  ? 23.364  0.601   9.487   1.00 43.90  ? 315 ARG B O   1 
ATOM   1457 C CB  . ARG B 1 81  ? 22.313  -2.201  8.301   1.00 43.85  ? 315 ARG B CB  1 
ATOM   1458 C CG  . ARG B 1 81  ? 23.818  -2.202  8.119   1.00 55.24  ? 315 ARG B CG  1 
ATOM   1459 C CD  . ARG B 1 81  ? 24.262  -3.051  6.949   1.00 63.37  ? 315 ARG B CD  1 
ATOM   1460 N NE  . ARG B 1 81  ? 23.764  -2.532  5.679   1.00 70.33  ? 315 ARG B NE  1 
ATOM   1461 C CZ  . ARG B 1 81  ? 22.828  -3.127  4.948   1.00 73.97  ? 315 ARG B CZ  1 
ATOM   1462 N NH1 . ARG B 1 81  ? 22.285  -4.270  5.360   1.00 73.09  ? 315 ARG B NH1 1 
ATOM   1463 N NH2 . ARG B 1 81  ? 22.428  -2.572  3.810   1.00 72.76  ? 315 ARG B NH2 1 
ATOM   1464 N N   . ARG B 1 82  ? 21.387  0.902   8.454   1.00 43.80  ? 316 ARG B N   1 
ATOM   1465 C CA  . ARG B 1 82  ? 21.630  2.311   8.135   1.00 42.16  ? 316 ARG B CA  1 
ATOM   1466 C C   . ARG B 1 82  ? 21.692  3.095   9.442   1.00 42.90  ? 316 ARG B C   1 
ATOM   1467 O O   . ARG B 1 82  ? 22.567  3.935   9.630   1.00 40.17  ? 316 ARG B O   1 
ATOM   1468 C CB  . ARG B 1 82  ? 20.488  2.869   7.280   1.00 44.44  ? 316 ARG B CB  1 
ATOM   1469 C CG  . ARG B 1 82  ? 20.813  3.026   5.804   1.00 48.57  ? 316 ARG B CG  1 
ATOM   1470 C CD  . ARG B 1 82  ? 19.551  3.270   4.977   1.00 55.62  ? 316 ARG B CD  1 
ATOM   1471 N NE  . ARG B 1 82  ? 18.993  2.036   4.410   1.00 59.50  ? 316 ARG B NE  1 
ATOM   1472 C CZ  . ARG B 1 82  ? 17.690  1.799   4.246   1.00 61.37  ? 316 ARG B CZ  1 
ATOM   1473 N NH1 . ARG B 1 82  ? 16.800  2.712   4.613   1.00 63.74  ? 316 ARG B NH1 1 
ATOM   1474 N NH2 . ARG B 1 82  ? 17.277  0.656   3.706   1.00 56.23  ? 316 ARG B NH2 1 
ATOM   1475 N N   . LEU B 1 83  ? 20.761  2.795   10.348  1.00 43.25  ? 317 LEU B N   1 
ATOM   1476 C CA  . LEU B 1 83  ? 20.676  3.453   11.653  1.00 46.73  ? 317 LEU B CA  1 
ATOM   1477 C C   . LEU B 1 83  ? 21.871  3.172   12.567  1.00 50.13  ? 317 LEU B C   1 
ATOM   1478 O O   . LEU B 1 83  ? 22.218  4.006   13.403  1.00 52.45  ? 317 LEU B O   1 
ATOM   1479 C CB  . LEU B 1 83  ? 19.374  3.056   12.364  1.00 41.78  ? 317 LEU B CB  1 
ATOM   1480 C CG  . LEU B 1 83  ? 18.050  3.556   11.777  1.00 37.75  ? 317 LEU B CG  1 
ATOM   1481 C CD1 . LEU B 1 83  ? 16.896  2.691   12.263  1.00 37.95  ? 317 LEU B CD1 1 
ATOM   1482 C CD2 . LEU B 1 83  ? 17.820  4.998   12.156  1.00 34.39  ? 317 LEU B CD2 1 
ATOM   1483 N N   . GLU B 1 84  ? 22.478  1.994   12.411  1.00 53.72  ? 318 GLU B N   1 
ATOM   1484 C CA  . GLU B 1 84  ? 23.633  1.578   13.204  1.00 56.83  ? 318 GLU B CA  1 
ATOM   1485 C C   . GLU B 1 84  ? 24.921  2.289   12.781  1.00 59.17  ? 318 GLU B C   1 
ATOM   1486 O O   . GLU B 1 84  ? 25.646  2.823   13.623  1.00 60.97  ? 318 GLU B O   1 
ATOM   1487 C CB  . GLU B 1 84  ? 23.797  0.053   13.118  1.00 59.88  ? 318 GLU B CB  1 
ATOM   1488 C CG  . GLU B 1 84  ? 25.122  -0.515  13.650  1.00 67.13  ? 318 GLU B CG  1 
ATOM   1489 C CD  . GLU B 1 84  ? 26.104  -0.924  12.534  1.00 71.57  ? 318 GLU B CD  1 
ATOM   1490 O OE1 . GLU B 1 84  ? 25.654  -1.336  11.440  1.00 71.71  ? 318 GLU B OE1 1 
ATOM   1491 O OE2 . GLU B 1 84  ? 27.334  -0.845  12.756  1.00 74.22  ? 318 GLU B OE2 1 
ATOM   1492 N N   . GLU B 1 85  ? 25.197  2.306   11.480  1.00 63.36  ? 319 GLU B N   1 
ATOM   1493 C CA  . GLU B 1 85  ? 26.398  2.951   10.941  1.00 66.06  ? 319 GLU B CA  1 
ATOM   1494 C C   . GLU B 1 85  ? 26.362  4.464   11.125  1.00 66.37  ? 319 GLU B C   1 
ATOM   1495 O O   . GLU B 1 85  ? 27.376  5.143   10.983  1.00 67.86  ? 319 GLU B O   1 
ATOM   1496 C CB  . GLU B 1 85  ? 26.595  2.570   9.467   1.00 68.28  ? 319 GLU B CB  1 
ATOM   1497 C CG  . GLU B 1 85  ? 26.933  1.071   9.285   1.00 74.26  ? 319 GLU B CG  1 
ATOM   1498 C CD  . GLU B 1 85  ? 26.952  0.589   7.836   1.00 73.34  ? 319 GLU B CD  1 
ATOM   1499 O OE1 . GLU B 1 85  ? 27.430  -0.545  7.603   1.00 72.07  ? 319 GLU B OE1 1 
ATOM   1500 O OE2 . GLU B 1 85  ? 26.481  1.323   6.938   1.00 74.20  ? 319 GLU B OE2 1 
ATOM   1501 N N   . ALA B 1 86  ? 25.181  4.977   11.453  1.00 67.18  ? 320 ALA B N   1 
ATOM   1502 C CA  . ALA B 1 86  ? 24.991  6.399   11.700  1.00 66.74  ? 320 ALA B CA  1 
ATOM   1503 C C   . ALA B 1 86  ? 25.514  6.659   13.105  1.00 66.43  ? 320 ALA B C   1 
ATOM   1504 O O   . ALA B 1 86  ? 26.502  7.367   13.303  1.00 69.75  ? 320 ALA B O   1 
ATOM   1505 C CB  . ALA B 1 86  ? 23.508  6.751   11.618  1.00 65.63  ? 320 ALA B CB  1 
ATOM   1506 N N   . GLY B 1 87  ? 24.878  6.005   14.067  1.00 64.64  ? 321 GLY B N   1 
ATOM   1507 C CA  . GLY B 1 87  ? 25.252  6.148   15.458  1.00 62.02  ? 321 GLY B CA  1 
ATOM   1508 C C   . GLY B 1 87  ? 23.991  6.261   16.283  1.00 62.72  ? 321 GLY B C   1 
ATOM   1509 O O   . GLY B 1 87  ? 24.041  6.238   17.510  1.00 62.85  ? 321 GLY B O   1 
ATOM   1510 N N   . GLU B 1 88  ? 22.853  6.362   15.595  1.00 63.09  ? 322 GLU B N   1 
ATOM   1511 C CA  . GLU B 1 88  ? 21.543  6.490   16.229  1.00 62.47  ? 322 GLU B CA  1 
ATOM   1512 C C   . GLU B 1 88  ? 21.076  5.204   16.916  1.00 63.95  ? 322 GLU B C   1 
ATOM   1513 O O   . GLU B 1 88  ? 19.963  5.146   17.439  1.00 67.76  ? 322 GLU B O   1 
ATOM   1514 C CB  . GLU B 1 88  ? 20.512  6.949   15.199  1.00 60.57  ? 322 GLU B CB  1 
ATOM   1515 N N   . ILE B 1 89  ? 21.931  4.182   16.912  1.00 64.05  ? 323 ILE B N   1 
ATOM   1516 C CA  . ILE B 1 89  ? 21.643  2.881   17.527  1.00 61.72  ? 323 ILE B CA  1 
ATOM   1517 C C   . ILE B 1 89  ? 22.956  2.232   17.987  1.00 62.32  ? 323 ILE B C   1 
ATOM   1518 O O   . ILE B 1 89  ? 22.955  1.611   19.078  1.00 63.98  ? 323 ILE B O   1 
ATOM   1519 C CB  . ILE B 1 89  ? 20.868  1.941   16.533  1.00 62.39  ? 323 ILE B CB  1 
ATOM   1520 C CG1 . ILE B 1 89  ? 19.355  2.157   16.670  1.00 60.05  ? 323 ILE B CG1 1 
ATOM   1521 C CG2 . ILE B 1 89  ? 21.216  0.464   16.758  1.00 63.22  ? 323 ILE B CG2 1 
ATOM   1522 C CD1 . ILE B 1 89  ? 18.513  1.249   15.782  1.00 56.58  ? 323 ILE B CD1 1 
ATOM   1523 N N   . VAL B 1 90  ? 23.977  2.384   17.272  1.00 59.43  ? 324 VAL B N   1 
HETATM 1524 O O   . HOH C 2 .   ? -16.987 3.002   -1.333  1.00 43.93  ? 1   HOH A O   1 
HETATM 1525 O O   . HOH C 2 .   ? -22.771 3.419   -28.346 1.00 52.41  ? 7   HOH A O   1 
HETATM 1526 O O   . HOH C 2 .   ? -13.014 -7.595  -13.085 1.00 40.71  ? 11  HOH A O   1 
HETATM 1527 O O   . HOH C 2 .   ? -5.655  -5.643  -19.617 1.00 61.21  ? 12  HOH A O   1 
HETATM 1528 O O   . HOH C 2 .   ? -3.512  -5.540  -15.543 1.00 27.86  ? 13  HOH A O   1 
HETATM 1529 O O   . HOH C 2 .   ? -14.507 -0.845  3.097   1.00 51.37  ? 14  HOH A O   1 
HETATM 1530 O O   . HOH C 2 .   ? -16.495 -3.826  -14.047 1.00 37.53  ? 15  HOH A O   1 
HETATM 1531 O O   . HOH C 2 .   ? -19.468 1.961   -1.643  1.00 35.67  ? 16  HOH A O   1 
HETATM 1532 O O   . HOH C 2 .   ? -28.276 2.491   -5.565  1.00 79.98  ? 17  HOH A O   1 
HETATM 1533 O O   . HOH C 2 .   ? -9.794  -11.824 -11.106 1.00 27.05  ? 18  HOH A O   1 
HETATM 1534 O O   . HOH C 2 .   ? -8.431  -10.149 -3.268  1.00 49.80  ? 19  HOH A O   1 
HETATM 1535 O O   . HOH C 2 .   ? -12.248 9.163   -1.852  1.00 44.79  ? 21  HOH A O   1 
HETATM 1536 O O   . HOH C 2 .   ? -6.376  14.362  -16.200 1.00 60.95  ? 22  HOH A O   1 
HETATM 1537 O O   . HOH C 2 .   ? -5.664  7.235   -21.556 1.00 42.22  ? 23  HOH A O   1 
HETATM 1538 O O   . HOH C 2 .   ? 4.164   2.795   -17.970 1.00 35.17  ? 24  HOH A O   1 
HETATM 1539 O O   . HOH C 2 .   ? 2.965   8.299   -16.711 1.00 38.95  ? 25  HOH A O   1 
HETATM 1540 O O   . HOH C 2 .   ? 5.862   -3.877  -4.472  1.00 48.18  ? 26  HOH A O   1 
HETATM 1541 O O   . HOH C 2 .   ? -8.354  6.571   -22.221 1.00 36.27  ? 30  HOH A O   1 
HETATM 1542 O O   . HOH C 2 .   ? -15.957 2.198   -20.987 1.00 68.38  ? 31  HOH A O   1 
HETATM 1543 O O   . HOH C 2 .   ? -13.661 -8.220  -20.380 1.00 22.02  ? 32  HOH A O   1 
HETATM 1544 O O   . HOH C 2 .   ? 6.120   -5.502  0.080   1.00 96.87  ? 36  HOH A O   1 
HETATM 1545 O O   . HOH C 2 .   ? -2.597  1.489   3.591   1.00 23.79  ? 39  HOH A O   1 
HETATM 1546 O O   . HOH C 2 .   ? 0.095   -5.757  -5.263  1.00 60.87  ? 40  HOH A O   1 
HETATM 1547 O O   . HOH C 2 .   ? 16.752  12.433  3.165   1.00 76.64  ? 42  HOH A O   1 
HETATM 1548 O O   . HOH C 2 .   ? -15.407 6.831   -31.328 1.00 24.27  ? 47  HOH A O   1 
HETATM 1549 O O   . HOH C 2 .   ? -15.339 8.291   -23.721 1.00 54.40  ? 48  HOH A O   1 
HETATM 1550 O O   . HOH C 2 .   ? -18.693 16.796  -20.885 1.00 49.24  ? 49  HOH A O   1 
HETATM 1551 O O   . HOH C 2 .   ? -14.318 -9.756  -11.206 1.00 49.97  ? 50  HOH A O   1 
HETATM 1552 O O   . HOH C 2 .   ? -3.835  -14.964 -8.157  1.00 58.21  ? 51  HOH A O   1 
HETATM 1553 O O   . HOH C 2 .   ? -0.172  -3.304  -18.586 1.00 37.57  ? 52  HOH A O   1 
HETATM 1554 O O   . HOH C 2 .   ? 11.677  0.746   -0.166  1.00 52.77  ? 53  HOH A O   1 
HETATM 1555 O O   . HOH C 2 .   ? 7.840   12.620  -0.171  1.00 45.19  ? 55  HOH A O   1 
HETATM 1556 O O   . HOH C 2 .   ? -3.175  5.584   -23.741 1.00 38.55  ? 57  HOH A O   1 
HETATM 1557 O O   . HOH C 2 .   ? 0.540   6.996   -21.665 1.00 43.55  ? 58  HOH A O   1 
HETATM 1558 O O   . HOH C 2 .   ? 3.885   -5.291  -3.447  1.00 35.79  ? 59  HOH A O   1 
HETATM 1559 O O   . HOH C 2 .   ? 1.471   -8.129  -6.212  1.00 82.38  ? 60  HOH A O   1 
HETATM 1560 O O   . HOH C 2 .   ? 1.703   0.645   2.603   1.00 17.15  ? 61  HOH A O   1 
HETATM 1561 O O   . HOH C 2 .   ? -7.837  -0.143  3.490   1.00 26.85  ? 62  HOH A O   1 
HETATM 1562 O O   . HOH C 2 .   ? -21.634 9.272   -2.958  1.00 64.67  ? 63  HOH A O   1 
HETATM 1563 O O   . HOH C 2 .   ? -19.269 13.027  -9.808  1.00 33.23  ? 64  HOH A O   1 
HETATM 1564 O O   . HOH C 2 .   ? -15.455 0.604   -23.162 1.00 53.31  ? 65  HOH A O   1 
HETATM 1565 O O   . HOH C 2 .   ? -5.863  7.020   -25.860 1.00 31.94  ? 66  HOH A O   1 
HETATM 1566 O O   . HOH C 2 .   ? -5.391  -2.966  -17.985 1.00 31.01  ? 67  HOH A O   1 
HETATM 1567 O O   . HOH C 2 .   ? -11.055 -4.890  -24.084 1.00 26.59  ? 68  HOH A O   1 
HETATM 1568 O O   . HOH C 2 .   ? -12.075 -1.266  -22.901 1.00 35.19  ? 69  HOH A O   1 
HETATM 1569 O O   . HOH C 2 .   ? -18.288 4.314   -21.866 1.00 50.26  ? 70  HOH A O   1 
HETATM 1570 O O   . HOH C 2 .   ? 5.109   6.183   -13.548 1.00 71.90  ? 73  HOH A O   1 
HETATM 1571 O O   . HOH C 2 .   ? 0.508   10.016  -20.496 1.00 58.73  ? 74  HOH A O   1 
HETATM 1572 O O   . HOH C 2 .   ? 7.207   -4.964  -6.966  1.00 30.86  ? 78  HOH A O   1 
HETATM 1573 O O   . HOH C 2 .   ? 9.900   -1.875  -3.757  1.00 54.07  ? 79  HOH A O   1 
HETATM 1574 O O   . HOH C 2 .   ? -10.666 5.252   -21.467 1.00 39.25  ? 80  HOH A O   1 
HETATM 1575 O O   . HOH C 2 .   ? -2.684  7.317   0.506   1.00 41.59  ? 81  HOH A O   1 
HETATM 1576 O O   . HOH C 2 .   ? 5.379   7.413   -10.733 1.00 34.49  ? 82  HOH A O   1 
HETATM 1577 O O   . HOH D 2 .   ? 16.700  -1.948  1.651   1.00 51.13  ? 2   HOH B O   1 
HETATM 1578 O O   . HOH D 2 .   ? 2.381   -11.078 -1.172  1.00 36.97  ? 3   HOH B O   1 
HETATM 1579 O O   . HOH D 2 .   ? -0.903  -17.627 -1.486  1.00 41.80  ? 4   HOH B O   1 
HETATM 1580 O O   . HOH D 2 .   ? -2.240  -9.337  -1.168  1.00 36.96  ? 5   HOH B O   1 
HETATM 1581 O O   . HOH D 2 .   ? -4.049  -13.277 -2.853  1.00 57.12  ? 6   HOH B O   1 
HETATM 1582 O O   . HOH D 2 .   ? 2.797   3.634   6.954   1.00 57.74  ? 8   HOH B O   1 
HETATM 1583 O O   . HOH D 2 .   ? 11.412  1.995   27.523  1.00 70.11  ? 9   HOH B O   1 
HETATM 1584 O O   . HOH D 2 .   ? 17.272  -12.564 19.785  1.00 35.34  ? 10  HOH B O   1 
HETATM 1585 O O   . HOH D 2 .   ? -10.621 -6.362  1.973   1.00 65.80  ? 20  HOH B O   1 
HETATM 1586 O O   . HOH D 2 .   ? -0.714  -0.243  2.129   1.00 23.31  ? 27  HOH B O   1 
HETATM 1587 O O   . HOH D 2 .   ? 2.126   2.999   4.037   1.00 37.39  ? 28  HOH B O   1 
HETATM 1588 O O   . HOH D 2 .   ? 7.332   -13.154 -6.060  1.00 52.72  ? 29  HOH B O   1 
HETATM 1589 O O   . HOH D 2 .   ? 10.744  -4.273  0.135   1.00 49.75  ? 33  HOH B O   1 
HETATM 1590 O O   . HOH D 2 .   ? 8.238   -7.805  -2.659  1.00 35.22  ? 34  HOH B O   1 
HETATM 1591 O O   . HOH D 2 .   ? 7.848   -7.742  0.068   1.00 39.70  ? 35  HOH B O   1 
HETATM 1592 O O   . HOH D 2 .   ? 13.105  -19.407 2.106   1.00 23.44  ? 37  HOH B O   1 
HETATM 1593 O O   . HOH D 2 .   ? -3.855  0.561   6.380   1.00 48.58  ? 38  HOH B O   1 
HETATM 1594 O O   . HOH D 2 .   ? 3.499   -6.798  -1.255  1.00 34.92  ? 41  HOH B O   1 
HETATM 1595 O O   . HOH D 2 .   ? 6.923   5.430   5.356   1.00 50.19  ? 43  HOH B O   1 
HETATM 1596 O O   . HOH D 2 .   ? 16.023  8.313   12.087  1.00 41.48  ? 44  HOH B O   1 
HETATM 1597 O O   . HOH D 2 .   ? 13.825  6.942   12.735  1.00 25.42  ? 45  HOH B O   1 
HETATM 1598 O O   . HOH D 2 .   ? 19.197  7.816   18.457  1.00 47.57  ? 46  HOH B O   1 
HETATM 1599 O O   . HOH D 2 .   ? 16.360  1.358   -0.559  1.00 89.34  ? 54  HOH B O   1 
HETATM 1600 O O   . HOH D 2 .   ? 4.449   5.132   3.666   1.00 67.63  ? 56  HOH B O   1 
HETATM 1601 O O   . HOH D 2 .   ? 22.307  -14.068 14.596  1.00 46.67  ? 71  HOH B O   1 
HETATM 1602 O O   . HOH D 2 .   ? 11.033  -13.910 12.233  1.00 36.14  ? 72  HOH B O   1 
HETATM 1603 O O   . HOH D 2 .   ? 19.261  -1.165  20.423  1.00 59.57  ? 75  HOH B O   1 
HETATM 1604 O O   . HOH D 2 .   ? 9.819   -11.695 -6.550  1.00 67.83  ? 76  HOH B O   1 
HETATM 1605 O O   . HOH D 2 .   ? 3.379   -15.475 23.647  1.00 49.77  ? 77  HOH B O   1 
# 
